data_6HNZ
# 
_entry.id   6HNZ 
# 
_audit_conform.dict_name       mmcif_pdbx.dic 
_audit_conform.dict_version    5.383 
_audit_conform.dict_location   http://mmcif.pdb.org/dictionaries/ascii/mmcif_pdbx.dic 
# 
loop_
_database_2.database_id 
_database_2.database_code 
_database_2.pdbx_database_accession 
_database_2.pdbx_DOI 
PDB   6HNZ         pdb_00006hnz 10.2210/pdb6hnz/pdb 
WWPDB D_1200011919 ?            ?                   
# 
loop_
_pdbx_audit_revision_history.ordinal 
_pdbx_audit_revision_history.data_content_type 
_pdbx_audit_revision_history.major_revision 
_pdbx_audit_revision_history.minor_revision 
_pdbx_audit_revision_history.revision_date 
1 'Structure model' 1 0 2018-12-26 
2 'Structure model' 1 1 2019-01-23 
3 'Structure model' 1 2 2024-01-24 
# 
_pdbx_audit_revision_details.ordinal             1 
_pdbx_audit_revision_details.revision_ordinal    1 
_pdbx_audit_revision_details.data_content_type   'Structure model' 
_pdbx_audit_revision_details.provider            repository 
_pdbx_audit_revision_details.type                'Initial release' 
_pdbx_audit_revision_details.description         ? 
_pdbx_audit_revision_details.details             ? 
# 
loop_
_pdbx_audit_revision_group.ordinal 
_pdbx_audit_revision_group.revision_ordinal 
_pdbx_audit_revision_group.data_content_type 
_pdbx_audit_revision_group.group 
1 2 'Structure model' 'Data collection'        
2 2 'Structure model' 'Database references'    
3 3 'Structure model' 'Data collection'        
4 3 'Structure model' 'Database references'    
5 3 'Structure model' 'Refinement description' 
# 
loop_
_pdbx_audit_revision_category.ordinal 
_pdbx_audit_revision_category.revision_ordinal 
_pdbx_audit_revision_category.data_content_type 
_pdbx_audit_revision_category.category 
1 2 'Structure model' citation                      
2 3 'Structure model' chem_comp_atom                
3 3 'Structure model' chem_comp_bond                
4 3 'Structure model' database_2                    
5 3 'Structure model' pdbx_initial_refinement_model 
# 
loop_
_pdbx_audit_revision_item.ordinal 
_pdbx_audit_revision_item.revision_ordinal 
_pdbx_audit_revision_item.data_content_type 
_pdbx_audit_revision_item.item 
1 2 'Structure model' '_citation.journal_volume'            
2 2 'Structure model' '_citation.page_first'                
3 2 'Structure model' '_citation.page_last'                 
4 3 'Structure model' '_database_2.pdbx_DOI'                
5 3 'Structure model' '_database_2.pdbx_database_accession' 
# 
_pdbx_database_status.status_code                     REL 
_pdbx_database_status.status_code_sf                  REL 
_pdbx_database_status.status_code_mr                  ? 
_pdbx_database_status.entry_id                        6HNZ 
_pdbx_database_status.recvd_initial_deposition_date   2018-09-17 
_pdbx_database_status.SG_entry                        N 
_pdbx_database_status.deposit_site                    PDBE 
_pdbx_database_status.process_site                    PDBE 
_pdbx_database_status.status_code_cs                  ? 
_pdbx_database_status.methods_development_category    ? 
_pdbx_database_status.pdb_format_compatible           Y 
_pdbx_database_status.status_code_nmr_data            ? 
# 
loop_
_audit_author.name 
_audit_author.pdbx_ordinal 
_audit_author.identifier_ORCID 
'Wintjens, R.'  1 0000-0002-0234-7847 
'Wohlkonig, A.' 2 0000-0003-3103-5022 
# 
_citation.abstract                  ? 
_citation.abstract_id_CAS           ? 
_citation.book_id_ISBN              ? 
_citation.book_publisher            ? 
_citation.book_publisher_city       ? 
_citation.book_title                ? 
_citation.coordinate_linkage        ? 
_citation.country                   ? 
_citation.database_id_Medline       ? 
_citation.details                   ? 
_citation.id                        primary 
_citation.journal_abbrev            'Biochim Biophys Acta Proteins Proteom' 
_citation.journal_id_ASTM           ? 
_citation.journal_id_CSD            ? 
_citation.journal_id_ISSN           1878-1454 
_citation.journal_full              ? 
_citation.journal_issue             ? 
_citation.journal_volume            1867 
_citation.language                  ? 
_citation.page_first                248 
_citation.page_last                 258 
_citation.title                     
'A comprehensive analysis of the protein-ligand interactions in crystal structures of Mycobacterium tuberculosis EthR.' 
_citation.year                      2018 
_citation.database_id_CSD           ? 
_citation.pdbx_database_id_DOI      10.1016/j.bbapap.2018.12.003 
_citation.pdbx_database_id_PubMed   30553830 
_citation.unpublished_flag          ? 
# 
loop_
_citation_author.citation_id 
_citation_author.name 
_citation_author.ordinal 
_citation_author.identifier_ORCID 
primary 'Tanina, A.'     1  ? 
primary 'Wohlkonig, A.'  2  ? 
primary 'Soror, S.H.'    3  ? 
primary 'Flipo, M.'      4  ? 
primary 'Villemagne, B.' 5  ? 
primary 'Prevet, H.'     6  ? 
primary 'Deprez, B.'     7  ? 
primary 'Moune, M.'      8  ? 
primary 'Peree, H.'      9  ? 
primary 'Meyer, F.'      10 ? 
primary 'Baulard, A.R.'  11 ? 
primary 'Willand, N.'    12 ? 
primary 'Wintjens, R.'   13 ? 
# 
loop_
_entity.id 
_entity.type 
_entity.src_method 
_entity.pdbx_description 
_entity.formula_weight 
_entity.pdbx_number_of_molecules 
_entity.pdbx_ec 
_entity.pdbx_mutation 
_entity.pdbx_fragment 
_entity.details 
1 polymer     man 'HTH-type transcriptional regulator EthR'                                              24927.980 1  ? ? ? ? 
2 non-polymer syn '4,4,4-tris(fluoranyl)-1-[4-(3-phenyl-1,2,4-oxadiazol-5-yl)piperidin-1-yl]butan-1-one' 353.339   1  ? ? ? ? 
3 water       nat water                                                                                  18.015    37 ? ? ? ? 
# 
_entity_poly.entity_id                      1 
_entity_poly.type                           'polypeptide(L)' 
_entity_poly.nstd_linkage                   no 
_entity_poly.nstd_monomer                   no 
_entity_poly.pdbx_seq_one_letter_code       
;MTTSAASQASLPMTTSAASQASLPRGRRTARPSGDDRELAILATAENLLEDRPLADISVDDLAKGAGISRPTFYFYFPSK
EAVLLTLLDRVVNQADMALQTLAENPADTDRENMWRTGINVFFETFGSHKAVTRAGQAARATSVEVAELWSTFMQKWIAY
TAAVIDAERDRGAAPRTLPAHELATALNLMNERTLFASFAGEQPSVPEARVLDTLVHIWVTSIYGENR
;
_entity_poly.pdbx_seq_one_letter_code_can   
;MTTSAASQASLPMTTSAASQASLPRGRRTARPSGDDRELAILATAENLLEDRPLADISVDDLAKGAGISRPTFYFYFPSK
EAVLLTLLDRVVNQADMALQTLAENPADTDRENMWRTGINVFFETFGSHKAVTRAGQAARATSVEVAELWSTFMQKWIAY
TAAVIDAERDRGAAPRTLPAHELATALNLMNERTLFASFAGEQPSVPEARVLDTLVHIWVTSIYGENR
;
_entity_poly.pdbx_strand_id                 A 
_entity_poly.pdbx_target_identifier         ? 
# 
loop_
_pdbx_entity_nonpoly.entity_id 
_pdbx_entity_nonpoly.name 
_pdbx_entity_nonpoly.comp_id 
2 '4,4,4-tris(fluoranyl)-1-[4-(3-phenyl-1,2,4-oxadiazol-5-yl)piperidin-1-yl]butan-1-one' GH5 
3 water                                                                                  HOH 
# 
loop_
_entity_poly_seq.entity_id 
_entity_poly_seq.num 
_entity_poly_seq.mon_id 
_entity_poly_seq.hetero 
1 1   MET n 
1 2   THR n 
1 3   THR n 
1 4   SER n 
1 5   ALA n 
1 6   ALA n 
1 7   SER n 
1 8   GLN n 
1 9   ALA n 
1 10  SER n 
1 11  LEU n 
1 12  PRO n 
1 13  MET n 
1 14  THR n 
1 15  THR n 
1 16  SER n 
1 17  ALA n 
1 18  ALA n 
1 19  SER n 
1 20  GLN n 
1 21  ALA n 
1 22  SER n 
1 23  LEU n 
1 24  PRO n 
1 25  ARG n 
1 26  GLY n 
1 27  ARG n 
1 28  ARG n 
1 29  THR n 
1 30  ALA n 
1 31  ARG n 
1 32  PRO n 
1 33  SER n 
1 34  GLY n 
1 35  ASP n 
1 36  ASP n 
1 37  ARG n 
1 38  GLU n 
1 39  LEU n 
1 40  ALA n 
1 41  ILE n 
1 42  LEU n 
1 43  ALA n 
1 44  THR n 
1 45  ALA n 
1 46  GLU n 
1 47  ASN n 
1 48  LEU n 
1 49  LEU n 
1 50  GLU n 
1 51  ASP n 
1 52  ARG n 
1 53  PRO n 
1 54  LEU n 
1 55  ALA n 
1 56  ASP n 
1 57  ILE n 
1 58  SER n 
1 59  VAL n 
1 60  ASP n 
1 61  ASP n 
1 62  LEU n 
1 63  ALA n 
1 64  LYS n 
1 65  GLY n 
1 66  ALA n 
1 67  GLY n 
1 68  ILE n 
1 69  SER n 
1 70  ARG n 
1 71  PRO n 
1 72  THR n 
1 73  PHE n 
1 74  TYR n 
1 75  PHE n 
1 76  TYR n 
1 77  PHE n 
1 78  PRO n 
1 79  SER n 
1 80  LYS n 
1 81  GLU n 
1 82  ALA n 
1 83  VAL n 
1 84  LEU n 
1 85  LEU n 
1 86  THR n 
1 87  LEU n 
1 88  LEU n 
1 89  ASP n 
1 90  ARG n 
1 91  VAL n 
1 92  VAL n 
1 93  ASN n 
1 94  GLN n 
1 95  ALA n 
1 96  ASP n 
1 97  MET n 
1 98  ALA n 
1 99  LEU n 
1 100 GLN n 
1 101 THR n 
1 102 LEU n 
1 103 ALA n 
1 104 GLU n 
1 105 ASN n 
1 106 PRO n 
1 107 ALA n 
1 108 ASP n 
1 109 THR n 
1 110 ASP n 
1 111 ARG n 
1 112 GLU n 
1 113 ASN n 
1 114 MET n 
1 115 TRP n 
1 116 ARG n 
1 117 THR n 
1 118 GLY n 
1 119 ILE n 
1 120 ASN n 
1 121 VAL n 
1 122 PHE n 
1 123 PHE n 
1 124 GLU n 
1 125 THR n 
1 126 PHE n 
1 127 GLY n 
1 128 SER n 
1 129 HIS n 
1 130 LYS n 
1 131 ALA n 
1 132 VAL n 
1 133 THR n 
1 134 ARG n 
1 135 ALA n 
1 136 GLY n 
1 137 GLN n 
1 138 ALA n 
1 139 ALA n 
1 140 ARG n 
1 141 ALA n 
1 142 THR n 
1 143 SER n 
1 144 VAL n 
1 145 GLU n 
1 146 VAL n 
1 147 ALA n 
1 148 GLU n 
1 149 LEU n 
1 150 TRP n 
1 151 SER n 
1 152 THR n 
1 153 PHE n 
1 154 MET n 
1 155 GLN n 
1 156 LYS n 
1 157 TRP n 
1 158 ILE n 
1 159 ALA n 
1 160 TYR n 
1 161 THR n 
1 162 ALA n 
1 163 ALA n 
1 164 VAL n 
1 165 ILE n 
1 166 ASP n 
1 167 ALA n 
1 168 GLU n 
1 169 ARG n 
1 170 ASP n 
1 171 ARG n 
1 172 GLY n 
1 173 ALA n 
1 174 ALA n 
1 175 PRO n 
1 176 ARG n 
1 177 THR n 
1 178 LEU n 
1 179 PRO n 
1 180 ALA n 
1 181 HIS n 
1 182 GLU n 
1 183 LEU n 
1 184 ALA n 
1 185 THR n 
1 186 ALA n 
1 187 LEU n 
1 188 ASN n 
1 189 LEU n 
1 190 MET n 
1 191 ASN n 
1 192 GLU n 
1 193 ARG n 
1 194 THR n 
1 195 LEU n 
1 196 PHE n 
1 197 ALA n 
1 198 SER n 
1 199 PHE n 
1 200 ALA n 
1 201 GLY n 
1 202 GLU n 
1 203 GLN n 
1 204 PRO n 
1 205 SER n 
1 206 VAL n 
1 207 PRO n 
1 208 GLU n 
1 209 ALA n 
1 210 ARG n 
1 211 VAL n 
1 212 LEU n 
1 213 ASP n 
1 214 THR n 
1 215 LEU n 
1 216 VAL n 
1 217 HIS n 
1 218 ILE n 
1 219 TRP n 
1 220 VAL n 
1 221 THR n 
1 222 SER n 
1 223 ILE n 
1 224 TYR n 
1 225 GLY n 
1 226 GLU n 
1 227 ASN n 
1 228 ARG n 
# 
_entity_src_gen.entity_id                          1 
_entity_src_gen.pdbx_src_id                        1 
_entity_src_gen.pdbx_alt_source_flag               sample 
_entity_src_gen.pdbx_seq_type                      'Biological sequence' 
_entity_src_gen.pdbx_beg_seq_num                   1 
_entity_src_gen.pdbx_end_seq_num                   228 
_entity_src_gen.gene_src_common_name               ? 
_entity_src_gen.gene_src_genus                     ? 
_entity_src_gen.pdbx_gene_src_gene                 'ethR, etaR, MT3970' 
_entity_src_gen.gene_src_species                   ? 
_entity_src_gen.gene_src_strain                    ? 
_entity_src_gen.gene_src_tissue                    ? 
_entity_src_gen.gene_src_tissue_fraction           ? 
_entity_src_gen.gene_src_details                   ? 
_entity_src_gen.pdbx_gene_src_fragment             ? 
_entity_src_gen.pdbx_gene_src_scientific_name      'Mycobacterium tuberculosis CDC1551' 
_entity_src_gen.pdbx_gene_src_ncbi_taxonomy_id     83331 
_entity_src_gen.pdbx_gene_src_variant              'CDC 1551 / Oshkosh' 
_entity_src_gen.pdbx_gene_src_cell_line            ? 
_entity_src_gen.pdbx_gene_src_atcc                 ? 
_entity_src_gen.pdbx_gene_src_organ                ? 
_entity_src_gen.pdbx_gene_src_organelle            ? 
_entity_src_gen.pdbx_gene_src_cell                 ? 
_entity_src_gen.pdbx_gene_src_cellular_location    ? 
_entity_src_gen.host_org_common_name               ? 
_entity_src_gen.pdbx_host_org_scientific_name      'Escherichia coli BL21' 
_entity_src_gen.pdbx_host_org_ncbi_taxonomy_id     511693 
_entity_src_gen.host_org_genus                     ? 
_entity_src_gen.pdbx_host_org_gene                 ? 
_entity_src_gen.pdbx_host_org_organ                ? 
_entity_src_gen.host_org_species                   ? 
_entity_src_gen.pdbx_host_org_tissue               ? 
_entity_src_gen.pdbx_host_org_tissue_fraction      ? 
_entity_src_gen.pdbx_host_org_strain               BL21 
_entity_src_gen.pdbx_host_org_variant              ? 
_entity_src_gen.pdbx_host_org_cell_line            ? 
_entity_src_gen.pdbx_host_org_atcc                 ? 
_entity_src_gen.pdbx_host_org_culture_collection   ? 
_entity_src_gen.pdbx_host_org_cell                 ? 
_entity_src_gen.pdbx_host_org_organelle            ? 
_entity_src_gen.pdbx_host_org_cellular_location    ? 
_entity_src_gen.pdbx_host_org_vector_type          ? 
_entity_src_gen.pdbx_host_org_vector               ? 
_entity_src_gen.host_org_details                   ? 
_entity_src_gen.expression_system_id               ? 
_entity_src_gen.plasmid_name                       ? 
_entity_src_gen.plasmid_details                    ? 
_entity_src_gen.pdbx_description                   ? 
# 
loop_
_chem_comp.id 
_chem_comp.type 
_chem_comp.mon_nstd_flag 
_chem_comp.name 
_chem_comp.pdbx_synonyms 
_chem_comp.formula 
_chem_comp.formula_weight 
ALA 'L-peptide linking' y ALANINE                                                                                ? 'C3 H7 N O2' 
89.093  
ARG 'L-peptide linking' y ARGININE                                                                               ? 
'C6 H15 N4 O2 1'   175.209 
ASN 'L-peptide linking' y ASPARAGINE                                                                             ? 'C4 H8 N2 O3' 
132.118 
ASP 'L-peptide linking' y 'ASPARTIC ACID'                                                                        ? 'C4 H7 N O4' 
133.103 
GH5 non-polymer         . '4,4,4-tris(fluoranyl)-1-[4-(3-phenyl-1,2,4-oxadiazol-5-yl)piperidin-1-yl]butan-1-one' ? 
'C17 H18 F3 N3 O2' 353.339 
GLN 'L-peptide linking' y GLUTAMINE                                                                              ? 'C5 H10 N2 O3' 
146.144 
GLU 'L-peptide linking' y 'GLUTAMIC ACID'                                                                        ? 'C5 H9 N O4' 
147.129 
GLY 'peptide linking'   y GLYCINE                                                                                ? 'C2 H5 N O2' 
75.067  
HIS 'L-peptide linking' y HISTIDINE                                                                              ? 
'C6 H10 N3 O2 1'   156.162 
HOH non-polymer         . WATER                                                                                  ? 'H2 O' 18.015  
ILE 'L-peptide linking' y ISOLEUCINE                                                                             ? 'C6 H13 N O2' 
131.173 
LEU 'L-peptide linking' y LEUCINE                                                                                ? 'C6 H13 N O2' 
131.173 
LYS 'L-peptide linking' y LYSINE                                                                                 ? 
'C6 H15 N2 O2 1'   147.195 
MET 'L-peptide linking' y METHIONINE                                                                             ? 'C5 H11 N O2 S' 
149.211 
PHE 'L-peptide linking' y PHENYLALANINE                                                                          ? 'C9 H11 N O2' 
165.189 
PRO 'L-peptide linking' y PROLINE                                                                                ? 'C5 H9 N O2' 
115.130 
SER 'L-peptide linking' y SERINE                                                                                 ? 'C3 H7 N O3' 
105.093 
THR 'L-peptide linking' y THREONINE                                                                              ? 'C4 H9 N O3' 
119.119 
TRP 'L-peptide linking' y TRYPTOPHAN                                                                             ? 'C11 H12 N2 O2' 
204.225 
TYR 'L-peptide linking' y TYROSINE                                                                               ? 'C9 H11 N O3' 
181.189 
VAL 'L-peptide linking' y VALINE                                                                                 ? 'C5 H11 N O2' 
117.146 
# 
loop_
_pdbx_poly_seq_scheme.asym_id 
_pdbx_poly_seq_scheme.entity_id 
_pdbx_poly_seq_scheme.seq_id 
_pdbx_poly_seq_scheme.mon_id 
_pdbx_poly_seq_scheme.ndb_seq_num 
_pdbx_poly_seq_scheme.pdb_seq_num 
_pdbx_poly_seq_scheme.auth_seq_num 
_pdbx_poly_seq_scheme.pdb_mon_id 
_pdbx_poly_seq_scheme.auth_mon_id 
_pdbx_poly_seq_scheme.pdb_strand_id 
_pdbx_poly_seq_scheme.pdb_ins_code 
_pdbx_poly_seq_scheme.hetero 
A 1 1   MET 1   -11 ?   ?   ?   A . n 
A 1 2   THR 2   -10 ?   ?   ?   A . n 
A 1 3   THR 3   -9  ?   ?   ?   A . n 
A 1 4   SER 4   -8  ?   ?   ?   A . n 
A 1 5   ALA 5   -7  ?   ?   ?   A . n 
A 1 6   ALA 6   -6  ?   ?   ?   A . n 
A 1 7   SER 7   -5  ?   ?   ?   A . n 
A 1 8   GLN 8   -4  ?   ?   ?   A . n 
A 1 9   ALA 9   -3  ?   ?   ?   A . n 
A 1 10  SER 10  -2  ?   ?   ?   A . n 
A 1 11  LEU 11  -1  ?   ?   ?   A . n 
A 1 12  PRO 12  0   ?   ?   ?   A . n 
A 1 13  MET 13  1   ?   ?   ?   A . n 
A 1 14  THR 14  2   ?   ?   ?   A . n 
A 1 15  THR 15  3   ?   ?   ?   A . n 
A 1 16  SER 16  4   ?   ?   ?   A . n 
A 1 17  ALA 17  5   ?   ?   ?   A . n 
A 1 18  ALA 18  6   ?   ?   ?   A . n 
A 1 19  SER 19  7   ?   ?   ?   A . n 
A 1 20  GLN 20  8   ?   ?   ?   A . n 
A 1 21  ALA 21  9   ?   ?   ?   A . n 
A 1 22  SER 22  10  ?   ?   ?   A . n 
A 1 23  LEU 23  11  ?   ?   ?   A . n 
A 1 24  PRO 24  12  ?   ?   ?   A . n 
A 1 25  ARG 25  13  ?   ?   ?   A . n 
A 1 26  GLY 26  14  ?   ?   ?   A . n 
A 1 27  ARG 27  15  ?   ?   ?   A . n 
A 1 28  ARG 28  16  ?   ?   ?   A . n 
A 1 29  THR 29  17  ?   ?   ?   A . n 
A 1 30  ALA 30  18  ?   ?   ?   A . n 
A 1 31  ARG 31  19  ?   ?   ?   A . n 
A 1 32  PRO 32  20  ?   ?   ?   A . n 
A 1 33  SER 33  21  ?   ?   ?   A . n 
A 1 34  GLY 34  22  ?   ?   ?   A . n 
A 1 35  ASP 35  23  ?   ?   ?   A . n 
A 1 36  ASP 36  24  24  ASP ASP A . n 
A 1 37  ARG 37  25  25  ARG ARG A . n 
A 1 38  GLU 38  26  26  GLU GLU A . n 
A 1 39  LEU 39  27  27  LEU LEU A . n 
A 1 40  ALA 40  28  28  ALA ALA A . n 
A 1 41  ILE 41  29  29  ILE ILE A . n 
A 1 42  LEU 42  30  30  LEU LEU A . n 
A 1 43  ALA 43  31  31  ALA ALA A . n 
A 1 44  THR 44  32  32  THR THR A . n 
A 1 45  ALA 45  33  33  ALA ALA A . n 
A 1 46  GLU 46  34  34  GLU GLU A . n 
A 1 47  ASN 47  35  35  ASN ASN A . n 
A 1 48  LEU 48  36  36  LEU LEU A . n 
A 1 49  LEU 49  37  37  LEU LEU A . n 
A 1 50  GLU 50  38  38  GLU GLU A . n 
A 1 51  ASP 51  39  39  ASP ASP A . n 
A 1 52  ARG 52  40  40  ARG ARG A . n 
A 1 53  PRO 53  41  41  PRO PRO A . n 
A 1 54  LEU 54  42  42  LEU LEU A . n 
A 1 55  ALA 55  43  43  ALA ALA A . n 
A 1 56  ASP 56  44  44  ASP ASP A . n 
A 1 57  ILE 57  45  45  ILE ILE A . n 
A 1 58  SER 58  46  46  SER SER A . n 
A 1 59  VAL 59  47  47  VAL VAL A . n 
A 1 60  ASP 60  48  48  ASP ASP A . n 
A 1 61  ASP 61  49  49  ASP ASP A . n 
A 1 62  LEU 62  50  50  LEU LEU A . n 
A 1 63  ALA 63  51  51  ALA ALA A . n 
A 1 64  LYS 64  52  52  LYS LYS A . n 
A 1 65  GLY 65  53  53  GLY GLY A . n 
A 1 66  ALA 66  54  54  ALA ALA A . n 
A 1 67  GLY 67  55  55  GLY GLY A . n 
A 1 68  ILE 68  56  56  ILE ILE A . n 
A 1 69  SER 69  57  57  SER SER A . n 
A 1 70  ARG 70  58  58  ARG ARG A . n 
A 1 71  PRO 71  59  59  PRO PRO A . n 
A 1 72  THR 72  60  60  THR THR A . n 
A 1 73  PHE 73  61  61  PHE PHE A . n 
A 1 74  TYR 74  62  62  TYR TYR A . n 
A 1 75  PHE 75  63  63  PHE PHE A . n 
A 1 76  TYR 76  64  64  TYR TYR A . n 
A 1 77  PHE 77  65  65  PHE PHE A . n 
A 1 78  PRO 78  66  66  PRO PRO A . n 
A 1 79  SER 79  67  67  SER SER A . n 
A 1 80  LYS 80  68  68  LYS LYS A . n 
A 1 81  GLU 81  69  69  GLU GLU A . n 
A 1 82  ALA 82  70  70  ALA ALA A . n 
A 1 83  VAL 83  71  71  VAL VAL A . n 
A 1 84  LEU 84  72  72  LEU LEU A . n 
A 1 85  LEU 85  73  73  LEU LEU A . n 
A 1 86  THR 86  74  74  THR THR A . n 
A 1 87  LEU 87  75  75  LEU LEU A . n 
A 1 88  LEU 88  76  76  LEU LEU A . n 
A 1 89  ASP 89  77  77  ASP ASP A . n 
A 1 90  ARG 90  78  78  ARG ARG A . n 
A 1 91  VAL 91  79  79  VAL VAL A . n 
A 1 92  VAL 92  80  80  VAL VAL A . n 
A 1 93  ASN 93  81  81  ASN ASN A . n 
A 1 94  GLN 94  82  82  GLN GLN A . n 
A 1 95  ALA 95  83  83  ALA ALA A . n 
A 1 96  ASP 96  84  84  ASP ASP A . n 
A 1 97  MET 97  85  85  MET MET A . n 
A 1 98  ALA 98  86  86  ALA ALA A . n 
A 1 99  LEU 99  87  87  LEU LEU A . n 
A 1 100 GLN 100 88  88  GLN GLN A . n 
A 1 101 THR 101 89  89  THR THR A . n 
A 1 102 LEU 102 90  90  LEU LEU A . n 
A 1 103 ALA 103 91  91  ALA ALA A . n 
A 1 104 GLU 104 92  92  GLU GLU A . n 
A 1 105 ASN 105 93  ?   ?   ?   A . n 
A 1 106 PRO 106 94  ?   ?   ?   A . n 
A 1 107 ALA 107 95  ?   ?   ?   A . n 
A 1 108 ASP 108 96  ?   ?   ?   A . n 
A 1 109 THR 109 97  ?   ?   ?   A . n 
A 1 110 ASP 110 98  98  ASP ASP A . n 
A 1 111 ARG 111 99  99  ARG ARG A . n 
A 1 112 GLU 112 100 100 GLU GLU A . n 
A 1 113 ASN 113 101 101 ASN ASN A . n 
A 1 114 MET 114 102 102 MET MET A . n 
A 1 115 TRP 115 103 103 TRP TRP A . n 
A 1 116 ARG 116 104 104 ARG ARG A . n 
A 1 117 THR 117 105 105 THR THR A . n 
A 1 118 GLY 118 106 106 GLY GLY A . n 
A 1 119 ILE 119 107 107 ILE ILE A . n 
A 1 120 ASN 120 108 108 ASN ASN A . n 
A 1 121 VAL 121 109 109 VAL VAL A . n 
A 1 122 PHE 122 110 110 PHE PHE A . n 
A 1 123 PHE 123 111 111 PHE PHE A . n 
A 1 124 GLU 124 112 112 GLU GLU A . n 
A 1 125 THR 125 113 113 THR THR A . n 
A 1 126 PHE 126 114 114 PHE PHE A . n 
A 1 127 GLY 127 115 115 GLY GLY A . n 
A 1 128 SER 128 116 116 SER SER A . n 
A 1 129 HIS 129 117 117 HIS HIS A . n 
A 1 130 LYS 130 118 118 LYS LYS A . n 
A 1 131 ALA 131 119 119 ALA ALA A . n 
A 1 132 VAL 132 120 120 VAL VAL A . n 
A 1 133 THR 133 121 121 THR THR A . n 
A 1 134 ARG 134 122 122 ARG ARG A . n 
A 1 135 ALA 135 123 123 ALA ALA A . n 
A 1 136 GLY 136 124 124 GLY GLY A . n 
A 1 137 GLN 137 125 125 GLN GLN A . n 
A 1 138 ALA 138 126 126 ALA ALA A . n 
A 1 139 ALA 139 127 127 ALA ALA A . n 
A 1 140 ARG 140 128 128 ARG ARG A . n 
A 1 141 ALA 141 129 129 ALA ALA A . n 
A 1 142 THR 142 130 130 THR THR A . n 
A 1 143 SER 143 131 131 SER SER A . n 
A 1 144 VAL 144 132 132 VAL VAL A . n 
A 1 145 GLU 145 133 133 GLU GLU A . n 
A 1 146 VAL 146 134 134 VAL VAL A . n 
A 1 147 ALA 147 135 135 ALA ALA A . n 
A 1 148 GLU 148 136 136 GLU GLU A . n 
A 1 149 LEU 149 137 137 LEU LEU A . n 
A 1 150 TRP 150 138 138 TRP TRP A . n 
A 1 151 SER 151 139 139 SER SER A . n 
A 1 152 THR 152 140 140 THR THR A . n 
A 1 153 PHE 153 141 141 PHE PHE A . n 
A 1 154 MET 154 142 142 MET MET A . n 
A 1 155 GLN 155 143 143 GLN GLN A . n 
A 1 156 LYS 156 144 144 LYS LYS A . n 
A 1 157 TRP 157 145 145 TRP TRP A . n 
A 1 158 ILE 158 146 146 ILE ILE A . n 
A 1 159 ALA 159 147 147 ALA ALA A . n 
A 1 160 TYR 160 148 148 TYR TYR A . n 
A 1 161 THR 161 149 149 THR THR A . n 
A 1 162 ALA 162 150 150 ALA ALA A . n 
A 1 163 ALA 163 151 151 ALA ALA A . n 
A 1 164 VAL 164 152 152 VAL VAL A . n 
A 1 165 ILE 165 153 153 ILE ILE A . n 
A 1 166 ASP 166 154 154 ASP ASP A . n 
A 1 167 ALA 167 155 155 ALA ALA A . n 
A 1 168 GLU 168 156 156 GLU GLU A . n 
A 1 169 ARG 169 157 157 ARG ARG A . n 
A 1 170 ASP 170 158 158 ASP ASP A . n 
A 1 171 ARG 171 159 159 ARG ARG A . n 
A 1 172 GLY 172 160 160 GLY GLY A . n 
A 1 173 ALA 173 161 161 ALA ALA A . n 
A 1 174 ALA 174 162 162 ALA ALA A . n 
A 1 175 PRO 175 163 163 PRO PRO A . n 
A 1 176 ARG 176 164 164 ARG ARG A . n 
A 1 177 THR 177 165 165 THR THR A . n 
A 1 178 LEU 178 166 166 LEU LEU A . n 
A 1 179 PRO 179 167 167 PRO PRO A . n 
A 1 180 ALA 180 168 168 ALA ALA A . n 
A 1 181 HIS 181 169 169 HIS HIS A . n 
A 1 182 GLU 182 170 170 GLU GLU A . n 
A 1 183 LEU 183 171 171 LEU LEU A . n 
A 1 184 ALA 184 172 172 ALA ALA A . n 
A 1 185 THR 185 173 173 THR THR A . n 
A 1 186 ALA 186 174 174 ALA ALA A . n 
A 1 187 LEU 187 175 175 LEU LEU A . n 
A 1 188 ASN 188 176 176 ASN ASN A . n 
A 1 189 LEU 189 177 177 LEU LEU A . n 
A 1 190 MET 190 178 178 MET MET A . n 
A 1 191 ASN 191 179 179 ASN ASN A . n 
A 1 192 GLU 192 180 180 GLU GLU A . n 
A 1 193 ARG 193 181 181 ARG ARG A . n 
A 1 194 THR 194 182 182 THR THR A . n 
A 1 195 LEU 195 183 183 LEU LEU A . n 
A 1 196 PHE 196 184 184 PHE PHE A . n 
A 1 197 ALA 197 185 185 ALA ALA A . n 
A 1 198 SER 198 186 186 SER SER A . n 
A 1 199 PHE 199 187 187 PHE PHE A . n 
A 1 200 ALA 200 188 188 ALA ALA A . n 
A 1 201 GLY 201 189 189 GLY GLY A . n 
A 1 202 GLU 202 190 190 GLU GLU A . n 
A 1 203 GLN 203 191 191 GLN GLN A . n 
A 1 204 PRO 204 192 192 PRO PRO A . n 
A 1 205 SER 205 193 193 SER SER A . n 
A 1 206 VAL 206 194 194 VAL VAL A . n 
A 1 207 PRO 207 195 195 PRO PRO A . n 
A 1 208 GLU 208 196 196 GLU GLU A . n 
A 1 209 ALA 209 197 197 ALA ALA A . n 
A 1 210 ARG 210 198 198 ARG ARG A . n 
A 1 211 VAL 211 199 199 VAL VAL A . n 
A 1 212 LEU 212 200 200 LEU LEU A . n 
A 1 213 ASP 213 201 201 ASP ASP A . n 
A 1 214 THR 214 202 202 THR THR A . n 
A 1 215 LEU 215 203 203 LEU LEU A . n 
A 1 216 VAL 216 204 204 VAL VAL A . n 
A 1 217 HIS 217 205 205 HIS HIS A . n 
A 1 218 ILE 218 206 206 ILE ILE A . n 
A 1 219 TRP 219 207 207 TRP TRP A . n 
A 1 220 VAL 220 208 208 VAL VAL A . n 
A 1 221 THR 221 209 209 THR THR A . n 
A 1 222 SER 222 210 210 SER SER A . n 
A 1 223 ILE 223 211 211 ILE ILE A . n 
A 1 224 TYR 224 212 212 TYR TYR A . n 
A 1 225 GLY 225 213 213 GLY GLY A . n 
A 1 226 GLU 226 214 214 GLU GLU A . n 
A 1 227 ASN 227 215 ?   ?   ?   A . n 
A 1 228 ARG 228 216 ?   ?   ?   A . n 
# 
loop_
_pdbx_nonpoly_scheme.asym_id 
_pdbx_nonpoly_scheme.entity_id 
_pdbx_nonpoly_scheme.mon_id 
_pdbx_nonpoly_scheme.ndb_seq_num 
_pdbx_nonpoly_scheme.pdb_seq_num 
_pdbx_nonpoly_scheme.auth_seq_num 
_pdbx_nonpoly_scheme.pdb_mon_id 
_pdbx_nonpoly_scheme.auth_mon_id 
_pdbx_nonpoly_scheme.pdb_strand_id 
_pdbx_nonpoly_scheme.pdb_ins_code 
B 2 GH5 1  301 1  GH5 DRG A . 
C 3 HOH 1  401 27 HOH HOH A . 
C 3 HOH 2  402 35 HOH HOH A . 
C 3 HOH 3  403 25 HOH HOH A . 
C 3 HOH 4  404 3  HOH HOH A . 
C 3 HOH 5  405 20 HOH HOH A . 
C 3 HOH 6  406 9  HOH HOH A . 
C 3 HOH 7  407 18 HOH HOH A . 
C 3 HOH 8  408 33 HOH HOH A . 
C 3 HOH 9  409 29 HOH HOH A . 
C 3 HOH 10 410 10 HOH HOH A . 
C 3 HOH 11 411 14 HOH HOH A . 
C 3 HOH 12 412 5  HOH HOH A . 
C 3 HOH 13 413 11 HOH HOH A . 
C 3 HOH 14 414 1  HOH HOH A . 
C 3 HOH 15 415 6  HOH HOH A . 
C 3 HOH 16 416 36 HOH HOH A . 
C 3 HOH 17 417 13 HOH HOH A . 
C 3 HOH 18 418 4  HOH HOH A . 
C 3 HOH 19 419 17 HOH HOH A . 
C 3 HOH 20 420 23 HOH HOH A . 
C 3 HOH 21 421 21 HOH HOH A . 
C 3 HOH 22 422 34 HOH HOH A . 
C 3 HOH 23 423 8  HOH HOH A . 
C 3 HOH 24 424 22 HOH HOH A . 
C 3 HOH 25 425 12 HOH HOH A . 
C 3 HOH 26 426 2  HOH HOH A . 
C 3 HOH 27 427 7  HOH HOH A . 
C 3 HOH 28 428 24 HOH HOH A . 
C 3 HOH 29 429 28 HOH HOH A . 
C 3 HOH 30 430 15 HOH HOH A . 
C 3 HOH 31 431 37 HOH HOH A . 
C 3 HOH 32 432 16 HOH HOH A . 
C 3 HOH 33 433 26 HOH HOH A . 
C 3 HOH 34 434 19 HOH HOH A . 
C 3 HOH 35 435 30 HOH HOH A . 
C 3 HOH 36 436 31 HOH HOH A . 
C 3 HOH 37 437 32 HOH HOH A . 
# 
loop_
_software.citation_id 
_software.classification 
_software.compiler_name 
_software.compiler_version 
_software.contact_author 
_software.contact_author_email 
_software.date 
_software.description 
_software.dependencies 
_software.hardware 
_software.language 
_software.location 
_software.mods 
_software.name 
_software.os 
_software.os_version 
_software.type 
_software.version 
_software.pdbx_ordinal 
? refinement       ? ? ? ? ? ? ? ? ? ? ? REFMAC  ? ? ? 5.8.0232 1 
? 'data reduction' ? ? ? ? ? ? ? ? ? ? ? iMOSFLM ? ? ? .        2 
? phasing          ? ? ? ? ? ? ? ? ? ? ? MOLREP  ? ? ? .        3 
# 
_cell.angle_alpha                  90.00 
_cell.angle_alpha_esd              ? 
_cell.angle_beta                   90.00 
_cell.angle_beta_esd               ? 
_cell.angle_gamma                  90.00 
_cell.angle_gamma_esd              ? 
_cell.entry_id                     6HNZ 
_cell.details                      ? 
_cell.formula_units_Z              ? 
_cell.length_a                     122.020 
_cell.length_a_esd                 ? 
_cell.length_b                     122.020 
_cell.length_b_esd                 ? 
_cell.length_c                     33.705 
_cell.length_c_esd                 ? 
_cell.volume                       ? 
_cell.volume_esd                   ? 
_cell.Z_PDB                        8 
_cell.reciprocal_angle_alpha       ? 
_cell.reciprocal_angle_beta        ? 
_cell.reciprocal_angle_gamma       ? 
_cell.reciprocal_angle_alpha_esd   ? 
_cell.reciprocal_angle_beta_esd    ? 
_cell.reciprocal_angle_gamma_esd   ? 
_cell.reciprocal_length_a          ? 
_cell.reciprocal_length_b          ? 
_cell.reciprocal_length_c          ? 
_cell.reciprocal_length_a_esd      ? 
_cell.reciprocal_length_b_esd      ? 
_cell.reciprocal_length_c_esd      ? 
_cell.pdbx_unique_axis             ? 
# 
_symmetry.entry_id                         6HNZ 
_symmetry.cell_setting                     ? 
_symmetry.Int_Tables_number                92 
_symmetry.space_group_name_Hall            ? 
_symmetry.space_group_name_H-M             'P 41 21 2' 
_symmetry.pdbx_full_space_group_name_H-M   ? 
# 
_exptl.absorpt_coefficient_mu     ? 
_exptl.absorpt_correction_T_max   ? 
_exptl.absorpt_correction_T_min   ? 
_exptl.absorpt_correction_type    ? 
_exptl.absorpt_process_details    ? 
_exptl.entry_id                   6HNZ 
_exptl.crystals_number            1 
_exptl.details                    ? 
_exptl.method                     'X-RAY DIFFRACTION' 
_exptl.method_details             ? 
# 
_exptl_crystal.colour                      ? 
_exptl_crystal.density_diffrn              ? 
_exptl_crystal.density_Matthews            2.42 
_exptl_crystal.density_method              ? 
_exptl_crystal.density_percent_sol         51.12 
_exptl_crystal.description                 ? 
_exptl_crystal.F_000                       ? 
_exptl_crystal.id                          1 
_exptl_crystal.preparation                 ? 
_exptl_crystal.size_max                    ? 
_exptl_crystal.size_mid                    ? 
_exptl_crystal.size_min                    ? 
_exptl_crystal.size_rad                    ? 
_exptl_crystal.colour_lustre               ? 
_exptl_crystal.colour_modifier             ? 
_exptl_crystal.colour_primary              ? 
_exptl_crystal.density_meas                ? 
_exptl_crystal.density_meas_esd            ? 
_exptl_crystal.density_meas_gt             ? 
_exptl_crystal.density_meas_lt             ? 
_exptl_crystal.density_meas_temp           ? 
_exptl_crystal.density_meas_temp_esd       ? 
_exptl_crystal.density_meas_temp_gt        ? 
_exptl_crystal.density_meas_temp_lt        ? 
_exptl_crystal.pdbx_crystal_image_url      ? 
_exptl_crystal.pdbx_crystal_image_format   ? 
_exptl_crystal.pdbx_mosaicity              ? 
_exptl_crystal.pdbx_mosaicity_esd          ? 
# 
_exptl_crystal_grow.apparatus       ? 
_exptl_crystal_grow.atmosphere      ? 
_exptl_crystal_grow.crystal_id      1 
_exptl_crystal_grow.details         ? 
_exptl_crystal_grow.method          'VAPOR DIFFUSION' 
_exptl_crystal_grow.method_ref      ? 
_exptl_crystal_grow.pH              6.7 
_exptl_crystal_grow.pressure        ? 
_exptl_crystal_grow.pressure_esd    ? 
_exptl_crystal_grow.seeding         ? 
_exptl_crystal_grow.seeding_ref     ? 
_exptl_crystal_grow.temp            293 
_exptl_crystal_grow.temp_details    ? 
_exptl_crystal_grow.temp_esd        ? 
_exptl_crystal_grow.time            ? 
_exptl_crystal_grow.pdbx_details    '1.4-1.6 ammonium sulfate, 15% glycerol, 100 mM MES' 
_exptl_crystal_grow.pdbx_pH_range   ? 
# 
_diffrn.ambient_environment              ? 
_diffrn.ambient_temp                     100 
_diffrn.ambient_temp_details             ? 
_diffrn.ambient_temp_esd                 ? 
_diffrn.crystal_id                       1 
_diffrn.crystal_support                  ? 
_diffrn.crystal_treatment                ? 
_diffrn.details                          ? 
_diffrn.id                               1 
_diffrn.ambient_pressure                 ? 
_diffrn.ambient_pressure_esd             ? 
_diffrn.ambient_pressure_gt              ? 
_diffrn.ambient_pressure_lt              ? 
_diffrn.ambient_temp_gt                  ? 
_diffrn.ambient_temp_lt                  ? 
_diffrn.pdbx_serial_crystal_experiment   ? 
# 
_diffrn_detector.details                      ? 
_diffrn_detector.detector                     PIXEL 
_diffrn_detector.diffrn_id                    1 
_diffrn_detector.type                         'DECTRIS PILATUS 6M' 
_diffrn_detector.area_resol_mean              ? 
_diffrn_detector.dtime                        ? 
_diffrn_detector.pdbx_frames_total            ? 
_diffrn_detector.pdbx_collection_time_total   ? 
_diffrn_detector.pdbx_collection_date         2010-12-06 
_diffrn_detector.pdbx_frequency               ? 
# 
_diffrn_radiation.collimation                      ? 
_diffrn_radiation.diffrn_id                        1 
_diffrn_radiation.filter_edge                      ? 
_diffrn_radiation.inhomogeneity                    ? 
_diffrn_radiation.monochromator                    ? 
_diffrn_radiation.polarisn_norm                    ? 
_diffrn_radiation.polarisn_ratio                   ? 
_diffrn_radiation.probe                            ? 
_diffrn_radiation.type                             ? 
_diffrn_radiation.xray_symbol                      ? 
_diffrn_radiation.wavelength_id                    1 
_diffrn_radiation.pdbx_monochromatic_or_laue_m_l   M 
_diffrn_radiation.pdbx_wavelength_list             ? 
_diffrn_radiation.pdbx_wavelength                  ? 
_diffrn_radiation.pdbx_diffrn_protocol             'SINGLE WAVELENGTH' 
_diffrn_radiation.pdbx_analyzer                    ? 
_diffrn_radiation.pdbx_scattering_type             x-ray 
# 
_diffrn_radiation_wavelength.id           1 
_diffrn_radiation_wavelength.wavelength   1.00 
_diffrn_radiation_wavelength.wt           1.0 
# 
_diffrn_source.current                     ? 
_diffrn_source.details                     ? 
_diffrn_source.diffrn_id                   1 
_diffrn_source.power                       ? 
_diffrn_source.size                        ? 
_diffrn_source.source                      SYNCHROTRON 
_diffrn_source.target                      ? 
_diffrn_source.type                        'SLS BEAMLINE X06SA' 
_diffrn_source.voltage                     ? 
_diffrn_source.take-off_angle              ? 
_diffrn_source.pdbx_wavelength_list        1.00 
_diffrn_source.pdbx_wavelength             ? 
_diffrn_source.pdbx_synchrotron_beamline   X06SA 
_diffrn_source.pdbx_synchrotron_site       SLS 
# 
_reflns.B_iso_Wilson_estimate            ? 
_reflns.entry_id                         6HNZ 
_reflns.data_reduction_details           ? 
_reflns.data_reduction_method            ? 
_reflns.d_resolution_high                1.70 
_reflns.d_resolution_low                 43.14 
_reflns.details                          ? 
_reflns.limit_h_max                      ? 
_reflns.limit_h_min                      ? 
_reflns.limit_k_max                      ? 
_reflns.limit_k_min                      ? 
_reflns.limit_l_max                      ? 
_reflns.limit_l_min                      ? 
_reflns.number_all                       ? 
_reflns.number_obs                       28578 
_reflns.observed_criterion               ? 
_reflns.observed_criterion_F_max         ? 
_reflns.observed_criterion_F_min         ? 
_reflns.observed_criterion_I_max         ? 
_reflns.observed_criterion_I_min         ? 
_reflns.observed_criterion_sigma_F       ? 
_reflns.observed_criterion_sigma_I       ? 
_reflns.percent_possible_obs             99.9 
_reflns.R_free_details                   ? 
_reflns.Rmerge_F_all                     ? 
_reflns.Rmerge_F_obs                     ? 
_reflns.Friedel_coverage                 ? 
_reflns.number_gt                        ? 
_reflns.threshold_expression             ? 
_reflns.pdbx_redundancy                  9.4 
_reflns.pdbx_Rmerge_I_obs                0.055 
_reflns.pdbx_Rmerge_I_all                ? 
_reflns.pdbx_Rsym_value                  ? 
_reflns.pdbx_netI_over_av_sigmaI         ? 
_reflns.pdbx_netI_over_sigmaI            26.0 
_reflns.pdbx_res_netI_over_av_sigmaI_2   ? 
_reflns.pdbx_res_netI_over_sigmaI_2      ? 
_reflns.pdbx_chi_squared                 ? 
_reflns.pdbx_scaling_rejects             ? 
_reflns.pdbx_d_res_high_opt              ? 
_reflns.pdbx_d_res_low_opt               ? 
_reflns.pdbx_d_res_opt_method            ? 
_reflns.phase_calculation_details        ? 
_reflns.pdbx_Rrim_I_all                  ? 
_reflns.pdbx_Rpim_I_all                  ? 
_reflns.pdbx_d_opt                       ? 
_reflns.pdbx_number_measured_all         ? 
_reflns.pdbx_diffrn_id                   1 
_reflns.pdbx_ordinal                     1 
_reflns.pdbx_CC_half                     ? 
_reflns.pdbx_R_split                     ? 
# 
_reflns_shell.d_res_high                  1.70 
_reflns_shell.d_res_low                   1.79 
_reflns_shell.meanI_over_sigI_all         ? 
_reflns_shell.meanI_over_sigI_obs         2.9 
_reflns_shell.number_measured_all         ? 
_reflns_shell.number_measured_obs         ? 
_reflns_shell.number_possible             ? 
_reflns_shell.number_unique_all           ? 
_reflns_shell.number_unique_obs           4062 
_reflns_shell.percent_possible_all        99.1 
_reflns_shell.percent_possible_obs        ? 
_reflns_shell.Rmerge_F_all                ? 
_reflns_shell.Rmerge_F_obs                ? 
_reflns_shell.Rmerge_I_all                ? 
_reflns_shell.Rmerge_I_obs                ? 
_reflns_shell.meanI_over_sigI_gt          ? 
_reflns_shell.meanI_over_uI_all           ? 
_reflns_shell.meanI_over_uI_gt            ? 
_reflns_shell.number_measured_gt          ? 
_reflns_shell.number_unique_gt            ? 
_reflns_shell.percent_possible_gt         ? 
_reflns_shell.Rmerge_F_gt                 ? 
_reflns_shell.Rmerge_I_gt                 ? 
_reflns_shell.pdbx_redundancy             7.9 
_reflns_shell.pdbx_Rsym_value             ? 
_reflns_shell.pdbx_chi_squared            ? 
_reflns_shell.pdbx_netI_over_sigmaI_all   ? 
_reflns_shell.pdbx_netI_over_sigmaI_obs   ? 
_reflns_shell.pdbx_Rrim_I_all             ? 
_reflns_shell.pdbx_Rpim_I_all             ? 
_reflns_shell.pdbx_rejects                ? 
_reflns_shell.pdbx_ordinal                1 
_reflns_shell.pdbx_diffrn_id              1 
_reflns_shell.pdbx_CC_half                ? 
_reflns_shell.pdbx_R_split                ? 
# 
_refine.aniso_B[1][1]                            0.01 
_refine.aniso_B[1][2]                            -0.00 
_refine.aniso_B[1][3]                            -0.00 
_refine.aniso_B[2][2]                            0.01 
_refine.aniso_B[2][3]                            -0.00 
_refine.aniso_B[3][3]                            -0.02 
_refine.B_iso_max                                ? 
_refine.B_iso_mean                               24.840 
_refine.B_iso_min                                ? 
_refine.correlation_coeff_Fo_to_Fc               0.955 
_refine.correlation_coeff_Fo_to_Fc_free          0.940 
_refine.details                                  'HYDROGENS HAVE BEEN ADDED IN THE RIDING POSITIONS' 
_refine.diff_density_max                         ? 
_refine.diff_density_max_esd                     ? 
_refine.diff_density_min                         ? 
_refine.diff_density_min_esd                     ? 
_refine.diff_density_rms                         ? 
_refine.diff_density_rms_esd                     ? 
_refine.entry_id                                 6HNZ 
_refine.pdbx_refine_id                           'X-RAY DIFFRACTION' 
_refine.ls_abs_structure_details                 ? 
_refine.ls_abs_structure_Flack                   ? 
_refine.ls_abs_structure_Flack_esd               ? 
_refine.ls_abs_structure_Rogers                  ? 
_refine.ls_abs_structure_Rogers_esd              ? 
_refine.ls_d_res_high                            1.70 
_refine.ls_d_res_low                             43.14 
_refine.ls_extinction_coef                       ? 
_refine.ls_extinction_coef_esd                   ? 
_refine.ls_extinction_expression                 ? 
_refine.ls_extinction_method                     ? 
_refine.ls_goodness_of_fit_all                   ? 
_refine.ls_goodness_of_fit_all_esd               ? 
_refine.ls_goodness_of_fit_obs                   ? 
_refine.ls_goodness_of_fit_obs_esd               ? 
_refine.ls_hydrogen_treatment                    ? 
_refine.ls_matrix_type                           ? 
_refine.ls_number_constraints                    ? 
_refine.ls_number_parameters                     ? 
_refine.ls_number_reflns_all                     ? 
_refine.ls_number_reflns_obs                     27085 
_refine.ls_number_reflns_R_free                  1427 
_refine.ls_number_reflns_R_work                  ? 
_refine.ls_number_restraints                     ? 
_refine.ls_percent_reflns_obs                    99.79 
_refine.ls_percent_reflns_R_free                 5.0 
_refine.ls_R_factor_all                          ? 
_refine.ls_R_factor_obs                          0.19733 
_refine.ls_R_factor_R_free                       0.22754 
_refine.ls_R_factor_R_free_error                 ? 
_refine.ls_R_factor_R_free_error_details         ? 
_refine.ls_R_factor_R_work                       0.19574 
_refine.ls_R_Fsqd_factor_obs                     ? 
_refine.ls_R_I_factor_obs                        ? 
_refine.ls_redundancy_reflns_all                 ? 
_refine.ls_redundancy_reflns_obs                 ? 
_refine.ls_restrained_S_all                      ? 
_refine.ls_restrained_S_obs                      ? 
_refine.ls_shift_over_esd_max                    ? 
_refine.ls_shift_over_esd_mean                   ? 
_refine.ls_structure_factor_coef                 ? 
_refine.ls_weighting_details                     ? 
_refine.ls_weighting_scheme                      ? 
_refine.ls_wR_factor_all                         ? 
_refine.ls_wR_factor_obs                         ? 
_refine.ls_wR_factor_R_free                      ? 
_refine.ls_wR_factor_R_work                      ? 
_refine.occupancy_max                            ? 
_refine.occupancy_min                            ? 
_refine.solvent_model_details                    ? 
_refine.solvent_model_param_bsol                 ? 
_refine.solvent_model_param_ksol                 ? 
_refine.ls_R_factor_gt                           ? 
_refine.ls_goodness_of_fit_gt                    ? 
_refine.ls_goodness_of_fit_ref                   ? 
_refine.ls_shift_over_su_max                     ? 
_refine.ls_shift_over_su_max_lt                  ? 
_refine.ls_shift_over_su_mean                    ? 
_refine.ls_shift_over_su_mean_lt                 ? 
_refine.pdbx_ls_sigma_I                          ? 
_refine.pdbx_ls_sigma_F                          ? 
_refine.pdbx_ls_sigma_Fsqd                       ? 
_refine.pdbx_data_cutoff_high_absF               ? 
_refine.pdbx_data_cutoff_high_rms_absF           ? 
_refine.pdbx_data_cutoff_low_absF                ? 
_refine.pdbx_isotropic_thermal_model             ? 
_refine.pdbx_ls_cross_valid_method               THROUGHOUT 
_refine.pdbx_method_to_determine_struct          'MOLECULAR REPLACEMENT' 
_refine.pdbx_starting_model                      1U9N 
_refine.pdbx_stereochemistry_target_values       ? 
_refine.pdbx_R_Free_selection_details            RANDOM 
_refine.pdbx_stereochem_target_val_spec_case     ? 
_refine.pdbx_overall_ESU_R                       0.091 
_refine.pdbx_overall_ESU_R_Free                  0.093 
_refine.pdbx_solvent_vdw_probe_radii             1.20 
_refine.pdbx_solvent_ion_probe_radii             0.80 
_refine.pdbx_solvent_shrinkage_radii             0.80 
_refine.pdbx_real_space_R                        ? 
_refine.pdbx_density_correlation                 ? 
_refine.pdbx_pd_number_of_powder_patterns        ? 
_refine.pdbx_pd_number_of_points                 ? 
_refine.pdbx_pd_meas_number_of_points            ? 
_refine.pdbx_pd_proc_ls_prof_R_factor            ? 
_refine.pdbx_pd_proc_ls_prof_wR_factor           ? 
_refine.pdbx_pd_Marquardt_correlation_coeff      ? 
_refine.pdbx_pd_Fsqrd_R_factor                   ? 
_refine.pdbx_pd_ls_matrix_band_width             ? 
_refine.pdbx_overall_phase_error                 ? 
_refine.pdbx_overall_SU_R_free_Cruickshank_DPI   ? 
_refine.pdbx_overall_SU_R_free_Blow_DPI          ? 
_refine.pdbx_overall_SU_R_Blow_DPI               ? 
_refine.pdbx_TLS_residual_ADP_flag               ? 
_refine.pdbx_diffrn_id                           1 
_refine.overall_SU_B                             1.961 
_refine.overall_SU_ML                            0.064 
_refine.overall_SU_R_Cruickshank_DPI             ? 
_refine.overall_SU_R_free                        ? 
_refine.overall_FOM_free_R_set                   ? 
_refine.overall_FOM_work_R_set                   ? 
_refine.pdbx_average_fsc_overall                 ? 
_refine.pdbx_average_fsc_work                    ? 
_refine.pdbx_average_fsc_free                    ? 
# 
_refine_hist.pdbx_refine_id                   'X-RAY DIFFRACTION' 
_refine_hist.cycle_id                         1 
_refine_hist.pdbx_number_atoms_protein        1455 
_refine_hist.pdbx_number_atoms_nucleic_acid   0 
_refine_hist.pdbx_number_atoms_ligand         25 
_refine_hist.number_atoms_solvent             37 
_refine_hist.number_atoms_total               1517 
_refine_hist.d_res_high                       1.70 
_refine_hist.d_res_low                        43.14 
# 
loop_
_refine_ls_restr.pdbx_refine_id 
_refine_ls_restr.criterion 
_refine_ls_restr.dev_ideal 
_refine_ls_restr.dev_ideal_target 
_refine_ls_restr.number 
_refine_ls_restr.rejects 
_refine_ls_restr.type 
_refine_ls_restr.weight 
_refine_ls_restr.pdbx_restraint_function 
'X-RAY DIFFRACTION' ? 0.013  0.013  1511 ? r_bond_refined_d             ? ? 
'X-RAY DIFFRACTION' ? 0.001  0.017  1402 ? r_bond_other_d               ? ? 
'X-RAY DIFFRACTION' ? 1.756  1.665  2058 ? r_angle_refined_deg          ? ? 
'X-RAY DIFFRACTION' ? 1.562  1.588  3225 ? r_angle_other_deg            ? ? 
'X-RAY DIFFRACTION' ? 5.239  5.000  184  ? r_dihedral_angle_1_deg       ? ? 
'X-RAY DIFFRACTION' ? 36.878 21.190 84   ? r_dihedral_angle_2_deg       ? ? 
'X-RAY DIFFRACTION' ? 12.605 15.000 237  ? r_dihedral_angle_3_deg       ? ? 
'X-RAY DIFFRACTION' ? 17.465 15.000 13   ? r_dihedral_angle_4_deg       ? ? 
'X-RAY DIFFRACTION' ? 0.097  0.200  201  ? r_chiral_restr               ? ? 
'X-RAY DIFFRACTION' ? 0.012  0.020  1696 ? r_gen_planes_refined         ? ? 
'X-RAY DIFFRACTION' ? 0.001  0.020  338  ? r_gen_planes_other           ? ? 
'X-RAY DIFFRACTION' ? ?      ?      ?    ? r_nbd_refined                ? ? 
'X-RAY DIFFRACTION' ? ?      ?      ?    ? r_nbd_other                  ? ? 
'X-RAY DIFFRACTION' ? ?      ?      ?    ? r_nbtor_refined              ? ? 
'X-RAY DIFFRACTION' ? ?      ?      ?    ? r_nbtor_other                ? ? 
'X-RAY DIFFRACTION' ? ?      ?      ?    ? r_xyhbond_nbd_refined        ? ? 
'X-RAY DIFFRACTION' ? ?      ?      ?    ? r_xyhbond_nbd_other          ? ? 
'X-RAY DIFFRACTION' ? ?      ?      ?    ? r_metal_ion_refined          ? ? 
'X-RAY DIFFRACTION' ? ?      ?      ?    ? r_metal_ion_other            ? ? 
'X-RAY DIFFRACTION' ? ?      ?      ?    ? r_symmetry_vdw_refined       ? ? 
'X-RAY DIFFRACTION' ? ?      ?      ?    ? r_symmetry_vdw_other         ? ? 
'X-RAY DIFFRACTION' ? ?      ?      ?    ? r_symmetry_hbond_refined     ? ? 
'X-RAY DIFFRACTION' ? ?      ?      ?    ? r_symmetry_hbond_other       ? ? 
'X-RAY DIFFRACTION' ? ?      ?      ?    ? r_symmetry_metal_ion_refined ? ? 
'X-RAY DIFFRACTION' ? ?      ?      ?    ? r_symmetry_metal_ion_other   ? ? 
'X-RAY DIFFRACTION' ? 2.538  2.424  742  ? r_mcbond_it                  ? ? 
'X-RAY DIFFRACTION' ? 2.538  2.422  741  ? r_mcbond_other               ? ? 
'X-RAY DIFFRACTION' ? 3.405  3.621  924  ? r_mcangle_it                 ? ? 
'X-RAY DIFFRACTION' ? 3.403  3.624  925  ? r_mcangle_other              ? ? 
'X-RAY DIFFRACTION' ? 3.686  2.837  769  ? r_scbond_it                  ? ? 
'X-RAY DIFFRACTION' ? 3.684  2.837  770  ? r_scbond_other               ? ? 
'X-RAY DIFFRACTION' ? ?      ?      ?    ? r_scangle_it                 ? ? 
'X-RAY DIFFRACTION' ? 5.564  4.100  1135 ? r_scangle_other              ? ? 
'X-RAY DIFFRACTION' ? 6.422  28.531 1710 ? r_long_range_B_refined       ? ? 
'X-RAY DIFFRACTION' ? 6.414  28.499 1707 ? r_long_range_B_other         ? ? 
'X-RAY DIFFRACTION' ? ?      ?      ?    ? r_rigid_bond_restr           ? ? 
'X-RAY DIFFRACTION' ? ?      ?      ?    ? r_sphericity_free            ? ? 
'X-RAY DIFFRACTION' ? ?      ?      ?    ? r_sphericity_bonded          ? ? 
# 
_refine_ls_shell.pdbx_refine_id                   'X-RAY DIFFRACTION' 
_refine_ls_shell.d_res_high                       1.703 
_refine_ls_shell.d_res_low                        1.747 
_refine_ls_shell.number_reflns_all                ? 
_refine_ls_shell.number_reflns_obs                ? 
_refine_ls_shell.number_reflns_R_free             101 
_refine_ls_shell.number_reflns_R_work             1921 
_refine_ls_shell.percent_reflns_obs               98.16 
_refine_ls_shell.percent_reflns_R_free            ? 
_refine_ls_shell.R_factor_all                     ? 
_refine_ls_shell.R_factor_obs                     ? 
_refine_ls_shell.R_factor_R_free                  0.275 
_refine_ls_shell.R_factor_R_free_error            ? 
_refine_ls_shell.R_factor_R_work                  0.282 
_refine_ls_shell.redundancy_reflns_all            ? 
_refine_ls_shell.redundancy_reflns_obs            ? 
_refine_ls_shell.wR_factor_all                    ? 
_refine_ls_shell.wR_factor_obs                    ? 
_refine_ls_shell.wR_factor_R_free                 ? 
_refine_ls_shell.wR_factor_R_work                 ? 
_refine_ls_shell.pdbx_total_number_of_bins_used   20 
_refine_ls_shell.pdbx_phase_error                 ? 
_refine_ls_shell.pdbx_fsc_work                    ? 
_refine_ls_shell.pdbx_fsc_free                    ? 
# 
_struct.entry_id                     6HNZ 
_struct.title                        'TRANSCRIPTIONAL REPRESSOR ETHR FROM MYCOBACTERIUM TUBERCULOSIS IN COMPLEX WITH BDM41231' 
_struct.pdbx_model_details           ? 
_struct.pdbx_formula_weight          ? 
_struct.pdbx_formula_weight_method   ? 
_struct.pdbx_model_type_details      ? 
_struct.pdbx_CASP_flag               N 
# 
_struct_keywords.entry_id        6HNZ 
_struct_keywords.text            
'HELIX-TURN-HELIX, DNA BINDING PROTEIN, TETR-FAMILY, COMPLEX, INHIBITOR, DRUG DESIGN, TUBERCULOSIS, ETHIONAMIDE' 
_struct_keywords.pdbx_keywords   'DNA BINDING PROTEIN' 
# 
loop_
_struct_asym.id 
_struct_asym.pdbx_blank_PDB_chainid_flag 
_struct_asym.pdbx_modified 
_struct_asym.entity_id 
_struct_asym.details 
A N N 1 ? 
B N N 2 ? 
C N N 3 ? 
# 
_struct_ref.id                         1 
_struct_ref.db_name                    UNP 
_struct_ref.db_code                    ETHR_MYCTO 
_struct_ref.pdbx_db_accession          P9WMC0 
_struct_ref.pdbx_db_isoform            ? 
_struct_ref.entity_id                  1 
_struct_ref.pdbx_seq_one_letter_code   
;MTTSAASQASLPRGRRTARPSGDDRELAILATAENLLEDRPLADISVDDLAKGAGISRPTFYFYFPSKEAVLLTLLDRVV
NQADMALQTLAENPADTDRENMWRTGINVFFETFGSHKAVTRAGQAARATSVEVAELWSTFMQKWIAYTAAVIDAERDRG
AAPRTLPAHELATALNLMNERTLFASFAGEQPSVPEARVLDTLVHIWVTSIYGENR
;
_struct_ref.pdbx_align_begin           1 
# 
_struct_ref_seq.align_id                      1 
_struct_ref_seq.ref_id                        1 
_struct_ref_seq.pdbx_PDB_id_code              6HNZ 
_struct_ref_seq.pdbx_strand_id                A 
_struct_ref_seq.seq_align_beg                 13 
_struct_ref_seq.pdbx_seq_align_beg_ins_code   ? 
_struct_ref_seq.seq_align_end                 228 
_struct_ref_seq.pdbx_seq_align_end_ins_code   ? 
_struct_ref_seq.pdbx_db_accession             P9WMC0 
_struct_ref_seq.db_align_beg                  1 
_struct_ref_seq.pdbx_db_align_beg_ins_code    ? 
_struct_ref_seq.db_align_end                  216 
_struct_ref_seq.pdbx_db_align_end_ins_code    ? 
_struct_ref_seq.pdbx_auth_seq_align_beg       1 
_struct_ref_seq.pdbx_auth_seq_align_end       216 
# 
loop_
_struct_ref_seq_dif.align_id 
_struct_ref_seq_dif.pdbx_pdb_id_code 
_struct_ref_seq_dif.mon_id 
_struct_ref_seq_dif.pdbx_pdb_strand_id 
_struct_ref_seq_dif.seq_num 
_struct_ref_seq_dif.pdbx_pdb_ins_code 
_struct_ref_seq_dif.pdbx_seq_db_name 
_struct_ref_seq_dif.pdbx_seq_db_accession_code 
_struct_ref_seq_dif.db_mon_id 
_struct_ref_seq_dif.pdbx_seq_db_seq_num 
_struct_ref_seq_dif.details 
_struct_ref_seq_dif.pdbx_auth_seq_num 
_struct_ref_seq_dif.pdbx_ordinal 
1 6HNZ MET A 1  ? UNP P9WMC0 ? ? 'initiating methionine' -11 1  
1 6HNZ THR A 2  ? UNP P9WMC0 ? ? 'expression tag'        -10 2  
1 6HNZ THR A 3  ? UNP P9WMC0 ? ? 'expression tag'        -9  3  
1 6HNZ SER A 4  ? UNP P9WMC0 ? ? 'expression tag'        -8  4  
1 6HNZ ALA A 5  ? UNP P9WMC0 ? ? 'expression tag'        -7  5  
1 6HNZ ALA A 6  ? UNP P9WMC0 ? ? 'expression tag'        -6  6  
1 6HNZ SER A 7  ? UNP P9WMC0 ? ? 'expression tag'        -5  7  
1 6HNZ GLN A 8  ? UNP P9WMC0 ? ? 'expression tag'        -4  8  
1 6HNZ ALA A 9  ? UNP P9WMC0 ? ? 'expression tag'        -3  9  
1 6HNZ SER A 10 ? UNP P9WMC0 ? ? 'expression tag'        -2  10 
1 6HNZ LEU A 11 ? UNP P9WMC0 ? ? 'expression tag'        -1  11 
1 6HNZ PRO A 12 ? UNP P9WMC0 ? ? 'expression tag'        0   12 
# 
_pdbx_struct_assembly.id                   1 
_pdbx_struct_assembly.details              author_and_software_defined_assembly 
_pdbx_struct_assembly.method_details       PISA 
_pdbx_struct_assembly.oligomeric_details   dimeric 
_pdbx_struct_assembly.oligomeric_count     2 
# 
loop_
_pdbx_struct_assembly_prop.biol_id 
_pdbx_struct_assembly_prop.type 
_pdbx_struct_assembly_prop.value 
_pdbx_struct_assembly_prop.details 
1 'ABSA (A^2)' 2710  ? 
1 MORE         -21   ? 
1 'SSA (A^2)'  16700 ? 
# 
_pdbx_struct_assembly_gen.assembly_id       1 
_pdbx_struct_assembly_gen.oper_expression   1,2 
_pdbx_struct_assembly_gen.asym_id_list      A,B,C 
# 
_pdbx_struct_assembly_auth_evidence.id                     1 
_pdbx_struct_assembly_auth_evidence.assembly_id            1 
_pdbx_struct_assembly_auth_evidence.experimental_support   none 
_pdbx_struct_assembly_auth_evidence.details                ? 
# 
loop_
_pdbx_struct_oper_list.id 
_pdbx_struct_oper_list.type 
_pdbx_struct_oper_list.name 
_pdbx_struct_oper_list.symmetry_operation 
_pdbx_struct_oper_list.matrix[1][1] 
_pdbx_struct_oper_list.matrix[1][2] 
_pdbx_struct_oper_list.matrix[1][3] 
_pdbx_struct_oper_list.vector[1] 
_pdbx_struct_oper_list.matrix[2][1] 
_pdbx_struct_oper_list.matrix[2][2] 
_pdbx_struct_oper_list.matrix[2][3] 
_pdbx_struct_oper_list.vector[2] 
_pdbx_struct_oper_list.matrix[3][1] 
_pdbx_struct_oper_list.matrix[3][2] 
_pdbx_struct_oper_list.matrix[3][3] 
_pdbx_struct_oper_list.vector[3] 
1 'identity operation'         1_555 x,y,z  1.0000000000  0.0000000000  0.0000000000 0.0000000000   0.0000000000  1.0000000000 0.0000000000  0.0000000000  0.0000000000 0.0000000000  1.0000000000  0.0000000000 
2 'crystal symmetry operation' 7_555 y,x,-z -0.5278540705 -0.7898396696 0.3122873301 -21.1729367360 -0.7898396696 0.3213006080 -0.5224167068 -9.0822359576 0.3122873301 -0.5224167068 -0.7934465375 9.0404104656 
# 
loop_
_struct_conf.conf_type_id 
_struct_conf.id 
_struct_conf.pdbx_PDB_helix_id 
_struct_conf.beg_label_comp_id 
_struct_conf.beg_label_asym_id 
_struct_conf.beg_label_seq_id 
_struct_conf.pdbx_beg_PDB_ins_code 
_struct_conf.end_label_comp_id 
_struct_conf.end_label_asym_id 
_struct_conf.end_label_seq_id 
_struct_conf.pdbx_end_PDB_ins_code 
_struct_conf.beg_auth_comp_id 
_struct_conf.beg_auth_asym_id 
_struct_conf.beg_auth_seq_id 
_struct_conf.end_auth_comp_id 
_struct_conf.end_auth_asym_id 
_struct_conf.end_auth_seq_id 
_struct_conf.pdbx_PDB_helix_class 
_struct_conf.details 
_struct_conf.pdbx_PDB_helix_length 
HELX_P HELX_P1  AA1 ASP A 36  ? ARG A 52  ? ASP A 24  ARG A 40  1 ? 17 
HELX_P HELX_P2  AA2 PRO A 53  ? ILE A 57  ? PRO A 41  ILE A 45  5 ? 5  
HELX_P HELX_P3  AA3 SER A 58  ? ALA A 66  ? SER A 46  ALA A 54  1 ? 9  
HELX_P HELX_P4  AA4 SER A 69  ? PHE A 77  ? SER A 57  PHE A 65  1 ? 9  
HELX_P HELX_P5  AA5 SER A 79  ? ALA A 103 ? SER A 67  ALA A 91  1 ? 25 
HELX_P HELX_P6  AA6 ARG A 111 ? SER A 128 ? ARG A 99  SER A 116 1 ? 18 
HELX_P HELX_P7  AA7 HIS A 129 ? ARG A 140 ? HIS A 117 ARG A 128 1 ? 12 
HELX_P HELX_P8  AA8 SER A 143 ? ARG A 171 ? SER A 131 ARG A 159 1 ? 29 
HELX_P HELX_P9  AA9 PRO A 179 ? ALA A 200 ? PRO A 167 ALA A 188 1 ? 22 
HELX_P HELX_P10 AB1 PRO A 207 ? GLY A 225 ? PRO A 195 GLY A 213 1 ? 19 
# 
_struct_conf_type.id          HELX_P 
_struct_conf_type.criteria    ? 
_struct_conf_type.reference   ? 
# 
_struct_mon_prot_cis.pdbx_id                1 
_struct_mon_prot_cis.label_comp_id          GLN 
_struct_mon_prot_cis.label_seq_id           203 
_struct_mon_prot_cis.label_asym_id          A 
_struct_mon_prot_cis.label_alt_id           . 
_struct_mon_prot_cis.pdbx_PDB_ins_code      ? 
_struct_mon_prot_cis.auth_comp_id           GLN 
_struct_mon_prot_cis.auth_seq_id            191 
_struct_mon_prot_cis.auth_asym_id           A 
_struct_mon_prot_cis.pdbx_label_comp_id_2   PRO 
_struct_mon_prot_cis.pdbx_label_seq_id_2    204 
_struct_mon_prot_cis.pdbx_label_asym_id_2   A 
_struct_mon_prot_cis.pdbx_PDB_ins_code_2    ? 
_struct_mon_prot_cis.pdbx_auth_comp_id_2    PRO 
_struct_mon_prot_cis.pdbx_auth_seq_id_2     192 
_struct_mon_prot_cis.pdbx_auth_asym_id_2    A 
_struct_mon_prot_cis.pdbx_PDB_model_num     1 
_struct_mon_prot_cis.pdbx_omega_angle       5.45 
# 
_struct_site.id                   AC1 
_struct_site.pdbx_evidence_code   Software 
_struct_site.pdbx_auth_asym_id    A 
_struct_site.pdbx_auth_comp_id    GH5 
_struct_site.pdbx_auth_seq_id     301 
_struct_site.pdbx_auth_ins_code   ? 
_struct_site.pdbx_num_residues    13 
_struct_site.details              'binding site for residue GH5 A 301' 
# 
loop_
_struct_site_gen.id 
_struct_site_gen.site_id 
_struct_site_gen.pdbx_num_res 
_struct_site_gen.label_comp_id 
_struct_site_gen.label_asym_id 
_struct_site_gen.label_seq_id 
_struct_site_gen.pdbx_auth_ins_code 
_struct_site_gen.auth_comp_id 
_struct_site_gen.auth_asym_id 
_struct_site_gen.auth_seq_id 
_struct_site_gen.label_atom_id 
_struct_site_gen.label_alt_id 
_struct_site_gen.symmetry 
_struct_site_gen.details 
1  AC1 13 MET A 114 ? MET A 102 . ? 1_555 ? 
2  AC1 13 GLY A 118 ? GLY A 106 . ? 1_555 ? 
3  AC1 13 ILE A 119 ? ILE A 107 . ? 1_555 ? 
4  AC1 13 PHE A 122 ? PHE A 110 . ? 1_555 ? 
5  AC1 13 PHE A 126 ? PHE A 114 . ? 1_555 ? 
6  AC1 13 MET A 154 ? MET A 142 . ? 1_555 ? 
7  AC1 13 TRP A 157 ? TRP A 145 . ? 1_555 ? 
8  AC1 13 TYR A 160 ? TYR A 148 . ? 1_555 ? 
9  AC1 13 THR A 161 ? THR A 149 . ? 1_555 ? 
10 AC1 13 ASN A 188 ? ASN A 176 . ? 1_555 ? 
11 AC1 13 ASN A 191 ? ASN A 179 . ? 1_555 ? 
12 AC1 13 GLU A 192 ? GLU A 180 . ? 1_555 ? 
13 AC1 13 TRP A 219 ? TRP A 207 . ? 1_555 ? 
# 
_pdbx_validate_torsion.id              1 
_pdbx_validate_torsion.PDB_model_num   1 
_pdbx_validate_torsion.auth_comp_id    THR 
_pdbx_validate_torsion.auth_asym_id    A 
_pdbx_validate_torsion.auth_seq_id     165 
_pdbx_validate_torsion.PDB_ins_code    ? 
_pdbx_validate_torsion.label_alt_id    ? 
_pdbx_validate_torsion.phi             -102.94 
_pdbx_validate_torsion.psi             -110.03 
# 
loop_
_pdbx_unobs_or_zero_occ_residues.id 
_pdbx_unobs_or_zero_occ_residues.PDB_model_num 
_pdbx_unobs_or_zero_occ_residues.polymer_flag 
_pdbx_unobs_or_zero_occ_residues.occupancy_flag 
_pdbx_unobs_or_zero_occ_residues.auth_asym_id 
_pdbx_unobs_or_zero_occ_residues.auth_comp_id 
_pdbx_unobs_or_zero_occ_residues.auth_seq_id 
_pdbx_unobs_or_zero_occ_residues.PDB_ins_code 
_pdbx_unobs_or_zero_occ_residues.label_asym_id 
_pdbx_unobs_or_zero_occ_residues.label_comp_id 
_pdbx_unobs_or_zero_occ_residues.label_seq_id 
1  1 Y 1 A MET -11 ? A MET 1   
2  1 Y 1 A THR -10 ? A THR 2   
3  1 Y 1 A THR -9  ? A THR 3   
4  1 Y 1 A SER -8  ? A SER 4   
5  1 Y 1 A ALA -7  ? A ALA 5   
6  1 Y 1 A ALA -6  ? A ALA 6   
7  1 Y 1 A SER -5  ? A SER 7   
8  1 Y 1 A GLN -4  ? A GLN 8   
9  1 Y 1 A ALA -3  ? A ALA 9   
10 1 Y 1 A SER -2  ? A SER 10  
11 1 Y 1 A LEU -1  ? A LEU 11  
12 1 Y 1 A PRO 0   ? A PRO 12  
13 1 Y 1 A MET 1   ? A MET 13  
14 1 Y 1 A THR 2   ? A THR 14  
15 1 Y 1 A THR 3   ? A THR 15  
16 1 Y 1 A SER 4   ? A SER 16  
17 1 Y 1 A ALA 5   ? A ALA 17  
18 1 Y 1 A ALA 6   ? A ALA 18  
19 1 Y 1 A SER 7   ? A SER 19  
20 1 Y 1 A GLN 8   ? A GLN 20  
21 1 Y 1 A ALA 9   ? A ALA 21  
22 1 Y 1 A SER 10  ? A SER 22  
23 1 Y 1 A LEU 11  ? A LEU 23  
24 1 Y 1 A PRO 12  ? A PRO 24  
25 1 Y 1 A ARG 13  ? A ARG 25  
26 1 Y 1 A GLY 14  ? A GLY 26  
27 1 Y 1 A ARG 15  ? A ARG 27  
28 1 Y 1 A ARG 16  ? A ARG 28  
29 1 Y 1 A THR 17  ? A THR 29  
30 1 Y 1 A ALA 18  ? A ALA 30  
31 1 Y 1 A ARG 19  ? A ARG 31  
32 1 Y 1 A PRO 20  ? A PRO 32  
33 1 Y 1 A SER 21  ? A SER 33  
34 1 Y 1 A GLY 22  ? A GLY 34  
35 1 Y 1 A ASP 23  ? A ASP 35  
36 1 Y 1 A ASN 93  ? A ASN 105 
37 1 Y 1 A PRO 94  ? A PRO 106 
38 1 Y 1 A ALA 95  ? A ALA 107 
39 1 Y 1 A ASP 96  ? A ASP 108 
40 1 Y 1 A THR 97  ? A THR 109 
41 1 Y 1 A ASN 215 ? A ASN 227 
42 1 Y 1 A ARG 216 ? A ARG 228 
# 
loop_
_chem_comp_atom.comp_id 
_chem_comp_atom.atom_id 
_chem_comp_atom.type_symbol 
_chem_comp_atom.pdbx_aromatic_flag 
_chem_comp_atom.pdbx_stereo_config 
_chem_comp_atom.pdbx_ordinal 
ALA N    N N N 1   
ALA CA   C N S 2   
ALA C    C N N 3   
ALA O    O N N 4   
ALA CB   C N N 5   
ALA OXT  O N N 6   
ALA H    H N N 7   
ALA H2   H N N 8   
ALA HA   H N N 9   
ALA HB1  H N N 10  
ALA HB2  H N N 11  
ALA HB3  H N N 12  
ALA HXT  H N N 13  
ARG N    N N N 14  
ARG CA   C N S 15  
ARG C    C N N 16  
ARG O    O N N 17  
ARG CB   C N N 18  
ARG CG   C N N 19  
ARG CD   C N N 20  
ARG NE   N N N 21  
ARG CZ   C N N 22  
ARG NH1  N N N 23  
ARG NH2  N N N 24  
ARG OXT  O N N 25  
ARG H    H N N 26  
ARG H2   H N N 27  
ARG HA   H N N 28  
ARG HB2  H N N 29  
ARG HB3  H N N 30  
ARG HG2  H N N 31  
ARG HG3  H N N 32  
ARG HD2  H N N 33  
ARG HD3  H N N 34  
ARG HE   H N N 35  
ARG HH11 H N N 36  
ARG HH12 H N N 37  
ARG HH21 H N N 38  
ARG HH22 H N N 39  
ARG HXT  H N N 40  
ASN N    N N N 41  
ASN CA   C N S 42  
ASN C    C N N 43  
ASN O    O N N 44  
ASN CB   C N N 45  
ASN CG   C N N 46  
ASN OD1  O N N 47  
ASN ND2  N N N 48  
ASN OXT  O N N 49  
ASN H    H N N 50  
ASN H2   H N N 51  
ASN HA   H N N 52  
ASN HB2  H N N 53  
ASN HB3  H N N 54  
ASN HD21 H N N 55  
ASN HD22 H N N 56  
ASN HXT  H N N 57  
ASP N    N N N 58  
ASP CA   C N S 59  
ASP C    C N N 60  
ASP O    O N N 61  
ASP CB   C N N 62  
ASP CG   C N N 63  
ASP OD1  O N N 64  
ASP OD2  O N N 65  
ASP OXT  O N N 66  
ASP H    H N N 67  
ASP H2   H N N 68  
ASP HA   H N N 69  
ASP HB2  H N N 70  
ASP HB3  H N N 71  
ASP HD2  H N N 72  
ASP HXT  H N N 73  
GH5 C4   C N N 74  
GH5 C14  C Y N 75  
GH5 C5   C N N 76  
GH5 C6   C N N 77  
GH5 C11  C Y N 78  
GH5 C7   C N N 79  
GH5 C8   C N N 80  
GH5 C9   C N N 81  
GH5 C10  C Y N 82  
GH5 C12  C Y N 83  
GH5 C13  C Y N 84  
GH5 N1   N N N 85  
GH5 N2   N Y N 86  
GH5 C3   C N N 87  
GH5 N3   N Y N 88  
GH5 F1   F N N 89  
GH5 C1   C N N 90  
GH5 F2   F N N 91  
GH5 F3   F N N 92  
GH5 C2   C N N 93  
GH5 O1   O N N 94  
GH5 O2   O Y N 95  
GH5 C15  C Y N 96  
GH5 C16  C Y N 97  
GH5 C17  C Y N 98  
GH5 H1   H N N 99  
GH5 H2   H N N 100 
GH5 H3   H N N 101 
GH5 H4   H N N 102 
GH5 H5   H N N 103 
GH5 H6   H N N 104 
GH5 H7   H N N 105 
GH5 H8   H N N 106 
GH5 H9   H N N 107 
GH5 H10  H N N 108 
GH5 H11  H N N 109 
GH5 H12  H N N 110 
GH5 H13  H N N 111 
GH5 H14  H N N 112 
GH5 H15  H N N 113 
GH5 H16  H N N 114 
GH5 H17  H N N 115 
GH5 H18  H N N 116 
GLN N    N N N 117 
GLN CA   C N S 118 
GLN C    C N N 119 
GLN O    O N N 120 
GLN CB   C N N 121 
GLN CG   C N N 122 
GLN CD   C N N 123 
GLN OE1  O N N 124 
GLN NE2  N N N 125 
GLN OXT  O N N 126 
GLN H    H N N 127 
GLN H2   H N N 128 
GLN HA   H N N 129 
GLN HB2  H N N 130 
GLN HB3  H N N 131 
GLN HG2  H N N 132 
GLN HG3  H N N 133 
GLN HE21 H N N 134 
GLN HE22 H N N 135 
GLN HXT  H N N 136 
GLU N    N N N 137 
GLU CA   C N S 138 
GLU C    C N N 139 
GLU O    O N N 140 
GLU CB   C N N 141 
GLU CG   C N N 142 
GLU CD   C N N 143 
GLU OE1  O N N 144 
GLU OE2  O N N 145 
GLU OXT  O N N 146 
GLU H    H N N 147 
GLU H2   H N N 148 
GLU HA   H N N 149 
GLU HB2  H N N 150 
GLU HB3  H N N 151 
GLU HG2  H N N 152 
GLU HG3  H N N 153 
GLU HE2  H N N 154 
GLU HXT  H N N 155 
GLY N    N N N 156 
GLY CA   C N N 157 
GLY C    C N N 158 
GLY O    O N N 159 
GLY OXT  O N N 160 
GLY H    H N N 161 
GLY H2   H N N 162 
GLY HA2  H N N 163 
GLY HA3  H N N 164 
GLY HXT  H N N 165 
HIS N    N N N 166 
HIS CA   C N S 167 
HIS C    C N N 168 
HIS O    O N N 169 
HIS CB   C N N 170 
HIS CG   C Y N 171 
HIS ND1  N Y N 172 
HIS CD2  C Y N 173 
HIS CE1  C Y N 174 
HIS NE2  N Y N 175 
HIS OXT  O N N 176 
HIS H    H N N 177 
HIS H2   H N N 178 
HIS HA   H N N 179 
HIS HB2  H N N 180 
HIS HB3  H N N 181 
HIS HD1  H N N 182 
HIS HD2  H N N 183 
HIS HE1  H N N 184 
HIS HE2  H N N 185 
HIS HXT  H N N 186 
HOH O    O N N 187 
HOH H1   H N N 188 
HOH H2   H N N 189 
ILE N    N N N 190 
ILE CA   C N S 191 
ILE C    C N N 192 
ILE O    O N N 193 
ILE CB   C N S 194 
ILE CG1  C N N 195 
ILE CG2  C N N 196 
ILE CD1  C N N 197 
ILE OXT  O N N 198 
ILE H    H N N 199 
ILE H2   H N N 200 
ILE HA   H N N 201 
ILE HB   H N N 202 
ILE HG12 H N N 203 
ILE HG13 H N N 204 
ILE HG21 H N N 205 
ILE HG22 H N N 206 
ILE HG23 H N N 207 
ILE HD11 H N N 208 
ILE HD12 H N N 209 
ILE HD13 H N N 210 
ILE HXT  H N N 211 
LEU N    N N N 212 
LEU CA   C N S 213 
LEU C    C N N 214 
LEU O    O N N 215 
LEU CB   C N N 216 
LEU CG   C N N 217 
LEU CD1  C N N 218 
LEU CD2  C N N 219 
LEU OXT  O N N 220 
LEU H    H N N 221 
LEU H2   H N N 222 
LEU HA   H N N 223 
LEU HB2  H N N 224 
LEU HB3  H N N 225 
LEU HG   H N N 226 
LEU HD11 H N N 227 
LEU HD12 H N N 228 
LEU HD13 H N N 229 
LEU HD21 H N N 230 
LEU HD22 H N N 231 
LEU HD23 H N N 232 
LEU HXT  H N N 233 
LYS N    N N N 234 
LYS CA   C N S 235 
LYS C    C N N 236 
LYS O    O N N 237 
LYS CB   C N N 238 
LYS CG   C N N 239 
LYS CD   C N N 240 
LYS CE   C N N 241 
LYS NZ   N N N 242 
LYS OXT  O N N 243 
LYS H    H N N 244 
LYS H2   H N N 245 
LYS HA   H N N 246 
LYS HB2  H N N 247 
LYS HB3  H N N 248 
LYS HG2  H N N 249 
LYS HG3  H N N 250 
LYS HD2  H N N 251 
LYS HD3  H N N 252 
LYS HE2  H N N 253 
LYS HE3  H N N 254 
LYS HZ1  H N N 255 
LYS HZ2  H N N 256 
LYS HZ3  H N N 257 
LYS HXT  H N N 258 
MET N    N N N 259 
MET CA   C N S 260 
MET C    C N N 261 
MET O    O N N 262 
MET CB   C N N 263 
MET CG   C N N 264 
MET SD   S N N 265 
MET CE   C N N 266 
MET OXT  O N N 267 
MET H    H N N 268 
MET H2   H N N 269 
MET HA   H N N 270 
MET HB2  H N N 271 
MET HB3  H N N 272 
MET HG2  H N N 273 
MET HG3  H N N 274 
MET HE1  H N N 275 
MET HE2  H N N 276 
MET HE3  H N N 277 
MET HXT  H N N 278 
PHE N    N N N 279 
PHE CA   C N S 280 
PHE C    C N N 281 
PHE O    O N N 282 
PHE CB   C N N 283 
PHE CG   C Y N 284 
PHE CD1  C Y N 285 
PHE CD2  C Y N 286 
PHE CE1  C Y N 287 
PHE CE2  C Y N 288 
PHE CZ   C Y N 289 
PHE OXT  O N N 290 
PHE H    H N N 291 
PHE H2   H N N 292 
PHE HA   H N N 293 
PHE HB2  H N N 294 
PHE HB3  H N N 295 
PHE HD1  H N N 296 
PHE HD2  H N N 297 
PHE HE1  H N N 298 
PHE HE2  H N N 299 
PHE HZ   H N N 300 
PHE HXT  H N N 301 
PRO N    N N N 302 
PRO CA   C N S 303 
PRO C    C N N 304 
PRO O    O N N 305 
PRO CB   C N N 306 
PRO CG   C N N 307 
PRO CD   C N N 308 
PRO OXT  O N N 309 
PRO H    H N N 310 
PRO HA   H N N 311 
PRO HB2  H N N 312 
PRO HB3  H N N 313 
PRO HG2  H N N 314 
PRO HG3  H N N 315 
PRO HD2  H N N 316 
PRO HD3  H N N 317 
PRO HXT  H N N 318 
SER N    N N N 319 
SER CA   C N S 320 
SER C    C N N 321 
SER O    O N N 322 
SER CB   C N N 323 
SER OG   O N N 324 
SER OXT  O N N 325 
SER H    H N N 326 
SER H2   H N N 327 
SER HA   H N N 328 
SER HB2  H N N 329 
SER HB3  H N N 330 
SER HG   H N N 331 
SER HXT  H N N 332 
THR N    N N N 333 
THR CA   C N S 334 
THR C    C N N 335 
THR O    O N N 336 
THR CB   C N R 337 
THR OG1  O N N 338 
THR CG2  C N N 339 
THR OXT  O N N 340 
THR H    H N N 341 
THR H2   H N N 342 
THR HA   H N N 343 
THR HB   H N N 344 
THR HG1  H N N 345 
THR HG21 H N N 346 
THR HG22 H N N 347 
THR HG23 H N N 348 
THR HXT  H N N 349 
TRP N    N N N 350 
TRP CA   C N S 351 
TRP C    C N N 352 
TRP O    O N N 353 
TRP CB   C N N 354 
TRP CG   C Y N 355 
TRP CD1  C Y N 356 
TRP CD2  C Y N 357 
TRP NE1  N Y N 358 
TRP CE2  C Y N 359 
TRP CE3  C Y N 360 
TRP CZ2  C Y N 361 
TRP CZ3  C Y N 362 
TRP CH2  C Y N 363 
TRP OXT  O N N 364 
TRP H    H N N 365 
TRP H2   H N N 366 
TRP HA   H N N 367 
TRP HB2  H N N 368 
TRP HB3  H N N 369 
TRP HD1  H N N 370 
TRP HE1  H N N 371 
TRP HE3  H N N 372 
TRP HZ2  H N N 373 
TRP HZ3  H N N 374 
TRP HH2  H N N 375 
TRP HXT  H N N 376 
TYR N    N N N 377 
TYR CA   C N S 378 
TYR C    C N N 379 
TYR O    O N N 380 
TYR CB   C N N 381 
TYR CG   C Y N 382 
TYR CD1  C Y N 383 
TYR CD2  C Y N 384 
TYR CE1  C Y N 385 
TYR CE2  C Y N 386 
TYR CZ   C Y N 387 
TYR OH   O N N 388 
TYR OXT  O N N 389 
TYR H    H N N 390 
TYR H2   H N N 391 
TYR HA   H N N 392 
TYR HB2  H N N 393 
TYR HB3  H N N 394 
TYR HD1  H N N 395 
TYR HD2  H N N 396 
TYR HE1  H N N 397 
TYR HE2  H N N 398 
TYR HH   H N N 399 
TYR HXT  H N N 400 
VAL N    N N N 401 
VAL CA   C N S 402 
VAL C    C N N 403 
VAL O    O N N 404 
VAL CB   C N N 405 
VAL CG1  C N N 406 
VAL CG2  C N N 407 
VAL OXT  O N N 408 
VAL H    H N N 409 
VAL H2   H N N 410 
VAL HA   H N N 411 
VAL HB   H N N 412 
VAL HG11 H N N 413 
VAL HG12 H N N 414 
VAL HG13 H N N 415 
VAL HG21 H N N 416 
VAL HG22 H N N 417 
VAL HG23 H N N 418 
VAL HXT  H N N 419 
# 
loop_
_chem_comp_bond.comp_id 
_chem_comp_bond.atom_id_1 
_chem_comp_bond.atom_id_2 
_chem_comp_bond.value_order 
_chem_comp_bond.pdbx_aromatic_flag 
_chem_comp_bond.pdbx_stereo_config 
_chem_comp_bond.pdbx_ordinal 
ALA N   CA   sing N N 1   
ALA N   H    sing N N 2   
ALA N   H2   sing N N 3   
ALA CA  C    sing N N 4   
ALA CA  CB   sing N N 5   
ALA CA  HA   sing N N 6   
ALA C   O    doub N N 7   
ALA C   OXT  sing N N 8   
ALA CB  HB1  sing N N 9   
ALA CB  HB2  sing N N 10  
ALA CB  HB3  sing N N 11  
ALA OXT HXT  sing N N 12  
ARG N   CA   sing N N 13  
ARG N   H    sing N N 14  
ARG N   H2   sing N N 15  
ARG CA  C    sing N N 16  
ARG CA  CB   sing N N 17  
ARG CA  HA   sing N N 18  
ARG C   O    doub N N 19  
ARG C   OXT  sing N N 20  
ARG CB  CG   sing N N 21  
ARG CB  HB2  sing N N 22  
ARG CB  HB3  sing N N 23  
ARG CG  CD   sing N N 24  
ARG CG  HG2  sing N N 25  
ARG CG  HG3  sing N N 26  
ARG CD  NE   sing N N 27  
ARG CD  HD2  sing N N 28  
ARG CD  HD3  sing N N 29  
ARG NE  CZ   sing N N 30  
ARG NE  HE   sing N N 31  
ARG CZ  NH1  sing N N 32  
ARG CZ  NH2  doub N N 33  
ARG NH1 HH11 sing N N 34  
ARG NH1 HH12 sing N N 35  
ARG NH2 HH21 sing N N 36  
ARG NH2 HH22 sing N N 37  
ARG OXT HXT  sing N N 38  
ASN N   CA   sing N N 39  
ASN N   H    sing N N 40  
ASN N   H2   sing N N 41  
ASN CA  C    sing N N 42  
ASN CA  CB   sing N N 43  
ASN CA  HA   sing N N 44  
ASN C   O    doub N N 45  
ASN C   OXT  sing N N 46  
ASN CB  CG   sing N N 47  
ASN CB  HB2  sing N N 48  
ASN CB  HB3  sing N N 49  
ASN CG  OD1  doub N N 50  
ASN CG  ND2  sing N N 51  
ASN ND2 HD21 sing N N 52  
ASN ND2 HD22 sing N N 53  
ASN OXT HXT  sing N N 54  
ASP N   CA   sing N N 55  
ASP N   H    sing N N 56  
ASP N   H2   sing N N 57  
ASP CA  C    sing N N 58  
ASP CA  CB   sing N N 59  
ASP CA  HA   sing N N 60  
ASP C   O    doub N N 61  
ASP C   OXT  sing N N 62  
ASP CB  CG   sing N N 63  
ASP CB  HB2  sing N N 64  
ASP CB  HB3  sing N N 65  
ASP CG  OD1  doub N N 66  
ASP CG  OD2  sing N N 67  
ASP OD2 HD2  sing N N 68  
ASP OXT HXT  sing N N 69  
GH5 O1  C4   doub N N 70  
GH5 F2  C1   sing N N 71  
GH5 C2  C1   sing N N 72  
GH5 C2  C3   sing N N 73  
GH5 C1  F3   sing N N 74  
GH5 C1  F1   sing N N 75  
GH5 C4  C3   sing N N 76  
GH5 C4  N1   sing N N 77  
GH5 C9  C8   sing N N 78  
GH5 C9  N1   sing N N 79  
GH5 C8  C7   sing N N 80  
GH5 N1  C5   sing N N 81  
GH5 C16 C17  doub Y N 82  
GH5 C16 C15  sing Y N 83  
GH5 C17 C12  sing Y N 84  
GH5 N3  C10  doub Y N 85  
GH5 N3  C11  sing Y N 86  
GH5 C7  C6   sing N N 87  
GH5 C7  C10  sing N N 88  
GH5 C15 C14  doub Y N 89  
GH5 C5  C6   sing N N 90  
GH5 C12 C11  sing N N 91  
GH5 C12 C13  doub Y N 92  
GH5 C10 O2   sing Y N 93  
GH5 C11 N2   doub Y N 94  
GH5 C14 C13  sing Y N 95  
GH5 O2  N2   sing Y N 96  
GH5 C14 H1   sing N N 97  
GH5 C5  H2   sing N N 98  
GH5 C5  H3   sing N N 99  
GH5 C6  H4   sing N N 100 
GH5 C6  H5   sing N N 101 
GH5 C7  H6   sing N N 102 
GH5 C8  H7   sing N N 103 
GH5 C8  H8   sing N N 104 
GH5 C9  H9   sing N N 105 
GH5 C9  H10  sing N N 106 
GH5 C13 H11  sing N N 107 
GH5 C3  H12  sing N N 108 
GH5 C3  H13  sing N N 109 
GH5 C2  H14  sing N N 110 
GH5 C2  H15  sing N N 111 
GH5 C15 H16  sing N N 112 
GH5 C16 H17  sing N N 113 
GH5 C17 H18  sing N N 114 
GLN N   CA   sing N N 115 
GLN N   H    sing N N 116 
GLN N   H2   sing N N 117 
GLN CA  C    sing N N 118 
GLN CA  CB   sing N N 119 
GLN CA  HA   sing N N 120 
GLN C   O    doub N N 121 
GLN C   OXT  sing N N 122 
GLN CB  CG   sing N N 123 
GLN CB  HB2  sing N N 124 
GLN CB  HB3  sing N N 125 
GLN CG  CD   sing N N 126 
GLN CG  HG2  sing N N 127 
GLN CG  HG3  sing N N 128 
GLN CD  OE1  doub N N 129 
GLN CD  NE2  sing N N 130 
GLN NE2 HE21 sing N N 131 
GLN NE2 HE22 sing N N 132 
GLN OXT HXT  sing N N 133 
GLU N   CA   sing N N 134 
GLU N   H    sing N N 135 
GLU N   H2   sing N N 136 
GLU CA  C    sing N N 137 
GLU CA  CB   sing N N 138 
GLU CA  HA   sing N N 139 
GLU C   O    doub N N 140 
GLU C   OXT  sing N N 141 
GLU CB  CG   sing N N 142 
GLU CB  HB2  sing N N 143 
GLU CB  HB3  sing N N 144 
GLU CG  CD   sing N N 145 
GLU CG  HG2  sing N N 146 
GLU CG  HG3  sing N N 147 
GLU CD  OE1  doub N N 148 
GLU CD  OE2  sing N N 149 
GLU OE2 HE2  sing N N 150 
GLU OXT HXT  sing N N 151 
GLY N   CA   sing N N 152 
GLY N   H    sing N N 153 
GLY N   H2   sing N N 154 
GLY CA  C    sing N N 155 
GLY CA  HA2  sing N N 156 
GLY CA  HA3  sing N N 157 
GLY C   O    doub N N 158 
GLY C   OXT  sing N N 159 
GLY OXT HXT  sing N N 160 
HIS N   CA   sing N N 161 
HIS N   H    sing N N 162 
HIS N   H2   sing N N 163 
HIS CA  C    sing N N 164 
HIS CA  CB   sing N N 165 
HIS CA  HA   sing N N 166 
HIS C   O    doub N N 167 
HIS C   OXT  sing N N 168 
HIS CB  CG   sing N N 169 
HIS CB  HB2  sing N N 170 
HIS CB  HB3  sing N N 171 
HIS CG  ND1  sing Y N 172 
HIS CG  CD2  doub Y N 173 
HIS ND1 CE1  doub Y N 174 
HIS ND1 HD1  sing N N 175 
HIS CD2 NE2  sing Y N 176 
HIS CD2 HD2  sing N N 177 
HIS CE1 NE2  sing Y N 178 
HIS CE1 HE1  sing N N 179 
HIS NE2 HE2  sing N N 180 
HIS OXT HXT  sing N N 181 
HOH O   H1   sing N N 182 
HOH O   H2   sing N N 183 
ILE N   CA   sing N N 184 
ILE N   H    sing N N 185 
ILE N   H2   sing N N 186 
ILE CA  C    sing N N 187 
ILE CA  CB   sing N N 188 
ILE CA  HA   sing N N 189 
ILE C   O    doub N N 190 
ILE C   OXT  sing N N 191 
ILE CB  CG1  sing N N 192 
ILE CB  CG2  sing N N 193 
ILE CB  HB   sing N N 194 
ILE CG1 CD1  sing N N 195 
ILE CG1 HG12 sing N N 196 
ILE CG1 HG13 sing N N 197 
ILE CG2 HG21 sing N N 198 
ILE CG2 HG22 sing N N 199 
ILE CG2 HG23 sing N N 200 
ILE CD1 HD11 sing N N 201 
ILE CD1 HD12 sing N N 202 
ILE CD1 HD13 sing N N 203 
ILE OXT HXT  sing N N 204 
LEU N   CA   sing N N 205 
LEU N   H    sing N N 206 
LEU N   H2   sing N N 207 
LEU CA  C    sing N N 208 
LEU CA  CB   sing N N 209 
LEU CA  HA   sing N N 210 
LEU C   O    doub N N 211 
LEU C   OXT  sing N N 212 
LEU CB  CG   sing N N 213 
LEU CB  HB2  sing N N 214 
LEU CB  HB3  sing N N 215 
LEU CG  CD1  sing N N 216 
LEU CG  CD2  sing N N 217 
LEU CG  HG   sing N N 218 
LEU CD1 HD11 sing N N 219 
LEU CD1 HD12 sing N N 220 
LEU CD1 HD13 sing N N 221 
LEU CD2 HD21 sing N N 222 
LEU CD2 HD22 sing N N 223 
LEU CD2 HD23 sing N N 224 
LEU OXT HXT  sing N N 225 
LYS N   CA   sing N N 226 
LYS N   H    sing N N 227 
LYS N   H2   sing N N 228 
LYS CA  C    sing N N 229 
LYS CA  CB   sing N N 230 
LYS CA  HA   sing N N 231 
LYS C   O    doub N N 232 
LYS C   OXT  sing N N 233 
LYS CB  CG   sing N N 234 
LYS CB  HB2  sing N N 235 
LYS CB  HB3  sing N N 236 
LYS CG  CD   sing N N 237 
LYS CG  HG2  sing N N 238 
LYS CG  HG3  sing N N 239 
LYS CD  CE   sing N N 240 
LYS CD  HD2  sing N N 241 
LYS CD  HD3  sing N N 242 
LYS CE  NZ   sing N N 243 
LYS CE  HE2  sing N N 244 
LYS CE  HE3  sing N N 245 
LYS NZ  HZ1  sing N N 246 
LYS NZ  HZ2  sing N N 247 
LYS NZ  HZ3  sing N N 248 
LYS OXT HXT  sing N N 249 
MET N   CA   sing N N 250 
MET N   H    sing N N 251 
MET N   H2   sing N N 252 
MET CA  C    sing N N 253 
MET CA  CB   sing N N 254 
MET CA  HA   sing N N 255 
MET C   O    doub N N 256 
MET C   OXT  sing N N 257 
MET CB  CG   sing N N 258 
MET CB  HB2  sing N N 259 
MET CB  HB3  sing N N 260 
MET CG  SD   sing N N 261 
MET CG  HG2  sing N N 262 
MET CG  HG3  sing N N 263 
MET SD  CE   sing N N 264 
MET CE  HE1  sing N N 265 
MET CE  HE2  sing N N 266 
MET CE  HE3  sing N N 267 
MET OXT HXT  sing N N 268 
PHE N   CA   sing N N 269 
PHE N   H    sing N N 270 
PHE N   H2   sing N N 271 
PHE CA  C    sing N N 272 
PHE CA  CB   sing N N 273 
PHE CA  HA   sing N N 274 
PHE C   O    doub N N 275 
PHE C   OXT  sing N N 276 
PHE CB  CG   sing N N 277 
PHE CB  HB2  sing N N 278 
PHE CB  HB3  sing N N 279 
PHE CG  CD1  doub Y N 280 
PHE CG  CD2  sing Y N 281 
PHE CD1 CE1  sing Y N 282 
PHE CD1 HD1  sing N N 283 
PHE CD2 CE2  doub Y N 284 
PHE CD2 HD2  sing N N 285 
PHE CE1 CZ   doub Y N 286 
PHE CE1 HE1  sing N N 287 
PHE CE2 CZ   sing Y N 288 
PHE CE2 HE2  sing N N 289 
PHE CZ  HZ   sing N N 290 
PHE OXT HXT  sing N N 291 
PRO N   CA   sing N N 292 
PRO N   CD   sing N N 293 
PRO N   H    sing N N 294 
PRO CA  C    sing N N 295 
PRO CA  CB   sing N N 296 
PRO CA  HA   sing N N 297 
PRO C   O    doub N N 298 
PRO C   OXT  sing N N 299 
PRO CB  CG   sing N N 300 
PRO CB  HB2  sing N N 301 
PRO CB  HB3  sing N N 302 
PRO CG  CD   sing N N 303 
PRO CG  HG2  sing N N 304 
PRO CG  HG3  sing N N 305 
PRO CD  HD2  sing N N 306 
PRO CD  HD3  sing N N 307 
PRO OXT HXT  sing N N 308 
SER N   CA   sing N N 309 
SER N   H    sing N N 310 
SER N   H2   sing N N 311 
SER CA  C    sing N N 312 
SER CA  CB   sing N N 313 
SER CA  HA   sing N N 314 
SER C   O    doub N N 315 
SER C   OXT  sing N N 316 
SER CB  OG   sing N N 317 
SER CB  HB2  sing N N 318 
SER CB  HB3  sing N N 319 
SER OG  HG   sing N N 320 
SER OXT HXT  sing N N 321 
THR N   CA   sing N N 322 
THR N   H    sing N N 323 
THR N   H2   sing N N 324 
THR CA  C    sing N N 325 
THR CA  CB   sing N N 326 
THR CA  HA   sing N N 327 
THR C   O    doub N N 328 
THR C   OXT  sing N N 329 
THR CB  OG1  sing N N 330 
THR CB  CG2  sing N N 331 
THR CB  HB   sing N N 332 
THR OG1 HG1  sing N N 333 
THR CG2 HG21 sing N N 334 
THR CG2 HG22 sing N N 335 
THR CG2 HG23 sing N N 336 
THR OXT HXT  sing N N 337 
TRP N   CA   sing N N 338 
TRP N   H    sing N N 339 
TRP N   H2   sing N N 340 
TRP CA  C    sing N N 341 
TRP CA  CB   sing N N 342 
TRP CA  HA   sing N N 343 
TRP C   O    doub N N 344 
TRP C   OXT  sing N N 345 
TRP CB  CG   sing N N 346 
TRP CB  HB2  sing N N 347 
TRP CB  HB3  sing N N 348 
TRP CG  CD1  doub Y N 349 
TRP CG  CD2  sing Y N 350 
TRP CD1 NE1  sing Y N 351 
TRP CD1 HD1  sing N N 352 
TRP CD2 CE2  doub Y N 353 
TRP CD2 CE3  sing Y N 354 
TRP NE1 CE2  sing Y N 355 
TRP NE1 HE1  sing N N 356 
TRP CE2 CZ2  sing Y N 357 
TRP CE3 CZ3  doub Y N 358 
TRP CE3 HE3  sing N N 359 
TRP CZ2 CH2  doub Y N 360 
TRP CZ2 HZ2  sing N N 361 
TRP CZ3 CH2  sing Y N 362 
TRP CZ3 HZ3  sing N N 363 
TRP CH2 HH2  sing N N 364 
TRP OXT HXT  sing N N 365 
TYR N   CA   sing N N 366 
TYR N   H    sing N N 367 
TYR N   H2   sing N N 368 
TYR CA  C    sing N N 369 
TYR CA  CB   sing N N 370 
TYR CA  HA   sing N N 371 
TYR C   O    doub N N 372 
TYR C   OXT  sing N N 373 
TYR CB  CG   sing N N 374 
TYR CB  HB2  sing N N 375 
TYR CB  HB3  sing N N 376 
TYR CG  CD1  doub Y N 377 
TYR CG  CD2  sing Y N 378 
TYR CD1 CE1  sing Y N 379 
TYR CD1 HD1  sing N N 380 
TYR CD2 CE2  doub Y N 381 
TYR CD2 HD2  sing N N 382 
TYR CE1 CZ   doub Y N 383 
TYR CE1 HE1  sing N N 384 
TYR CE2 CZ   sing Y N 385 
TYR CE2 HE2  sing N N 386 
TYR CZ  OH   sing N N 387 
TYR OH  HH   sing N N 388 
TYR OXT HXT  sing N N 389 
VAL N   CA   sing N N 390 
VAL N   H    sing N N 391 
VAL N   H2   sing N N 392 
VAL CA  C    sing N N 393 
VAL CA  CB   sing N N 394 
VAL CA  HA   sing N N 395 
VAL C   O    doub N N 396 
VAL C   OXT  sing N N 397 
VAL CB  CG1  sing N N 398 
VAL CB  CG2  sing N N 399 
VAL CB  HB   sing N N 400 
VAL CG1 HG11 sing N N 401 
VAL CG1 HG12 sing N N 402 
VAL CG1 HG13 sing N N 403 
VAL CG2 HG21 sing N N 404 
VAL CG2 HG22 sing N N 405 
VAL CG2 HG23 sing N N 406 
VAL OXT HXT  sing N N 407 
# 
_pdbx_initial_refinement_model.id               1 
_pdbx_initial_refinement_model.entity_id_list   ? 
_pdbx_initial_refinement_model.type             'experimental model' 
_pdbx_initial_refinement_model.source_name      PDB 
_pdbx_initial_refinement_model.accession_code   1U9N 
_pdbx_initial_refinement_model.details          ? 
# 
_atom_sites.entry_id                    6HNZ 
_atom_sites.fract_transf_matrix[1][1]   0.00779385 
_atom_sites.fract_transf_matrix[1][2]   -0.00252832 
_atom_sites.fract_transf_matrix[1][3]   -0.00014661 
_atom_sites.fract_transf_matrix[2][1]   -0.00216283 
_atom_sites.fract_transf_matrix[2][2]   -0.00689165 
_atom_sites.fract_transf_matrix[2][3]   0.00387108 
_atom_sites.fract_transf_matrix[3][1]   -0.00477020 
_atom_sites.fract_transf_matrix[3][2]   -0.01318867 
_atom_sites.fract_transf_matrix[3][3]   -0.02614486 
_atom_sites.fract_transf_vector[1]      -0.147427 
_atom_sites.fract_transf_vector[2]      -0.290808 
_atom_sites.fract_transf_vector[3]      0.007789 
# 
loop_
_atom_type.symbol 
C 
F 
N 
O 
S 
# 
loop_
_atom_site.group_PDB 
_atom_site.id 
_atom_site.type_symbol 
_atom_site.label_atom_id 
_atom_site.label_alt_id 
_atom_site.label_comp_id 
_atom_site.label_asym_id 
_atom_site.label_entity_id 
_atom_site.label_seq_id 
_atom_site.pdbx_PDB_ins_code 
_atom_site.Cartn_x 
_atom_site.Cartn_y 
_atom_site.Cartn_z 
_atom_site.occupancy 
_atom_site.B_iso_or_equiv 
_atom_site.pdbx_formal_charge 
_atom_site.auth_seq_id 
_atom_site.auth_comp_id 
_atom_site.auth_asym_id 
_atom_site.auth_atom_id 
_atom_site.pdbx_PDB_model_num 
ATOM   1    N N   . ASP A 1 36  ? 8.835   19.137  -10.909 1.00 59.74 ? 24  ASP A N   1 
ATOM   2    C CA  . ASP A 1 36  ? 8.928   20.551  -11.341 1.00 58.72 ? 24  ASP A CA  1 
ATOM   3    C C   . ASP A 1 36  ? 8.007   21.392  -10.432 1.00 49.73 ? 24  ASP A C   1 
ATOM   4    O O   . ASP A 1 36  ? 8.082   21.324  -9.175  1.00 42.08 ? 24  ASP A O   1 
ATOM   5    C CB  . ASP A 1 36  ? 8.596   20.581  -12.845 1.00 65.99 ? 24  ASP A CB  1 
ATOM   6    C CG  . ASP A 1 36  ? 9.118   21.781  -13.623 1.00 78.06 ? 24  ASP A CG  1 
ATOM   7    O OD1 . ASP A 1 36  ? 8.500   22.866  -13.526 1.00 82.90 ? 24  ASP A OD1 1 
ATOM   8    O OD2 . ASP A 1 36  ? 10.131  21.618  -14.341 1.00 82.94 ? 24  ASP A OD2 1 
ATOM   9    N N   . ARG A 1 37  ? 7.107   22.158  -11.040 1.00 46.86 ? 25  ARG A N   1 
ATOM   10   C CA  . ARG A 1 37  ? 5.866   22.604  -10.381 1.00 42.01 ? 25  ARG A CA  1 
ATOM   11   C C   . ARG A 1 37  ? 5.008   21.363  -10.058 1.00 35.98 ? 25  ARG A C   1 
ATOM   12   O O   . ARG A 1 37  ? 4.248   21.428  -9.078  1.00 34.49 ? 25  ARG A O   1 
ATOM   13   C CB  . ARG A 1 37  ? 5.205   23.650  -11.277 1.00 44.80 ? 25  ARG A CB  1 
ATOM   14   C CG  . ARG A 1 37  ? 5.983   24.960  -11.281 1.00 47.37 ? 25  ARG A CG  1 
ATOM   15   C CD  . ARG A 1 37  ? 5.241   26.093  -11.938 1.00 56.87 ? 25  ARG A CD  1 
ATOM   16   N NE  . ARG A 1 37  ? 5.708   26.370  -13.282 1.00 65.71 ? 25  ARG A NE  1 
ATOM   17   C CZ  . ARG A 1 37  ? 5.291   27.384  -14.025 1.00 71.17 ? 25  ARG A CZ  1 
ATOM   18   N NH1 . ARG A 1 37  ? 4.388   28.226  -13.547 1.00 73.73 ? 25  ARG A NH1 1 
ATOM   19   N NH2 . ARG A 1 37  ? 5.785   27.556  -15.241 1.00 74.95 ? 25  ARG A NH2 1 
ATOM   20   N N   . GLU A 1 38  ? 5.101   20.293  -10.856 1.00 36.13 ? 26  GLU A N   1 
ATOM   21   C CA  . GLU A 1 38  ? 4.334   19.033  -10.616 1.00 34.89 ? 26  GLU A CA  1 
ATOM   22   C C   . GLU A 1 38  ? 4.726   18.484  -9.236  1.00 34.01 ? 26  GLU A C   1 
ATOM   23   O O   . GLU A 1 38  ? 3.824   18.206  -8.430  1.00 28.39 ? 26  GLU A O   1 
ATOM   24   C CB  . GLU A 1 38  ? 4.540   18.002  -11.724 1.00 36.96 ? 26  GLU A CB  1 
ATOM   25   C CG  . GLU A 1 38  ? 3.417   16.975  -11.761 1.00 47.11 ? 26  GLU A CG  1 
ATOM   26   C CD  . GLU A 1 38  ? 3.679   15.667  -12.502 1.00 53.02 ? 26  GLU A CD  1 
ATOM   27   O OE1 . GLU A 1 38  ? 4.645   15.622  -13.272 1.00 52.72 ? 26  GLU A OE1 1 
ATOM   28   O OE2 . GLU A 1 38  ? 2.906   14.685  -12.297 1.00 61.91 ? 26  GLU A OE2 1 
ATOM   29   N N   . LEU A 1 39  ? 6.027   18.414  -8.935  1.00 37.00 ? 27  LEU A N   1 
ATOM   30   C CA  . LEU A 1 39  ? 6.549   17.885  -7.648  1.00 33.59 ? 27  LEU A CA  1 
ATOM   31   C C   . LEU A 1 39  ? 6.071   18.771  -6.490  1.00 31.70 ? 27  LEU A C   1 
ATOM   32   O O   . LEU A 1 39  ? 5.671   18.231  -5.444  1.00 30.12 ? 27  LEU A O   1 
ATOM   33   C CB  . LEU A 1 39  ? 8.083   17.814  -7.705  1.00 40.84 ? 27  LEU A CB  1 
ATOM   34   C CG  . LEU A 1 39  ? 8.663   16.657  -8.522  1.00 46.16 ? 27  LEU A CG  1 
ATOM   35   C CD1 . LEU A 1 39  ? 10.195  16.666  -8.485  1.00 48.24 ? 27  LEU A CD1 1 
ATOM   36   C CD2 . LEU A 1 39  ? 8.144   15.317  -8.009  1.00 49.79 ? 27  LEU A CD2 1 
ATOM   37   N N   . ALA A 1 40  ? 6.052   20.097  -6.645  1.00 30.76 ? 28  ALA A N   1 
ATOM   38   C CA  . ALA A 1 40  ? 5.553   21.006  -5.589  1.00 28.64 ? 28  ALA A CA  1 
ATOM   39   C C   . ALA A 1 40  ? 4.046   20.777  -5.391  1.00 25.13 ? 28  ALA A C   1 
ATOM   40   O O   . ALA A 1 40  ? 3.580   20.829  -4.233  1.00 28.52 ? 28  ALA A O   1 
ATOM   41   C CB  . ALA A 1 40  ? 5.886   22.457  -5.951  1.00 32.07 ? 28  ALA A CB  1 
ATOM   42   N N   . ILE A 1 41  ? 3.278   20.488  -6.451  1.00 24.14 ? 29  ILE A N   1 
ATOM   43   C CA  . ILE A 1 41  ? 1.808   20.240  -6.277  1.00 23.89 ? 29  ILE A CA  1 
ATOM   44   C C   . ILE A 1 41  ? 1.675   18.941  -5.445  1.00 23.79 ? 29  ILE A C   1 
ATOM   45   O O   . ILE A 1 41  ? 0.824   18.866  -4.585  1.00 22.75 ? 29  ILE A O   1 
ATOM   46   C CB  . ILE A 1 41  ? 1.084   20.092  -7.625  1.00 22.22 ? 29  ILE A CB  1 
ATOM   47   C CG1 . ILE A 1 41  ? 1.102   21.443  -8.373  1.00 23.93 ? 29  ILE A CG1 1 
ATOM   48   C CG2 . ILE A 1 41  ? -0.319  19.558  -7.436  1.00 21.31 ? 29  ILE A CG2 1 
ATOM   49   C CD1 . ILE A 1 41  ? 0.612   21.360  -9.826  1.00 23.82 ? 29  ILE A CD1 1 
ATOM   50   N N   . LEU A 1 42  ? 2.480   17.941  -5.775  1.00 23.66 ? 30  LEU A N   1 
ATOM   51   C CA  . LEU A 1 42  ? 2.343   16.587  -5.155  1.00 23.68 ? 30  LEU A CA  1 
ATOM   52   C C   . LEU A 1 42  ? 2.767   16.697  -3.685  1.00 25.38 ? 30  LEU A C   1 
ATOM   53   O O   . LEU A 1 42  ? 2.025   16.195  -2.829  1.00 24.59 ? 30  LEU A O   1 
ATOM   54   C CB  . LEU A 1 42  ? 3.173   15.569  -5.931  1.00 25.52 ? 30  LEU A CB  1 
ATOM   55   C CG  . LEU A 1 42  ? 2.645   15.205  -7.317  1.00 25.52 ? 30  LEU A CG  1 
ATOM   56   C CD1 . LEU A 1 42  ? 3.754   14.566  -8.150  1.00 29.04 ? 30  LEU A CD1 1 
ATOM   57   C CD2 . LEU A 1 42  ? 1.449   14.291  -7.255  1.00 26.07 ? 30  LEU A CD2 1 
ATOM   58   N N   . ALA A 1 43  ? 3.876   17.397  -3.395  1.00 26.85 ? 31  ALA A N   1 
ATOM   59   C CA  . ALA A 1 43  ? 4.346   17.613  -2.003  1.00 29.12 ? 31  ALA A CA  1 
ATOM   60   C C   . ALA A 1 43  ? 3.288   18.375  -1.209  1.00 28.88 ? 31  ALA A C   1 
ATOM   61   O O   . ALA A 1 43  ? 2.959   17.978  -0.083  1.00 27.09 ? 31  ALA A O   1 
ATOM   62   C CB  . ALA A 1 43  ? 5.686   18.299  -1.991  1.00 32.41 ? 31  ALA A CB  1 
ATOM   63   N N   . THR A 1 44  ? 2.721   19.451  -1.774  1.00 25.36 ? 32  THR A N   1 
ATOM   64   C CA  . THR A 1 44  ? 1.641   20.191  -1.112  1.00 24.06 ? 32  THR A CA  1 
ATOM   65   C C   . THR A 1 44  ? 0.471   19.267  -0.770  1.00 26.18 ? 32  THR A C   1 
ATOM   66   O O   . THR A 1 44  ? -0.048  19.371  0.366   1.00 28.29 ? 32  THR A O   1 
ATOM   67   C CB  . THR A 1 44  ? 1.127   21.362  -1.972  1.00 25.26 ? 32  THR A CB  1 
ATOM   68   O OG1 . THR A 1 44  ? 2.288   22.125  -2.237  1.00 27.31 ? 32  THR A OG1 1 
ATOM   69   C CG2 . THR A 1 44  ? 0.034   22.132  -1.285  1.00 25.25 ? 32  THR A CG2 1 
ATOM   70   N N   . ALA A 1 45  ? -0.015  18.457  -1.719  1.00 23.88 ? 33  ALA A N   1 
ATOM   71   C CA  . ALA A 1 45  ? -1.223  17.644  -1.491  1.00 24.09 ? 33  ALA A CA  1 
ATOM   72   C C   . ALA A 1 45  ? -0.883  16.632  -0.362  1.00 22.46 ? 33  ALA A C   1 
ATOM   73   O O   . ALA A 1 45  ? -1.708  16.448  0.510   1.00 27.84 ? 33  ALA A O   1 
ATOM   74   C CB  . ALA A 1 45  ? -1.700  16.965  -2.755  1.00 25.95 ? 33  ALA A CB  1 
ATOM   75   N N   . GLU A 1 46  ? 0.318   16.074  -0.348  1.00 25.84 ? 34  GLU A N   1 
ATOM   76   C CA  . GLU A 1 46  ? 0.647   15.036  0.670   1.00 25.82 ? 34  GLU A CA  1 
ATOM   77   C C   . GLU A 1 46  ? 0.687   15.740  2.039   1.00 28.17 ? 34  GLU A C   1 
ATOM   78   O O   . GLU A 1 46  ? 0.083   15.210  3.027   1.00 26.12 ? 34  GLU A O   1 
ATOM   79   C CB  . GLU A 1 46  ? 1.944   14.313  0.307   1.00 27.53 ? 34  GLU A CB  1 
ATOM   80   C CG  . GLU A 1 46  ? 2.401   13.320  1.387   1.00 29.90 ? 34  GLU A CG  1 
ATOM   81   C CD  . GLU A 1 46  ? 3.298   12.177  0.952   1.00 32.80 ? 34  GLU A CD  1 
ATOM   82   O OE1 . GLU A 1 46  ? 4.071   12.356  0.012   1.00 34.54 ? 34  GLU A OE1 1 
ATOM   83   O OE2 . GLU A 1 46  ? 3.194   11.091  1.557   1.00 30.15 ? 34  GLU A OE2 1 
ATOM   84   N N   . ASN A 1 47  ? 1.291   16.936  2.069   1.00 30.84 ? 35  ASN A N   1 
ATOM   85   C CA  . ASN A 1 47  ? 1.352   17.788  3.282   1.00 33.64 ? 35  ASN A CA  1 
ATOM   86   C C   . ASN A 1 47  ? -0.053  18.103  3.777   1.00 31.56 ? 35  ASN A C   1 
ATOM   87   O O   . ASN A 1 47  ? -0.291  17.884  4.988   1.00 33.80 ? 35  ASN A O   1 
ATOM   88   C CB  . ASN A 1 47  ? 2.208   19.034  3.095   1.00 40.64 ? 35  ASN A CB  1 
ATOM   89   C CG  . ASN A 1 47  ? 3.589   18.780  3.633   1.00 49.33 ? 35  ASN A CG  1 
ATOM   90   O OD1 . ASN A 1 47  ? 3.893   19.149  4.768   1.00 64.82 ? 35  ASN A OD1 1 
ATOM   91   N ND2 . ASN A 1 47  ? 4.396   18.069  2.869   1.00 47.66 ? 35  ASN A ND2 1 
ATOM   92   N N   . LEU A 1 48  ? -0.978  18.547  2.919   1.00 30.49 ? 36  LEU A N   1 
ATOM   93   C CA  . LEU A 1 48  ? -2.331  18.923  3.404   1.00 32.90 ? 36  LEU A CA  1 
ATOM   94   C C   . LEU A 1 48  ? -3.136  17.686  3.839   1.00 32.91 ? 36  LEU A C   1 
ATOM   95   O O   . LEU A 1 48  ? -3.865  17.832  4.838   1.00 33.47 ? 36  LEU A O   1 
ATOM   96   C CB  . LEU A 1 48  ? -3.065  19.757  2.358   1.00 33.25 ? 36  LEU A CB  1 
ATOM   97   C CG  . LEU A 1 48  ? -2.322  21.044  1.992   1.00 36.51 ? 36  LEU A CG  1 
ATOM   98   C CD1 . LEU A 1 48  ? -3.031  21.768  0.880   1.00 36.34 ? 36  LEU A CD1 1 
ATOM   99   C CD2 . LEU A 1 48  ? -2.145  21.950  3.201   1.00 38.54 ? 36  LEU A CD2 1 
ATOM   100  N N   . LEU A 1 49  ? -2.962  16.525  3.188   1.00 31.04 ? 37  LEU A N   1 
ATOM   101  C CA  . LEU A 1 49  ? -3.728  15.274  3.470   1.00 30.60 ? 37  LEU A CA  1 
ATOM   102  C C   . LEU A 1 49  ? -3.449  14.773  4.898   1.00 27.13 ? 37  LEU A C   1 
ATOM   103  O O   . LEU A 1 49  ? -4.308  14.034  5.428   1.00 35.86 ? 37  LEU A O   1 
ATOM   104  C CB  . LEU A 1 49  ? -3.368  14.206  2.425   1.00 28.48 ? 37  LEU A CB  1 
ATOM   105  C CG  . LEU A 1 49  ? -4.106  14.415  1.092   1.00 29.43 ? 37  LEU A CG  1 
ATOM   106  C CD1 . LEU A 1 49  ? -3.612  13.495  -0.001  1.00 25.65 ? 37  LEU A CD1 1 
ATOM   107  C CD2 . LEU A 1 49  ? -5.592  14.275  1.257   1.00 27.63 ? 37  LEU A CD2 1 
ATOM   108  N N   . GLU A 1 50  ? -2.299  15.145  5.444   1.00 30.23 ? 38  GLU A N   1 
ATOM   109  C CA  . GLU A 1 50  ? -1.878  14.879  6.842   1.00 35.90 ? 38  GLU A CA  1 
ATOM   110  C C   . GLU A 1 50  ? -2.775  15.674  7.792   1.00 42.07 ? 38  GLU A C   1 
ATOM   111  O O   . GLU A 1 50  ? -3.176  15.123  8.826   1.00 39.42 ? 38  GLU A O   1 
ATOM   112  C CB  . GLU A 1 50  ? -0.378  15.160  6.955   1.00 42.84 ? 38  GLU A CB  1 
ATOM   113  C CG  . GLU A 1 50  ? 0.430   14.062  6.282   1.00 51.37 ? 38  GLU A CG  1 
ATOM   114  C CD  . GLU A 1 50  ? 1.884   14.314  5.921   1.00 56.88 ? 38  GLU A CD  1 
ATOM   115  O OE1 . GLU A 1 50  ? 2.578   15.009  6.676   1.00 68.82 ? 38  GLU A OE1 1 
ATOM   116  O OE2 . GLU A 1 50  ? 2.321   13.790  4.873   1.00 60.46 ? 38  GLU A OE2 1 
ATOM   117  N N   . ASP A 1 51  ? -3.152  16.897  7.407   1.00 47.27 ? 39  ASP A N   1 
ATOM   118  C CA  . ASP A 1 51  ? -4.059  17.761  8.209   1.00 53.83 ? 39  ASP A CA  1 
ATOM   119  C C   . ASP A 1 51  ? -5.526  17.397  7.987   1.00 46.11 ? 39  ASP A C   1 
ATOM   120  O O   . ASP A 1 51  ? -6.276  17.505  8.964   1.00 51.06 ? 39  ASP A O   1 
ATOM   121  C CB  . ASP A 1 51  ? -3.860  19.244  7.908   1.00 61.11 ? 39  ASP A CB  1 
ATOM   122  C CG  . ASP A 1 51  ? -2.874  19.873  8.866   1.00 68.51 ? 39  ASP A CG  1 
ATOM   123  O OD1 . ASP A 1 51  ? -2.018  19.125  9.386   1.00 75.88 ? 39  ASP A OD1 1 
ATOM   124  O OD2 . ASP A 1 51  ? -2.980  21.092  9.093   1.00 69.74 ? 39  ASP A OD2 1 
ATOM   125  N N   . ARG A 1 52  ? -5.959  17.049  6.774   1.00 45.78 ? 40  ARG A N   1 
ATOM   126  C CA  . ARG A 1 52  ? -7.416  16.984  6.479   1.00 40.93 ? 40  ARG A CA  1 
ATOM   127  C C   . ARG A 1 52  ? -7.720  16.140  5.249   1.00 40.19 ? 40  ARG A C   1 
ATOM   128  O O   . ARG A 1 52  ? -6.834  15.798  4.467   1.00 32.27 ? 40  ARG A O   1 
ATOM   129  C CB  . ARG A 1 52  ? -7.964  18.409  6.334   1.00 48.48 ? 40  ARG A CB  1 
ATOM   130  C CG  . ARG A 1 52  ? -7.199  19.327  5.395   1.00 51.06 ? 40  ARG A CG  1 
ATOM   131  C CD  . ARG A 1 52  ? -7.793  20.718  5.569   1.00 56.65 ? 40  ARG A CD  1 
ATOM   132  N NE  . ARG A 1 52  ? -7.631  21.602  4.420   1.00 58.73 ? 40  ARG A NE  1 
ATOM   133  C CZ  . ARG A 1 52  ? -6.590  22.402  4.206   1.00 58.46 ? 40  ARG A CZ  1 
ATOM   134  N NH1 . ARG A 1 52  ? -5.589  22.453  5.070   1.00 55.89 ? 40  ARG A NH1 1 
ATOM   135  N NH2 . ARG A 1 52  ? -6.559  23.157  3.123   1.00 62.48 ? 40  ARG A NH2 1 
ATOM   136  N N   . PRO A 1 53  ? -8.994  15.724  5.086   1.00 40.20 ? 41  PRO A N   1 
ATOM   137  C CA  . PRO A 1 53  ? -9.386  14.884  3.956   1.00 40.94 ? 41  PRO A CA  1 
ATOM   138  C C   . PRO A 1 53  ? -9.437  15.663  2.633   1.00 43.12 ? 41  PRO A C   1 
ATOM   139  O O   . PRO A 1 53  ? -9.432  16.911  2.655   1.00 44.77 ? 41  PRO A O   1 
ATOM   140  C CB  . PRO A 1 53  ? -10.761 14.343  4.362   1.00 43.51 ? 41  PRO A CB  1 
ATOM   141  C CG  . PRO A 1 53  ? -11.303 15.380  5.318   1.00 42.16 ? 41  PRO A CG  1 
ATOM   142  C CD  . PRO A 1 53  ? -10.098 15.930  6.049   1.00 41.17 ? 41  PRO A CD  1 
ATOM   143  N N   . LEU A 1 54  ? -9.416  14.928  1.520   1.00 39.31 ? 42  LEU A N   1 
ATOM   144  C CA  . LEU A 1 54  ? -9.278  15.530  0.174   1.00 41.03 ? 42  LEU A CA  1 
ATOM   145  C C   . LEU A 1 54  ? -10.500 16.422  -0.121  1.00 45.36 ? 42  LEU A C   1 
ATOM   146  O O   . LEU A 1 54  ? -10.325 17.417  -0.853  1.00 54.83 ? 42  LEU A O   1 
ATOM   147  C CB  . LEU A 1 54  ? -9.127  14.428  -0.872  1.00 38.63 ? 42  LEU A CB  1 
ATOM   148  C CG  . LEU A 1 54  ? -8.733  14.934  -2.261  1.00 37.11 ? 42  LEU A CG  1 
ATOM   149  C CD1 . LEU A 1 54  ? -7.289  15.435  -2.293  1.00 35.89 ? 42  LEU A CD1 1 
ATOM   150  C CD2 . LEU A 1 54  ? -8.978  13.856  -3.292  1.00 39.18 ? 42  LEU A CD2 1 
ATOM   151  N N   . ALA A 1 55  ? -11.665 16.107  0.461   1.00 48.04 ? 43  ALA A N   1 
ATOM   152  C CA  . ALA A 1 55  ? -12.904 16.926  0.411   1.00 47.90 ? 43  ALA A CA  1 
ATOM   153  C C   . ALA A 1 55  ? -12.660 18.352  0.931   1.00 51.59 ? 43  ALA A C   1 
ATOM   154  O O   . ALA A 1 55  ? -13.345 19.276  0.441   1.00 50.61 ? 43  ALA A O   1 
ATOM   155  C CB  . ALA A 1 55  ? -13.995 16.256  1.206   1.00 45.49 ? 43  ALA A CB  1 
ATOM   156  N N   . ASP A 1 56  ? -11.739 18.546  1.877   1.00 46.05 ? 44  ASP A N   1 
ATOM   157  C CA  . ASP A 1 56  ? -11.506 19.847  2.560   1.00 43.66 ? 44  ASP A CA  1 
ATOM   158  C C   . ASP A 1 56  ? -10.232 20.506  2.038   1.00 43.14 ? 44  ASP A C   1 
ATOM   159  O O   . ASP A 1 56  ? -9.696  21.402  2.731   1.00 47.65 ? 44  ASP A O   1 
ATOM   160  C CB  . ASP A 1 56  ? -11.427 19.649  4.071   1.00 48.13 ? 44  ASP A CB  1 
ATOM   161  C CG  . ASP A 1 56  ? -12.667 19.007  4.671   1.00 51.99 ? 44  ASP A CG  1 
ATOM   162  O OD1 . ASP A 1 56  ? -13.583 18.628  3.901   1.00 56.09 ? 44  ASP A OD1 1 
ATOM   163  O OD2 . ASP A 1 56  ? -12.704 18.890  5.908   1.00 60.47 ? 44  ASP A OD2 1 
ATOM   164  N N   . ILE A 1 57  ? -9.733  20.031  0.897   1.00 43.25 ? 45  ILE A N   1 
ATOM   165  C CA  . ILE A 1 57  ? -8.563  20.605  0.177   1.00 41.72 ? 45  ILE A CA  1 
ATOM   166  C C   . ILE A 1 57  ? -9.087  21.116  -1.169  1.00 38.68 ? 45  ILE A C   1 
ATOM   167  O O   . ILE A 1 57  ? -9.712  20.334  -1.910  1.00 36.67 ? 45  ILE A O   1 
ATOM   168  C CB  . ILE A 1 57  ? -7.424  19.579  0.013   1.00 36.75 ? 45  ILE A CB  1 
ATOM   169  C CG1 . ILE A 1 57  ? -6.904  19.078  1.368   1.00 36.79 ? 45  ILE A CG1 1 
ATOM   170  C CG2 . ILE A 1 57  ? -6.282  20.153  -0.818  1.00 37.91 ? 45  ILE A CG2 1 
ATOM   171  C CD1 . ILE A 1 57  ? -5.960  17.900  1.266   1.00 36.59 ? 45  ILE A CD1 1 
ATOM   172  N N   . SER A 1 58  ? -8.893  22.402  -1.434  1.00 43.70 ? 46  SER A N   1 
ATOM   173  C CA  . SER A 1 58  ? -9.304  23.042  -2.714  1.00 46.59 ? 46  SER A CA  1 
ATOM   174  C C   . SER A 1 58  ? -8.091  23.060  -3.644  1.00 42.00 ? 46  SER A C   1 
ATOM   175  O O   . SER A 1 58  ? -6.957  23.089  -3.146  1.00 48.20 ? 46  SER A O   1 
ATOM   176  C CB  . SER A 1 58  ? -9.846  24.431  -2.480  1.00 38.53 ? 46  SER A CB  1 
ATOM   177  O OG  . SER A 1 58  ? -8.959  25.150  -1.634  1.00 39.33 ? 46  SER A OG  1 
ATOM   178  N N   . VAL A 1 59  ? -8.336  23.076  -4.946  1.00 49.26 ? 47  VAL A N   1 
ATOM   179  C CA  . VAL A 1 59  ? -7.279  23.196  -5.990  1.00 44.80 ? 47  VAL A CA  1 
ATOM   180  C C   . VAL A 1 59  ? -6.493  24.478  -5.689  1.00 42.44 ? 47  VAL A C   1 
ATOM   181  O O   . VAL A 1 59  ? -5.321  24.591  -6.043  1.00 44.88 ? 47  VAL A O   1 
ATOM   182  C CB  . VAL A 1 59  ? -7.927  23.151  -7.383  1.00 48.41 ? 47  VAL A CB  1 
ATOM   183  C CG1 . VAL A 1 59  ? -6.925  23.431  -8.488  1.00 47.76 ? 47  VAL A CG1 1 
ATOM   184  C CG2 . VAL A 1 59  ? -8.641  21.824  -7.631  1.00 49.34 ? 47  VAL A CG2 1 
ATOM   185  N N   . ASP A 1 60  ? -7.114  25.377  -4.932  1.00 48.20 ? 48  ASP A N   1 
ATOM   186  C CA  . ASP A 1 60  ? -6.583  26.713  -4.559  1.00 47.92 ? 48  ASP A CA  1 
ATOM   187  C C   . ASP A 1 60  ? -5.497  26.547  -3.490  1.00 44.61 ? 48  ASP A C   1 
ATOM   188  O O   . ASP A 1 60  ? -4.369  27.077  -3.653  1.00 40.78 ? 48  ASP A O   1 
ATOM   189  C CB  . ASP A 1 60  ? -7.768  27.555  -4.088  1.00 58.51 ? 48  ASP A CB  1 
ATOM   190  C CG  . ASP A 1 60  ? -7.614  29.039  -4.338  1.00 61.46 ? 48  ASP A CG  1 
ATOM   191  O OD1 . ASP A 1 60  ? -6.564  29.608  -3.959  1.00 63.61 ? 48  ASP A OD1 1 
ATOM   192  O OD2 . ASP A 1 60  ? -8.538  29.597  -4.939  1.00 65.89 ? 48  ASP A OD2 1 
ATOM   193  N N   . ASP A 1 61  ? -5.812  25.766  -2.452  1.00 45.50 ? 49  ASP A N   1 
ATOM   194  C CA  . ASP A 1 61  ? -4.830  25.333  -1.426  1.00 45.83 ? 49  ASP A CA  1 
ATOM   195  C C   . ASP A 1 61  ? -3.635  24.703  -2.142  1.00 36.91 ? 49  ASP A C   1 
ATOM   196  O O   . ASP A 1 61  ? -2.465  25.103  -1.840  1.00 40.35 ? 49  ASP A O   1 
ATOM   197  C CB  . ASP A 1 61  ? -5.474  24.375  -0.420  1.00 48.84 ? 49  ASP A CB  1 
ATOM   198  C CG  . ASP A 1 61  ? -6.536  25.022  0.444   1.00 51.48 ? 49  ASP A CG  1 
ATOM   199  O OD1 . ASP A 1 61  ? -6.302  26.167  0.872   1.00 51.88 ? 49  ASP A OD1 1 
ATOM   200  O OD2 . ASP A 1 61  ? -7.581  24.376  0.675   1.00 56.16 ? 49  ASP A OD2 1 
ATOM   201  N N   . LEU A 1 62  ? -3.898  23.795  -3.086  1.00 36.13 ? 50  LEU A N   1 
ATOM   202  C CA  . LEU A 1 62  ? -2.819  23.075  -3.825  1.00 31.02 ? 50  LEU A CA  1 
ATOM   203  C C   . LEU A 1 62  ? -2.002  24.061  -4.654  1.00 31.50 ? 50  LEU A C   1 
ATOM   204  O O   . LEU A 1 62  ? -0.750  24.045  -4.588  1.00 30.19 ? 50  LEU A O   1 
ATOM   205  C CB  . LEU A 1 62  ? -3.397  21.958  -4.694  1.00 31.34 ? 50  LEU A CB  1 
ATOM   206  C CG  . LEU A 1 62  ? -4.096  20.821  -3.949  1.00 32.75 ? 50  LEU A CG  1 
ATOM   207  C CD1 . LEU A 1 62  ? -4.616  19.790  -4.928  1.00 34.07 ? 50  LEU A CD1 1 
ATOM   208  C CD2 . LEU A 1 62  ? -3.143  20.180  -2.943  1.00 36.28 ? 50  LEU A CD2 1 
ATOM   209  N N   . ALA A 1 63  ? -2.673  24.947  -5.386  1.00 33.66 ? 51  ALA A N   1 
ATOM   210  C CA  . ALA A 1 63  ? -1.974  25.957  -6.211  1.00 32.58 ? 51  ALA A CA  1 
ATOM   211  C C   . ALA A 1 63  ? -1.131  26.849  -5.297  1.00 31.36 ? 51  ALA A C   1 
ATOM   212  O O   . ALA A 1 63  ? 0.091   26.928  -5.503  1.00 33.35 ? 51  ALA A O   1 
ATOM   213  C CB  . ALA A 1 63  ? -2.988  26.725  -7.022  1.00 33.32 ? 51  ALA A CB  1 
ATOM   214  N N   . LYS A 1 64  ? -1.768  27.431  -4.286  1.00 38.18 ? 52  LYS A N   1 
ATOM   215  C CA  . LYS A 1 64  ? -1.124  28.302  -3.273  1.00 42.25 ? 52  LYS A CA  1 
ATOM   216  C C   . LYS A 1 64  ? 0.101   27.571  -2.708  1.00 38.05 ? 52  LYS A C   1 
ATOM   217  O O   . LYS A 1 64  ? 1.206   28.112  -2.804  1.00 34.64 ? 52  LYS A O   1 
ATOM   218  C CB  . LYS A 1 64  ? -2.173  28.692  -2.231  1.00 49.21 ? 52  LYS A CB  1 
ATOM   219  C CG  . LYS A 1 64  ? -1.709  29.686  -1.177  1.00 56.45 ? 52  LYS A CG  1 
ATOM   220  C CD  . LYS A 1 64  ? -2.637  29.783  0.026   1.00 63.59 ? 52  LYS A CD  1 
ATOM   221  C CE  . LYS A 1 64  ? -1.886  29.715  1.344   1.00 65.55 ? 52  LYS A CE  1 
ATOM   222  N NZ  . LYS A 1 64  ? -2.800  29.523  2.499   1.00 61.92 ? 52  LYS A NZ  1 
ATOM   223  N N   . GLY A 1 65  ? -0.040  26.328  -2.233  1.00 39.73 ? 53  GLY A N   1 
ATOM   224  C CA  . GLY A 1 65  ? 1.135   25.581  -1.742  1.00 34.96 ? 53  GLY A CA  1 
ATOM   225  C C   . GLY A 1 65  ? 2.257   25.488  -2.760  1.00 35.20 ? 53  GLY A C   1 
ATOM   226  O O   . GLY A 1 65  ? 3.434   25.476  -2.364  1.00 38.08 ? 53  GLY A O   1 
ATOM   227  N N   . ALA A 1 66  ? 1.964   25.378  -4.056  1.00 36.50 ? 54  ALA A N   1 
ATOM   228  C CA  . ALA A 1 66  ? 2.990   25.079  -5.084  1.00 32.76 ? 54  ALA A CA  1 
ATOM   229  C C   . ALA A 1 66  ? 3.557   26.373  -5.684  1.00 32.87 ? 54  ALA A C   1 
ATOM   230  O O   . ALA A 1 66  ? 4.472   26.283  -6.518  1.00 36.51 ? 54  ALA A O   1 
ATOM   231  C CB  . ALA A 1 66  ? 2.396   24.155  -6.137  1.00 32.47 ? 54  ALA A CB  1 
ATOM   232  N N   . GLY A 1 67  ? 3.073   27.538  -5.241  1.00 36.48 ? 55  GLY A N   1 
ATOM   233  C CA  . GLY A 1 67  ? 3.549   28.852  -5.730  1.00 33.22 ? 55  GLY A CA  1 
ATOM   234  C C   . GLY A 1 67  ? 3.134   29.094  -7.186  1.00 34.67 ? 55  GLY A C   1 
ATOM   235  O O   . GLY A 1 67  ? 3.932   29.685  -7.972  1.00 31.69 ? 55  GLY A O   1 
ATOM   236  N N   . ILE A 1 68  ? 1.951   28.596  -7.552  1.00 36.16 ? 56  ILE A N   1 
ATOM   237  C CA  . ILE A 1 68  ? 1.378   28.735  -8.930  1.00 33.39 ? 56  ILE A CA  1 
ATOM   238  C C   . ILE A 1 68  ? -0.065  29.217  -8.801  1.00 29.49 ? 56  ILE A C   1 
ATOM   239  O O   . ILE A 1 68  ? -0.666  29.084  -7.734  1.00 32.63 ? 56  ILE A O   1 
ATOM   240  C CB  . ILE A 1 68  ? 1.461   27.397  -9.696  1.00 30.97 ? 56  ILE A CB  1 
ATOM   241  C CG1 . ILE A 1 68  ? 0.634   26.314  -8.992  1.00 29.77 ? 56  ILE A CG1 1 
ATOM   242  C CG2 . ILE A 1 68  ? 2.906   26.998  -9.906  1.00 34.90 ? 56  ILE A CG2 1 
ATOM   243  C CD1 . ILE A 1 68  ? 0.484   24.973  -9.725  1.00 29.02 ? 56  ILE A CD1 1 
ATOM   244  N N   . SER A 1 69  ? -0.669  29.679  -9.901  1.00 28.05 ? 57  SER A N   1 
ATOM   245  C CA  . SER A 1 69  ? -2.099  30.073  -9.950  1.00 25.98 ? 57  SER A CA  1 
ATOM   246  C C   . SER A 1 69  ? -2.963  28.840  -10.135 1.00 27.90 ? 57  SER A C   1 
ATOM   247  O O   . SER A 1 69  ? -2.483  27.803  -10.641 1.00 28.52 ? 57  SER A O   1 
ATOM   248  C CB  . SER A 1 69  ? -2.331  31.046  -11.091 1.00 30.82 ? 57  SER A CB  1 
ATOM   249  O OG  . SER A 1 69  ? -2.215  30.361  -12.340 1.00 28.57 ? 57  SER A OG  1 
ATOM   250  N N   . ARG A 1 70  ? -4.246  28.989  -9.901  1.00 26.89 ? 58  ARG A N   1 
ATOM   251  C CA  . ARG A 1 70  ? -5.238  27.946  -10.170 1.00 31.52 ? 58  ARG A CA  1 
ATOM   252  C C   . ARG A 1 70  ? -5.198  27.504  -11.631 1.00 32.98 ? 58  ARG A C   1 
ATOM   253  O O   . ARG A 1 70  ? -5.102  26.302  -11.914 1.00 26.42 ? 58  ARG A O   1 
ATOM   254  C CB  . ARG A 1 70  ? -6.557  28.444  -9.577  1.00 42.12 ? 58  ARG A CB  1 
ATOM   255  C CG  . ARG A 1 70  ? -7.748  27.548  -9.837  1.00 46.00 ? 58  ARG A CG  1 
ATOM   256  C CD  . ARG A 1 70  ? -9.013  28.188  -9.290  1.00 53.37 ? 58  ARG A CD  1 
ATOM   257  N NE  . ARG A 1 70  ? -10.130 27.283  -9.500  1.00 60.49 ? 58  ARG A NE  1 
ATOM   258  C CZ  . ARG A 1 70  ? -10.432 26.265  -8.702  1.00 60.15 ? 58  ARG A CZ  1 
ATOM   259  N NH1 . ARG A 1 70  ? -11.462 25.488  -8.988  1.00 66.94 ? 58  ARG A NH1 1 
ATOM   260  N NH2 . ARG A 1 70  ? -9.718  26.026  -7.617  1.00 71.04 ? 58  ARG A NH2 1 
ATOM   261  N N   . PRO A 1 71  ? -5.321  28.381  -12.669 1.00 30.00 ? 59  PRO A N   1 
ATOM   262  C CA  . PRO A 1 71  ? -5.326  27.857  -14.022 1.00 28.55 ? 59  PRO A CA  1 
ATOM   263  C C   . PRO A 1 71  ? -4.005  27.142  -14.328 1.00 22.15 ? 59  PRO A C   1 
ATOM   264  O O   . PRO A 1 71  ? -4.012  26.198  -15.095 1.00 25.05 ? 59  PRO A O   1 
ATOM   265  C CB  . PRO A 1 71  ? -5.632  29.096  -14.899 1.00 25.61 ? 59  PRO A CB  1 
ATOM   266  C CG  . PRO A 1 71  ? -5.351  30.251  -14.004 1.00 31.62 ? 59  PRO A CG  1 
ATOM   267  C CD  . PRO A 1 71  ? -5.679  29.801  -12.593 1.00 33.76 ? 59  PRO A CD  1 
ATOM   268  N N   . THR A 1 72  ? -2.902  27.577  -13.725 1.00 23.00 ? 60  THR A N   1 
ATOM   269  C CA  . THR A 1 72  ? -1.580  26.890  -13.903 1.00 21.31 ? 60  THR A CA  1 
ATOM   270  C C   . THR A 1 72  ? -1.663  25.471  -13.334 1.00 19.88 ? 60  THR A C   1 
ATOM   271  O O   . THR A 1 72  ? -1.193  24.558  -14.015 1.00 22.65 ? 60  THR A O   1 
ATOM   272  C CB  . THR A 1 72  ? -0.404  27.712  -13.400 1.00 22.23 ? 60  THR A CB  1 
ATOM   273  O OG1 . THR A 1 72  ? -0.249  28.888  -14.196 1.00 21.19 ? 60  THR A OG1 1 
ATOM   274  C CG2 . THR A 1 72  ? 0.923   26.997  -13.542 1.00 22.77 ? 60  THR A CG2 1 
ATOM   275  N N   . PHE A 1 73  ? -2.349  25.291  -12.214 1.00 20.26 ? 61  PHE A N   1 
ATOM   276  C CA  . PHE A 1 73  ? -2.581  23.923  -11.669 1.00 21.72 ? 61  PHE A CA  1 
ATOM   277  C C   . PHE A 1 73  ? -3.186  23.002  -12.732 1.00 28.62 ? 61  PHE A C   1 
ATOM   278  O O   . PHE A 1 73  ? -2.759  21.831  -12.879 1.00 23.66 ? 61  PHE A O   1 
ATOM   279  C CB  . PHE A 1 73  ? -3.550  23.996  -10.513 1.00 24.50 ? 61  PHE A CB  1 
ATOM   280  C CG  . PHE A 1 73  ? -4.002  22.632  -10.061 1.00 25.41 ? 61  PHE A CG  1 
ATOM   281  C CD1 . PHE A 1 73  ? -5.075  21.984  -10.658 1.00 25.74 ? 61  PHE A CD1 1 
ATOM   282  C CD2 . PHE A 1 73  ? -3.288  21.976  -9.077  1.00 30.34 ? 61  PHE A CD2 1 
ATOM   283  C CE1 . PHE A 1 73  ? -5.489  20.725  -10.227 1.00 33.80 ? 61  PHE A CE1 1 
ATOM   284  C CE2 . PHE A 1 73  ? -3.703  20.729  -8.646  1.00 28.02 ? 61  PHE A CE2 1 
ATOM   285  C CZ  . PHE A 1 73  ? -4.795  20.103  -9.213  1.00 27.71 ? 61  PHE A CZ  1 
ATOM   286  N N   . TYR A 1 74  ? -4.210  23.510  -13.435 1.00 28.92 ? 62  TYR A N   1 
ATOM   287  C CA  . TYR A 1 74  ? -5.029  22.726  -14.389 1.00 34.04 ? 62  TYR A CA  1 
ATOM   288  C C   . TYR A 1 74  ? -4.176  22.341  -15.592 1.00 32.28 ? 62  TYR A C   1 
ATOM   289  O O   . TYR A 1 74  ? -4.505  21.368  -16.290 1.00 31.50 ? 62  TYR A O   1 
ATOM   290  C CB  . TYR A 1 74  ? -6.313  23.484  -14.709 1.00 32.15 ? 62  TYR A CB  1 
ATOM   291  C CG  . TYR A 1 74  ? -7.317  23.449  -13.588 1.00 35.92 ? 62  TYR A CG  1 
ATOM   292  C CD1 . TYR A 1 74  ? -7.942  22.254  -13.247 1.00 35.57 ? 62  TYR A CD1 1 
ATOM   293  C CD2 . TYR A 1 74  ? -7.623  24.585  -12.850 1.00 40.21 ? 62  TYR A CD2 1 
ATOM   294  C CE1 . TYR A 1 74  ? -8.896  22.207  -12.245 1.00 35.75 ? 62  TYR A CE1 1 
ATOM   295  C CE2 . TYR A 1 74  ? -8.538  24.541  -11.809 1.00 40.32 ? 62  TYR A CE2 1 
ATOM   296  C CZ  . TYR A 1 74  ? -9.180  23.346  -11.516 1.00 41.46 ? 62  TYR A CZ  1 
ATOM   297  O OH  . TYR A 1 74  ? -10.090 23.292  -10.509 1.00 43.87 ? 62  TYR A OH  1 
ATOM   298  N N   . PHE A 1 75  ? -3.036  22.991  -15.783 1.00 30.23 ? 63  PHE A N   1 
ATOM   299  C CA  . PHE A 1 75  ? -2.078  22.567  -16.825 1.00 32.35 ? 63  PHE A CA  1 
ATOM   300  C C   . PHE A 1 75  ? -1.454  21.206  -16.473 1.00 35.75 ? 63  PHE A C   1 
ATOM   301  O O   . PHE A 1 75  ? -1.228  20.426  -17.388 1.00 34.54 ? 63  PHE A O   1 
ATOM   302  C CB  . PHE A 1 75  ? -0.982  23.606  -17.037 1.00 32.35 ? 63  PHE A CB  1 
ATOM   303  C CG  . PHE A 1 75  ? -0.066  23.246  -18.164 1.00 31.02 ? 63  PHE A CG  1 
ATOM   304  C CD1 . PHE A 1 75  ? -0.466  23.440  -19.485 1.00 31.56 ? 63  PHE A CD1 1 
ATOM   305  C CD2 . PHE A 1 75  ? 1.201   22.741  -17.912 1.00 35.55 ? 63  PHE A CD2 1 
ATOM   306  C CE1 . PHE A 1 75  ? 0.368   23.077  -20.525 1.00 31.62 ? 63  PHE A CE1 1 
ATOM   307  C CE2 . PHE A 1 75  ? 2.039   22.379  -18.959 1.00 39.85 ? 63  PHE A CE2 1 
ATOM   308  C CZ  . PHE A 1 75  ? 1.619   22.554  -20.265 1.00 38.23 ? 63  PHE A CZ  1 
ATOM   309  N N   . TYR A 1 76  ? -1.192  20.938  -15.188 1.00 33.61 ? 64  TYR A N   1 
ATOM   310  C CA  . TYR A 1 76  ? -0.508  19.717  -14.670 1.00 28.34 ? 64  TYR A CA  1 
ATOM   311  C C   . TYR A 1 76  ? -1.488  18.601  -14.272 1.00 28.40 ? 64  TYR A C   1 
ATOM   312  O O   . TYR A 1 76  ? -1.088  17.467  -14.415 1.00 28.06 ? 64  TYR A O   1 
ATOM   313  C CB  . TYR A 1 76  ? 0.340   20.101  -13.453 1.00 28.45 ? 64  TYR A CB  1 
ATOM   314  C CG  . TYR A 1 76  ? 1.509   20.972  -13.817 1.00 28.63 ? 64  TYR A CG  1 
ATOM   315  C CD1 . TYR A 1 76  ? 2.658   20.434  -14.380 1.00 33.72 ? 64  TYR A CD1 1 
ATOM   316  C CD2 . TYR A 1 76  ? 1.447   22.344  -13.667 1.00 27.80 ? 64  TYR A CD2 1 
ATOM   317  C CE1 . TYR A 1 76  ? 3.711   21.241  -14.784 1.00 36.10 ? 64  TYR A CE1 1 
ATOM   318  C CE2 . TYR A 1 76  ? 2.498   23.160  -14.040 1.00 32.36 ? 64  TYR A CE2 1 
ATOM   319  C CZ  . TYR A 1 76  ? 3.621   22.609  -14.632 1.00 34.27 ? 64  TYR A CZ  1 
ATOM   320  O OH  . TYR A 1 76  ? 4.651   23.431  -14.976 1.00 37.60 ? 64  TYR A OH  1 
ATOM   321  N N   . PHE A 1 77  ? -2.701  18.909  -13.807 1.00 29.34 ? 65  PHE A N   1 
ATOM   322  C CA  . PHE A 1 77  ? -3.686  17.934  -13.285 1.00 30.67 ? 65  PHE A CA  1 
ATOM   323  C C   . PHE A 1 77  ? -5.081  18.434  -13.609 1.00 31.96 ? 65  PHE A C   1 
ATOM   324  O O   . PHE A 1 77  ? -5.387  19.612  -13.418 1.00 32.09 ? 65  PHE A O   1 
ATOM   325  C CB  . PHE A 1 77  ? -3.568  17.768  -11.755 1.00 29.32 ? 65  PHE A CB  1 
ATOM   326  C CG  . PHE A 1 77  ? -2.265  17.152  -11.313 1.00 27.69 ? 65  PHE A CG  1 
ATOM   327  C CD1 . PHE A 1 77  ? -2.081  15.774  -11.361 1.00 30.29 ? 65  PHE A CD1 1 
ATOM   328  C CD2 . PHE A 1 77  ? -1.205  17.949  -10.912 1.00 28.58 ? 65  PHE A CD2 1 
ATOM   329  C CE1 . PHE A 1 77  ? -0.862  15.210  -11.011 1.00 27.71 ? 65  PHE A CE1 1 
ATOM   330  C CE2 . PHE A 1 77  ? 0.012   17.387  -10.539 1.00 29.15 ? 65  PHE A CE2 1 
ATOM   331  C CZ  . PHE A 1 77  ? 0.171   16.011  -10.566 1.00 30.05 ? 65  PHE A CZ  1 
ATOM   332  N N   . PRO A 1 78  ? -5.975  17.542  -14.084 1.00 36.62 ? 66  PRO A N   1 
ATOM   333  C CA  . PRO A 1 78  ? -7.389  17.886  -14.264 1.00 34.21 ? 66  PRO A CA  1 
ATOM   334  C C   . PRO A 1 78  ? -8.223  18.136  -13.004 1.00 40.26 ? 66  PRO A C   1 
ATOM   335  O O   . PRO A 1 78  ? -9.178  18.854  -13.107 1.00 34.97 ? 66  PRO A O   1 
ATOM   336  C CB  . PRO A 1 78  ? -7.924  16.684  -15.047 1.00 38.44 ? 66  PRO A CB  1 
ATOM   337  C CG  . PRO A 1 78  ? -6.979  15.546  -14.723 1.00 37.55 ? 66  PRO A CG  1 
ATOM   338  C CD  . PRO A 1 78  ? -5.620  16.192  -14.561 1.00 35.19 ? 66  PRO A CD  1 
ATOM   339  N N   . SER A 1 79  ? -7.857  17.553  -11.845 1.00 33.55 ? 67  SER A N   1 
ATOM   340  C CA  . SER A 1 79  ? -8.634  17.579  -10.580 1.00 36.95 ? 67  SER A CA  1 
ATOM   341  C C   . SER A 1 79  ? -7.692  17.326  -9.394  1.00 33.02 ? 67  SER A C   1 
ATOM   342  O O   . SER A 1 79  ? -6.568  16.808  -9.640  1.00 30.61 ? 67  SER A O   1 
ATOM   343  C CB  . SER A 1 79  ? -9.635  16.484  -10.622 1.00 38.49 ? 67  SER A CB  1 
ATOM   344  O OG  . SER A 1 79  ? -8.963  15.307  -11.033 1.00 36.60 ? 67  SER A OG  1 
ATOM   345  N N   . LYS A 1 80  ? -8.156  17.625  -8.185  1.00 32.72 ? 68  LYS A N   1 
ATOM   346  C CA  . LYS A 1 80  ? -7.440  17.258  -6.945  1.00 35.51 ? 68  LYS A CA  1 
ATOM   347  C C   . LYS A 1 80  ? -7.447  15.724  -6.818  1.00 36.91 ? 68  LYS A C   1 
ATOM   348  O O   . LYS A 1 80  ? -6.411  15.164  -6.374  1.00 30.12 ? 68  LYS A O   1 
ATOM   349  C CB  . LYS A 1 80  ? -8.046  17.985  -5.749  1.00 35.30 ? 68  LYS A CB  1 
ATOM   350  C CG  . LYS A 1 80  ? -9.472  17.595  -5.418  1.00 41.86 ? 68  LYS A CG  1 
ATOM   351  C CD  . LYS A 1 80  ? -9.987  18.375  -4.268  1.00 43.80 ? 68  LYS A CD  1 
ATOM   352  C CE  . LYS A 1 80  ? -11.439 18.093  -3.982  1.00 44.09 ? 68  LYS A CE  1 
ATOM   353  N NZ  . LYS A 1 80  ? -11.857 18.855  -2.789  1.00 46.91 ? 68  LYS A NZ  1 
ATOM   354  N N   . GLU A 1 81  ? -8.504  15.070  -7.306  1.00 36.55 ? 69  GLU A N   1 
ATOM   355  C CA  . GLU A 1 81  ? -8.620  13.582  -7.386  1.00 35.40 ? 69  GLU A CA  1 
ATOM   356  C C   . GLU A 1 81  ? -7.484  13.031  -8.243  1.00 32.17 ? 69  GLU A C   1 
ATOM   357  O O   . GLU A 1 81  ? -6.989  11.945  -7.976  1.00 28.48 ? 69  GLU A O   1 
ATOM   358  C CB  . GLU A 1 81  ? -9.977  13.164  -7.961  1.00 34.72 ? 69  GLU A CB  1 
ATOM   359  C CG  . GLU A 1 81  ? -11.142 13.516  -7.047  1.00 41.66 ? 69  GLU A CG  1 
ATOM   360  C CD  . GLU A 1 81  ? -11.686 14.940  -7.131  1.00 46.95 ? 69  GLU A CD  1 
ATOM   361  O OE1 . GLU A 1 81  ? -11.395 15.641  -8.113  1.00 46.77 ? 69  GLU A OE1 1 
ATOM   362  O OE2 . GLU A 1 81  ? -12.358 15.366  -6.184  1.00 52.68 ? 69  GLU A OE2 1 
ATOM   363  N N   . ALA A 1 82  ? -7.057  13.722  -9.299  1.00 27.22 ? 70  ALA A N   1 
ATOM   364  C CA  . ALA A 1 82  ? -5.961  13.213  -10.157 1.00 25.56 ? 70  ALA A CA  1 
ATOM   365  C C   . ALA A 1 82  ? -4.631  13.307  -9.416  1.00 22.89 ? 70  ALA A C   1 
ATOM   366  O O   . ALA A 1 82  ? -3.726  12.486  -9.713  1.00 22.47 ? 70  ALA A O   1 
ATOM   367  C CB  . ALA A 1 82  ? -5.850  13.969  -11.475 1.00 29.19 ? 70  ALA A CB  1 
ATOM   368  N N   . VAL A 1 83  ? -4.491  14.317  -8.561  1.00 23.34 ? 71  VAL A N   1 
ATOM   369  C CA  . VAL A 1 83  ? -3.275  14.495  -7.716  1.00 24.07 ? 71  VAL A CA  1 
ATOM   370  C C   . VAL A 1 83  ? -3.154  13.266  -6.791  1.00 21.04 ? 71  VAL A C   1 
ATOM   371  O O   . VAL A 1 83  ? -2.065  12.739  -6.713  1.00 23.14 ? 71  VAL A O   1 
ATOM   372  C CB  . VAL A 1 83  ? -3.285  15.783  -6.899  1.00 23.94 ? 71  VAL A CB  1 
ATOM   373  C CG1 . VAL A 1 83  ? -2.072  15.889  -6.009  1.00 23.77 ? 71  VAL A CG1 1 
ATOM   374  C CG2 . VAL A 1 83  ? -3.332  17.016  -7.823  1.00 25.24 ? 71  VAL A CG2 1 
ATOM   375  N N   . LEU A 1 84  ? -4.238  12.895  -6.138  1.00 25.98 ? 72  LEU A N   1 
ATOM   376  C CA  . LEU A 1 84  ? -4.217  11.737  -5.186  1.00 24.34 ? 72  LEU A CA  1 
ATOM   377  C C   . LEU A 1 84  ? -3.858  10.471  -5.942  1.00 25.86 ? 72  LEU A C   1 
ATOM   378  O O   . LEU A 1 84  ? -2.986  9.718   -5.454  1.00 25.08 ? 72  LEU A O   1 
ATOM   379  C CB  . LEU A 1 84  ? -5.603  11.613  -4.562  1.00 25.48 ? 72  LEU A CB  1 
ATOM   380  C CG  . LEU A 1 84  ? -5.808  10.406  -3.642  1.00 24.97 ? 72  LEU A CG  1 
ATOM   381  C CD1 . LEU A 1 84  ? -4.741  10.384  -2.580  1.00 24.63 ? 72  LEU A CD1 1 
ATOM   382  C CD2 . LEU A 1 84  ? -7.189  10.480  -3.008  1.00 26.47 ? 72  LEU A CD2 1 
ATOM   383  N N   . LEU A 1 85  ? -4.488  10.220  -7.097  1.00 25.52 ? 73  LEU A N   1 
ATOM   384  C CA  . LEU A 1 85  ? -4.139  9.064   -7.973  1.00 25.09 ? 73  LEU A CA  1 
ATOM   385  C C   . LEU A 1 85  ? -2.636  9.017   -8.239  1.00 27.27 ? 73  LEU A C   1 
ATOM   386  O O   . LEU A 1 85  ? -2.041  7.918   -8.153  1.00 24.76 ? 73  LEU A O   1 
ATOM   387  C CB  . LEU A 1 85  ? -4.949  9.066   -9.283  1.00 26.14 ? 73  LEU A CB  1 
ATOM   388  C CG  . LEU A 1 85  ? -4.570  7.973   -10.272 1.00 26.58 ? 73  LEU A CG  1 
ATOM   389  C CD1 . LEU A 1 85  ? -4.952  6.594   -9.734  1.00 26.64 ? 73  LEU A CD1 1 
ATOM   390  C CD2 . LEU A 1 85  ? -5.229  8.165   -11.631 1.00 29.48 ? 73  LEU A CD2 1 
ATOM   391  N N   . THR A 1 86  ? -1.990  10.141  -8.569  1.00 23.25 ? 74  THR A N   1 
ATOM   392  C CA  . THR A 1 86  ? -0.544  10.154  -8.848  1.00 23.03 ? 74  THR A CA  1 
ATOM   393  C C   . THR A 1 86  ? 0.245   9.851   -7.572  1.00 20.89 ? 74  THR A C   1 
ATOM   394  O O   . THR A 1 86  ? 1.242   9.116   -7.674  1.00 22.23 ? 74  THR A O   1 
ATOM   395  C CB  . THR A 1 86  ? -0.124  11.509  -9.436  1.00 25.51 ? 74  THR A CB  1 
ATOM   396  O OG1 . THR A 1 86  ? -0.934  11.671  -10.602 1.00 26.79 ? 74  THR A OG1 1 
ATOM   397  C CG2 . THR A 1 86  ? 1.344   11.569  -9.762  1.00 27.35 ? 74  THR A CG2 1 
ATOM   398  N N   . LEU A 1 87  ? -0.130  10.485  -6.462  1.00 22.94 ? 75  LEU A N   1 
ATOM   399  C CA  . LEU A 1 87  ? 0.522   10.240  -5.144  1.00 23.32 ? 75  LEU A CA  1 
ATOM   400  C C   . LEU A 1 87  ? 0.402   8.739   -4.851  1.00 21.08 ? 75  LEU A C   1 
ATOM   401  O O   . LEU A 1 87  ? 1.430   8.152   -4.534  1.00 19.42 ? 75  LEU A O   1 
ATOM   402  C CB  . LEU A 1 87  ? -0.134  11.048  -4.024  1.00 22.66 ? 75  LEU A CB  1 
ATOM   403  C CG  . LEU A 1 87  ? 0.219   12.538  -3.962  1.00 24.14 ? 75  LEU A CG  1 
ATOM   404  C CD1 . LEU A 1 87  ? -0.639  13.259  -2.931  1.00 27.87 ? 75  LEU A CD1 1 
ATOM   405  C CD2 . LEU A 1 87  ? 1.661   12.751  -3.656  1.00 23.80 ? 75  LEU A CD2 1 
ATOM   406  N N   . LEU A 1 88  ? -0.772  8.156   -5.026  1.00 21.42 ? 76  LEU A N   1 
ATOM   407  C CA  . LEU A 1 88  ? -0.918  6.704   -4.682  1.00 20.57 ? 76  LEU A CA  1 
ATOM   408  C C   . LEU A 1 88  ? -0.086  5.825   -5.643  1.00 21.22 ? 76  LEU A C   1 
ATOM   409  O O   . LEU A 1 88  ? 0.605   4.895   -5.186  1.00 20.38 ? 76  LEU A O   1 
ATOM   410  C CB  . LEU A 1 88  ? -2.367  6.326   -4.684  1.00 20.93 ? 76  LEU A CB  1 
ATOM   411  C CG  . LEU A 1 88  ? -2.664  4.889   -4.282  1.00 23.66 ? 76  LEU A CG  1 
ATOM   412  C CD1 . LEU A 1 88  ? -2.192  4.658   -2.841  1.00 21.82 ? 76  LEU A CD1 1 
ATOM   413  C CD2 . LEU A 1 88  ? -4.158  4.639   -4.439  1.00 22.16 ? 76  LEU A CD2 1 
ATOM   414  N N   . ASP A 1 89  ? -0.051  6.159   -6.931  1.00 23.49 ? 77  ASP A N   1 
ATOM   415  C CA  . ASP A 1 89  ? 0.733   5.419   -7.950  1.00 23.23 ? 77  ASP A CA  1 
ATOM   416  C C   . ASP A 1 89  ? 2.209   5.408   -7.543  1.00 21.86 ? 77  ASP A C   1 
ATOM   417  O O   . ASP A 1 89  ? 2.869   4.403   -7.715  1.00 19.76 ? 77  ASP A O   1 
ATOM   418  C CB  . ASP A 1 89  ? 0.527   6.056   -9.333  1.00 26.09 ? 77  ASP A CB  1 
ATOM   419  C CG  . ASP A 1 89  ? 1.251   5.303   -10.422 1.00 32.12 ? 77  ASP A CG  1 
ATOM   420  O OD1 . ASP A 1 89  ? 0.777   4.253   -10.780 1.00 36.25 ? 77  ASP A OD1 1 
ATOM   421  O OD2 . ASP A 1 89  ? 2.361   5.712   -10.775 1.00 40.19 ? 77  ASP A OD2 1 
ATOM   422  N N   . ARG A 1 90  ? 2.737   6.536   -7.045  1.00 22.27 ? 78  ARG A N   1 
ATOM   423  C CA  . ARG A 1 90  ? 4.153   6.644   -6.636  1.00 21.80 ? 78  ARG A CA  1 
ATOM   424  C C   . ARG A 1 90  ? 4.419   5.742   -5.429  1.00 19.54 ? 78  ARG A C   1 
ATOM   425  O O   . ARG A 1 90  ? 5.442   5.076   -5.433  1.00 19.80 ? 78  ARG A O   1 
ATOM   426  C CB  . ARG A 1 90  ? 4.513   8.100   -6.349  1.00 25.16 ? 78  ARG A CB  1 
ATOM   427  C CG  . ARG A 1 90  ? 4.602   8.916   -7.635  1.00 29.45 ? 78  ARG A CG  1 
ATOM   428  C CD  . ARG A 1 90  ? 4.559   10.411  -7.361  1.00 32.73 ? 78  ARG A CD  1 
ATOM   429  N NE  . ARG A 1 90  ? 5.672   10.825  -6.509  1.00 38.34 ? 78  ARG A NE  1 
ATOM   430  C CZ  . ARG A 1 90  ? 6.868   11.230  -6.945  1.00 43.10 ? 78  ARG A CZ  1 
ATOM   431  N NH1 . ARG A 1 90  ? 7.786   11.598  -6.073  1.00 47.26 ? 78  ARG A NH1 1 
ATOM   432  N NH2 . ARG A 1 90  ? 7.147   11.279  -8.239  1.00 45.09 ? 78  ARG A NH2 1 
ATOM   433  N N   . VAL A 1 91  ? 3.516   5.726   -4.470  1.00 20.78 ? 79  VAL A N   1 
ATOM   434  C CA  . VAL A 1 91  ? 3.703   4.955   -3.204  1.00 20.71 ? 79  VAL A CA  1 
ATOM   435  C C   . VAL A 1 91  ? 3.613   3.458   -3.524  1.00 20.69 ? 79  VAL A C   1 
ATOM   436  O O   . VAL A 1 91  ? 4.518   2.695   -3.074  1.00 19.15 ? 79  VAL A O   1 
ATOM   437  C CB  . VAL A 1 91  ? 2.719   5.418   -2.109  1.00 22.43 ? 79  VAL A CB  1 
ATOM   438  C CG1 . VAL A 1 91  ? 2.802   4.510   -0.868  1.00 21.69 ? 79  VAL A CG1 1 
ATOM   439  C CG2 . VAL A 1 91  ? 2.957   6.873   -1.718  1.00 20.36 ? 79  VAL A CG2 1 
ATOM   440  N N   . VAL A 1 92  ? 2.648   3.036   -4.337  1.00 19.65 ? 80  VAL A N   1 
ATOM   441  C CA  . VAL A 1 92  ? 2.460   1.588   -4.608  1.00 20.81 ? 80  VAL A CA  1 
ATOM   442  C C   . VAL A 1 92  ? 3.647   1.133   -5.458  1.00 20.18 ? 80  VAL A C   1 
ATOM   443  O O   . VAL A 1 92  ? 4.220   0.049   -5.230  1.00 18.40 ? 80  VAL A O   1 
ATOM   444  C CB  . VAL A 1 92  ? 1.097   1.213   -5.204  1.00 24.05 ? 80  VAL A CB  1 
ATOM   445  C CG1 . VAL A 1 92  ? -0.088  1.734   -4.387  1.00 23.16 ? 80  VAL A CG1 1 
ATOM   446  C CG2 . VAL A 1 92  ? 0.950   1.564   -6.666  1.00 29.76 ? 80  VAL A CG2 1 
ATOM   447  N N   . ASN A 1 93  ? 4.107   1.987   -6.402  1.00 21.05 ? 81  ASN A N   1 
ATOM   448  C CA  . ASN A 1 93  ? 5.315   1.605   -7.180  1.00 19.75 ? 81  ASN A CA  1 
ATOM   449  C C   . ASN A 1 93  ? 6.584   1.588   -6.302  1.00 21.01 ? 81  ASN A C   1 
ATOM   450  O O   . ASN A 1 93  ? 7.427   0.772   -6.557  1.00 20.71 ? 81  ASN A O   1 
ATOM   451  C CB  . ASN A 1 93  ? 5.475   2.481   -8.427  1.00 23.05 ? 81  ASN A CB  1 
ATOM   452  C CG  . ASN A 1 93  ? 4.658   1.943   -9.583  1.00 22.66 ? 81  ASN A CG  1 
ATOM   453  O OD1 . ASN A 1 93  ? 5.044   0.964   -10.234 1.00 25.61 ? 81  ASN A OD1 1 
ATOM   454  N ND2 . ASN A 1 93  ? 3.500   2.528   -9.793  1.00 24.49 ? 81  ASN A ND2 1 
ATOM   455  N N   . GLN A 1 94  ? 6.736   2.480   -5.346  1.00 20.20 ? 82  GLN A N   1 
ATOM   456  C CA  . GLN A 1 94  ? 7.861   2.454   -4.386  1.00 19.97 ? 82  GLN A CA  1 
ATOM   457  C C   . GLN A 1 94  ? 7.854   1.123   -3.623  1.00 17.92 ? 82  GLN A C   1 
ATOM   458  O O   . GLN A 1 94  ? 8.927   0.467   -3.522  1.00 17.32 ? 82  GLN A O   1 
ATOM   459  C CB  . GLN A 1 94  ? 7.770   3.672   -3.473  1.00 23.89 ? 82  GLN A CB  1 
ATOM   460  C CG  . GLN A 1 94  ? 8.921   3.756   -2.505  1.00 29.03 ? 82  GLN A CG  1 
ATOM   461  C CD  . GLN A 1 94  ? 8.735   4.974   -1.638  1.00 35.14 ? 82  GLN A CD  1 
ATOM   462  O OE1 . GLN A 1 94  ? 8.314   6.030   -2.110  1.00 45.29 ? 82  GLN A OE1 1 
ATOM   463  N NE2 . GLN A 1 94  ? 9.020   4.818   -0.360  1.00 35.24 ? 82  GLN A NE2 1 
ATOM   464  N N   . ALA A 1 95  ? 6.688   0.708   -3.115  1.00 18.87 ? 83  ALA A N   1 
ATOM   465  C CA  . ALA A 1 95  ? 6.578   -0.607  -2.447  1.00 17.53 ? 83  ALA A CA  1 
ATOM   466  C C   . ALA A 1 95  ? 6.981   -1.735  -3.431  1.00 17.24 ? 83  ALA A C   1 
ATOM   467  O O   . ALA A 1 95  ? 7.690   -2.686  -3.065  1.00 18.47 ? 83  ALA A O   1 
ATOM   468  C CB  . ALA A 1 95  ? 5.165   -0.815  -1.956  1.00 19.47 ? 83  ALA A CB  1 
ATOM   469  N N   . ASP A 1 96  ? 6.394   -1.696  -4.617  1.00 18.17 ? 84  ASP A N   1 
ATOM   470  C CA  . ASP A 1 96  ? 6.609   -2.746  -5.625  1.00 18.08 ? 84  ASP A CA  1 
ATOM   471  C C   . ASP A 1 96  ? 8.109   -2.861  -5.946  1.00 18.08 ? 84  ASP A C   1 
ATOM   472  O O   . ASP A 1 96  ? 8.604   -3.979  -6.020  1.00 20.01 ? 84  ASP A O   1 
ATOM   473  C CB  . ASP A 1 96  ? 5.722   -2.524  -6.830  1.00 19.80 ? 84  ASP A CB  1 
ATOM   474  C CG  . ASP A 1 96  ? 5.783   -3.761  -7.717  1.00 23.62 ? 84  ASP A CG  1 
ATOM   475  O OD1 . ASP A 1 96  ? 5.440   -4.837  -7.249  1.00 20.46 ? 84  ASP A OD1 1 
ATOM   476  O OD2 . ASP A 1 96  ? 6.283   -3.631  -8.845  1.00 22.18 ? 84  ASP A OD2 1 
ATOM   477  N N   . MET A 1 97  ? 8.776   -1.730  -6.170  1.00 20.71 ? 85  MET A N   1 
ATOM   478  C CA  . MET A 1 97  ? 10.226  -1.719  -6.530  1.00 25.55 ? 85  MET A CA  1 
ATOM   479  C C   . MET A 1 97  ? 11.055  -2.255  -5.357  1.00 22.27 ? 85  MET A C   1 
ATOM   480  O O   . MET A 1 97  ? 12.002  -3.030  -5.597  1.00 26.71 ? 85  MET A O   1 
ATOM   481  C CB  . MET A 1 97  ? 10.668  -0.308  -6.923  1.00 28.50 ? 85  MET A CB  1 
ATOM   482  C CG  . MET A 1 97  ? 10.104  0.101   -8.264  1.00 36.02 ? 85  MET A CG  1 
ATOM   483  S SD  . MET A 1 97  ? 10.686  1.739   -8.816  1.00 52.18 ? 85  MET A SD  1 
ATOM   484  C CE  . MET A 1 97  ? 12.460  1.571   -8.597  1.00 50.89 ? 85  MET A CE  1 
ATOM   485  N N   . ALA A 1 98  ? 10.665  -1.984  -4.108  1.00 21.55 ? 86  ALA A N   1 
ATOM   486  C CA  . ALA A 1 98  ? 11.411  -2.479  -2.929  1.00 21.34 ? 86  ALA A CA  1 
ATOM   487  C C   . ALA A 1 98  ? 11.221  -3.992  -2.851  1.00 22.36 ? 86  ALA A C   1 
ATOM   488  O O   . ALA A 1 98  ? 12.156  -4.749  -2.578  1.00 24.33 ? 86  ALA A O   1 
ATOM   489  C CB  . ALA A 1 98  ? 10.931  -1.792  -1.688  1.00 20.71 ? 86  ALA A CB  1 
ATOM   490  N N   . LEU A 1 99  ? 10.007  -4.455  -3.094  1.00 22.12 ? 87  LEU A N   1 
ATOM   491  C CA  . LEU A 1 99  ? 9.783   -5.922  -3.116  1.00 21.51 ? 87  LEU A CA  1 
ATOM   492  C C   . LEU A 1 99  ? 10.635  -6.588  -4.216  1.00 24.72 ? 87  LEU A C   1 
ATOM   493  O O   . LEU A 1 99  ? 11.275  -7.620  -3.951  1.00 27.55 ? 87  LEU A O   1 
ATOM   494  C CB  . LEU A 1 99  ? 8.302   -6.172  -3.347  1.00 22.56 ? 87  LEU A CB  1 
ATOM   495  C CG  . LEU A 1 99  ? 7.966   -7.660  -3.325  1.00 21.43 ? 87  LEU A CG  1 
ATOM   496  C CD1 . LEU A 1 99  ? 8.298   -8.251  -1.965  1.00 25.53 ? 87  LEU A CD1 1 
ATOM   497  C CD2 . LEU A 1 99  ? 6.524   -7.915  -3.693  1.00 23.43 ? 87  LEU A CD2 1 
ATOM   498  N N   . GLN A 1 100 ? 10.680  -6.000  -5.407  1.00 26.20 ? 88  GLN A N   1 
ATOM   499  C CA  . GLN A 1 100 ? 11.514  -6.515  -6.525  1.00 30.09 ? 88  GLN A CA  1 
ATOM   500  C C   . GLN A 1 100 ? 12.973  -6.617  -6.083  1.00 28.85 ? 88  GLN A C   1 
ATOM   501  O O   . GLN A 1 100 ? 13.572  -7.627  -6.433  1.00 29.92 ? 88  GLN A O   1 
ATOM   502  C CB  . GLN A 1 100 ? 11.378  -5.624  -7.757  1.00 32.07 ? 88  GLN A CB  1 
ATOM   503  C CG  . GLN A 1 100 ? 10.175  -6.019  -8.593  1.00 38.51 ? 88  GLN A CG  1 
ATOM   504  C CD  . GLN A 1 100 ? 10.061  -5.085  -9.766  1.00 46.85 ? 88  GLN A CD  1 
ATOM   505  O OE1 . GLN A 1 100 ? 9.096   -4.325  -9.885  1.00 52.01 ? 88  GLN A OE1 1 
ATOM   506  N NE2 . GLN A 1 100 ? 11.082  -5.111  -10.607 1.00 37.48 ? 88  GLN A NE2 1 
ATOM   507  N N   . THR A 1 101 ? 13.481  -5.644  -5.309  1.00 28.83 ? 89  THR A N   1 
ATOM   508  C CA  . THR A 1 101 ? 14.892  -5.570  -4.869  1.00 33.86 ? 89  THR A CA  1 
ATOM   509  C C   . THR A 1 101 ? 15.159  -6.758  -3.957  1.00 38.76 ? 89  THR A C   1 
ATOM   510  O O   . THR A 1 101 ? 16.130  -7.527  -4.189  1.00 32.61 ? 89  THR A O   1 
ATOM   511  C CB  . THR A 1 101 ? 15.190  -4.231  -4.196  1.00 35.02 ? 89  THR A CB  1 
ATOM   512  O OG1 . THR A 1 101 ? 15.013  -3.275  -5.232  1.00 34.64 ? 89  THR A OG1 1 
ATOM   513  C CG2 . THR A 1 101 ? 16.592  -4.109  -3.636  1.00 34.38 ? 89  THR A CG2 1 
ATOM   514  N N   . LEU A 1 102 ? 14.286  -6.933  -2.968  1.00 36.92 ? 90  LEU A N   1 
ATOM   515  C CA  . LEU A 1 102 ? 14.315  -8.104  -2.069  1.00 38.61 ? 90  LEU A CA  1 
ATOM   516  C C   . LEU A 1 102 ? 14.384  -9.400  -2.862  1.00 40.50 ? 90  LEU A C   1 
ATOM   517  O O   . LEU A 1 102 ? 15.239  -10.221 -2.548  1.00 50.78 ? 90  LEU A O   1 
ATOM   518  C CB  . LEU A 1 102 ? 13.039  -8.111  -1.235  1.00 40.44 ? 90  LEU A CB  1 
ATOM   519  C CG  . LEU A 1 102 ? 13.167  -7.617  0.194   1.00 42.35 ? 90  LEU A CG  1 
ATOM   520  C CD1 . LEU A 1 102 ? 11.982  -8.171  0.966   1.00 34.41 ? 90  LEU A CD1 1 
ATOM   521  C CD2 . LEU A 1 102 ? 14.491  -8.037  0.833   1.00 42.88 ? 90  LEU A CD2 1 
ATOM   522  N N   . ALA A 1 103 ? 13.470  -9.581  -3.817  1.00 45.55 ? 91  ALA A N   1 
ATOM   523  C CA  . ALA A 1 103 ? 13.326  -10.797 -4.642  1.00 44.97 ? 91  ALA A CA  1 
ATOM   524  C C   . ALA A 1 103 ? 14.595  -11.055 -5.473  1.00 52.14 ? 91  ALA A C   1 
ATOM   525  O O   . ALA A 1 103 ? 14.654  -12.143 -6.049  1.00 50.81 ? 91  ALA A O   1 
ATOM   526  C CB  . ALA A 1 103 ? 12.121  -10.674 -5.538  1.00 43.08 ? 91  ALA A CB  1 
ATOM   527  N N   . GLU A 1 104 ? 15.519  -10.082 -5.578  1.00 58.68 ? 92  GLU A N   1 
ATOM   528  C CA  . GLU A 1 104 ? 16.871  -10.219 -6.203  1.00 57.53 ? 92  GLU A CA  1 
ATOM   529  C C   . GLU A 1 104 ? 17.951  -10.079 -5.123  1.00 51.81 ? 92  GLU A C   1 
ATOM   530  O O   . GLU A 1 104 ? 18.281  -11.101 -4.513  1.00 54.77 ? 92  GLU A O   1 
ATOM   531  C CB  . GLU A 1 104 ? 17.096  -9.131  -7.259  1.00 62.70 ? 92  GLU A CB  1 
ATOM   532  C CG  . GLU A 1 104 ? 16.015  -9.046  -8.333  1.00 59.64 ? 92  GLU A CG  1 
ATOM   533  C CD  . GLU A 1 104 ? 15.791  -7.667  -8.949  1.00 63.04 ? 92  GLU A CD  1 
ATOM   534  O OE1 . GLU A 1 104 ? 16.680  -6.787  -8.828  1.00 59.70 ? 92  GLU A OE1 1 
ATOM   535  O OE2 . GLU A 1 104 ? 14.708  -7.461  -9.542  1.00 68.32 ? 92  GLU A OE2 1 
ATOM   536  N N   . ASP A 1 110 ? 16.596  -17.805 6.743   1.00 35.13 ? 98  ASP A N   1 
ATOM   537  C CA  . ASP A 1 110 ? 15.660  -18.214 7.827   1.00 32.21 ? 98  ASP A CA  1 
ATOM   538  C C   . ASP A 1 110 ? 14.235  -17.874 7.365   1.00 29.77 ? 98  ASP A C   1 
ATOM   539  O O   . ASP A 1 110 ? 14.039  -16.719 6.984   1.00 24.60 ? 98  ASP A O   1 
ATOM   540  C CB  . ASP A 1 110 ? 15.995  -17.462 9.113   1.00 37.47 ? 98  ASP A CB  1 
ATOM   541  C CG  . ASP A 1 110 ? 14.955  -17.639 10.196  1.00 41.71 ? 98  ASP A CG  1 
ATOM   542  O OD1 . ASP A 1 110 ? 14.953  -18.693 10.817  1.00 49.95 ? 98  ASP A OD1 1 
ATOM   543  O OD2 . ASP A 1 110 ? 14.141  -16.766 10.360  1.00 33.38 ? 98  ASP A OD2 1 
ATOM   544  N N   . ARG A 1 111 ? 13.300  -18.822 7.367   1.00 25.42 ? 99  ARG A N   1 
ATOM   545  C CA  . ARG A 1 111 ? 12.001  -18.641 6.638   1.00 26.61 ? 99  ARG A CA  1 
ATOM   546  C C   . ARG A 1 111 ? 11.181  -17.536 7.304   1.00 22.00 ? 99  ARG A C   1 
ATOM   547  O O   . ARG A 1 111 ? 10.638  -16.692 6.550   1.00 27.24 ? 99  ARG A O   1 
ATOM   548  C CB  . ARG A 1 111 ? 11.254  -19.978 6.527   1.00 27.51 ? 99  ARG A CB  1 
ATOM   549  C CG  . ARG A 1 111 ? 10.671  -20.467 7.839   1.00 31.56 ? 99  ARG A CG  1 
ATOM   550  C CD  . ARG A 1 111 ? 10.337  -21.954 7.826   1.00 34.47 ? 99  ARG A CD  1 
ATOM   551  N NE  . ARG A 1 111 ? 9.683   -22.312 9.080   1.00 36.68 ? 99  ARG A NE  1 
ATOM   552  C CZ  . ARG A 1 111 ? 9.270   -23.533 9.417   1.00 39.75 ? 99  ARG A CZ  1 
ATOM   553  N NH1 . ARG A 1 111 ? 9.426   -24.551 8.590   1.00 34.43 ? 99  ARG A NH1 1 
ATOM   554  N NH2 . ARG A 1 111 ? 8.668   -23.721 10.580  1.00 43.90 ? 99  ARG A NH2 1 
ATOM   555  N N   . GLU A 1 112 ? 11.202  -17.417 8.627   1.00 21.12 ? 100 GLU A N   1 
ATOM   556  C CA  . GLU A 1 112 ? 10.425  -16.391 9.347   1.00 23.35 ? 100 GLU A CA  1 
ATOM   557  C C   . GLU A 1 112 ? 10.975  -15.021 8.953   1.00 23.59 ? 100 GLU A C   1 
ATOM   558  O O   . GLU A 1 112 ? 10.240  -14.099 8.600   1.00 20.81 ? 100 GLU A O   1 
ATOM   559  C CB  . GLU A 1 112 ? 10.464  -16.625 10.848  1.00 24.27 ? 100 GLU A CB  1 
ATOM   560  C CG  . GLU A 1 112 ? 9.804   -15.502 11.564  1.00 27.83 ? 100 GLU A CG  1 
ATOM   561  C CD  . GLU A 1 112 ? 9.673   -15.581 13.061  1.00 36.79 ? 100 GLU A CD  1 
ATOM   562  O OE1 . GLU A 1 112 ? 9.572   -16.693 13.574  1.00 40.70 ? 100 GLU A OE1 1 
ATOM   563  O OE2 . GLU A 1 112 ? 9.662   -14.502 13.687  1.00 47.69 ? 100 GLU A OE2 1 
ATOM   564  N N   . ASN A 1 113 ? 12.288  -14.888 8.949   1.00 21.23 ? 101 ASN A N   1 
ATOM   565  C CA  . ASN A 1 113 ? 12.917  -13.590 8.579   1.00 20.13 ? 101 ASN A CA  1 
ATOM   566  C C   . ASN A 1 113 ? 12.674  -13.200 7.117   1.00 19.44 ? 101 ASN A C   1 
ATOM   567  O O   . ASN A 1 113 ? 12.626  -11.969 6.827   1.00 22.78 ? 101 ASN A O   1 
ATOM   568  C CB  . ASN A 1 113 ? 14.423  -13.605 8.875   1.00 22.24 ? 101 ASN A CB  1 
ATOM   569  C CG  . ASN A 1 113 ? 14.924  -12.200 9.143   1.00 25.99 ? 101 ASN A CG  1 
ATOM   570  O OD1 . ASN A 1 113 ? 14.425  -11.510 10.036  1.00 33.31 ? 101 ASN A OD1 1 
ATOM   571  N ND2 . ASN A 1 113 ? 15.908  -11.790 8.380   1.00 29.31 ? 101 ASN A ND2 1 
ATOM   572  N N   . MET A 1 114 ? 12.624  -14.170 6.195   1.00 20.21 ? 102 MET A N   1 
ATOM   573  C CA  . MET A 1 114 ? 12.318  -13.949 4.775   1.00 21.52 ? 102 MET A CA  1 
ATOM   574  C C   . MET A 1 114 ? 10.953  -13.248 4.707   1.00 18.02 ? 102 MET A C   1 
ATOM   575  O O   . MET A 1 114 ? 10.868  -12.157 4.085   1.00 17.34 ? 102 MET A O   1 
ATOM   576  C CB  . MET A 1 114 ? 12.225  -15.262 3.985   1.00 23.19 ? 102 MET A CB  1 
ATOM   577  C CG  . MET A 1 114 ? 11.928  -15.036 2.505   1.00 29.71 ? 102 MET A CG  1 
ATOM   578  S SD  . MET A 1 114 ? 11.906  -16.582 1.541   1.00 31.91 ? 102 MET A SD  1 
ATOM   579  C CE  . MET A 1 114 ? 10.433  -17.369 2.191   1.00 28.33 ? 102 MET A CE  1 
ATOM   580  N N   . TRP A 1 115 ? 9.936   -13.862 5.318   1.00 18.39 ? 103 TRP A N   1 
ATOM   581  C CA  . TRP A 1 115 ? 8.575   -13.267 5.229   1.00 15.49 ? 103 TRP A CA  1 
ATOM   582  C C   . TRP A 1 115 ? 8.538   -11.943 5.999   1.00 15.73 ? 103 TRP A C   1 
ATOM   583  O O   . TRP A 1 115 ? 7.854   -10.996 5.537   1.00 16.99 ? 103 TRP A O   1 
ATOM   584  C CB  . TRP A 1 115 ? 7.512   -14.259 5.690   1.00 16.22 ? 103 TRP A CB  1 
ATOM   585  C CG  . TRP A 1 115 ? 7.399   -15.416 4.758   1.00 16.77 ? 103 TRP A CG  1 
ATOM   586  C CD1 . TRP A 1 115 ? 7.751   -16.714 5.022   1.00 19.58 ? 103 TRP A CD1 1 
ATOM   587  C CD2 . TRP A 1 115 ? 6.825   -15.417 3.441   1.00 17.57 ? 103 TRP A CD2 1 
ATOM   588  N NE1 . TRP A 1 115 ? 7.456   -17.508 3.950   1.00 19.10 ? 103 TRP A NE1 1 
ATOM   589  C CE2 . TRP A 1 115 ? 6.903   -16.745 2.968   1.00 18.06 ? 103 TRP A CE2 1 
ATOM   590  C CE3 . TRP A 1 115 ? 6.305   -14.425 2.606   1.00 16.16 ? 103 TRP A CE3 1 
ATOM   591  C CZ2 . TRP A 1 115 ? 6.424   -17.113 1.716   1.00 19.54 ? 103 TRP A CZ2 1 
ATOM   592  C CZ3 . TRP A 1 115 ? 5.882   -14.790 1.339   1.00 17.18 ? 103 TRP A CZ3 1 
ATOM   593  C CH2 . TRP A 1 115 ? 5.903   -16.117 0.926   1.00 18.55 ? 103 TRP A CH2 1 
ATOM   594  N N   . ARG A 1 116 ? 9.210   -11.839 7.131   1.00 16.27 ? 104 ARG A N   1 
ATOM   595  C CA  . ARG A 1 116 ? 9.214   -10.582 7.898   1.00 16.15 ? 104 ARG A CA  1 
ATOM   596  C C   . ARG A 1 116 ? 9.778   -9.461  7.008   1.00 15.46 ? 104 ARG A C   1 
ATOM   597  O O   . ARG A 1 116 ? 9.254   -8.376  7.001   1.00 15.25 ? 104 ARG A O   1 
ATOM   598  C CB  . ARG A 1 116 ? 9.976   -10.760 9.210   1.00 17.32 ? 104 ARG A CB  1 
ATOM   599  C CG  . ARG A 1 116 ? 10.008  -9.534  10.093  1.00 19.87 ? 104 ARG A CG  1 
ATOM   600  C CD  . ARG A 1 116 ? 10.831  -9.755  11.367  1.00 21.36 ? 104 ARG A CD  1 
ATOM   601  N NE  . ARG A 1 116 ? 10.212  -10.779 12.208  1.00 25.22 ? 104 ARG A NE  1 
ATOM   602  C CZ  . ARG A 1 116 ? 9.170   -10.582 13.026  1.00 30.33 ? 104 ARG A CZ  1 
ATOM   603  N NH1 . ARG A 1 116 ? 8.652   -9.373  13.212  1.00 32.05 ? 104 ARG A NH1 1 
ATOM   604  N NH2 . ARG A 1 116 ? 8.695   -11.601 13.732  1.00 25.87 ? 104 ARG A NH2 1 
ATOM   605  N N   . THR A 1 117 ? 10.896  -9.689  6.315   1.00 16.35 ? 105 THR A N   1 
ATOM   606  C CA  . THR A 1 117 ? 11.469  -8.608  5.490   1.00 18.50 ? 105 THR A CA  1 
ATOM   607  C C   . THR A 1 117 ? 10.488  -8.199  4.405   1.00 18.29 ? 105 THR A C   1 
ATOM   608  O O   . THR A 1 117 ? 10.430  -6.974  4.050   1.00 20.87 ? 105 THR A O   1 
ATOM   609  C CB  . THR A 1 117 ? 12.852  -8.989  4.947   1.00 20.01 ? 105 THR A CB  1 
ATOM   610  O OG1 . THR A 1 117 ? 13.627  -9.482  6.023   1.00 22.68 ? 105 THR A OG1 1 
ATOM   611  C CG2 . THR A 1 117 ? 13.534  -7.770  4.369   1.00 24.30 ? 105 THR A CG2 1 
ATOM   612  N N   . GLY A 1 118 ? 9.759   -9.160  3.805   1.00 17.32 ? 106 GLY A N   1 
ATOM   613  C CA  . GLY A 1 118 ? 8.788   -8.874  2.749   1.00 17.41 ? 106 GLY A CA  1 
ATOM   614  C C   . GLY A 1 118 ? 7.608   -8.054  3.272   1.00 17.01 ? 106 GLY A C   1 
ATOM   615  O O   . GLY A 1 118 ? 7.250   -6.964  2.693   1.00 17.53 ? 106 GLY A O   1 
ATOM   616  N N   . ILE A 1 119 ? 7.002   -8.503  4.355   1.00 14.87 ? 107 ILE A N   1 
ATOM   617  C CA  . ILE A 1 119 ? 5.889   -7.737  4.984   1.00 14.75 ? 107 ILE A CA  1 
ATOM   618  C C   . ILE A 1 119 ? 6.391   -6.347  5.382   1.00 15.03 ? 107 ILE A C   1 
ATOM   619  O O   . ILE A 1 119 ? 5.675   -5.377  5.266   1.00 15.35 ? 107 ILE A O   1 
ATOM   620  C CB  . ILE A 1 119 ? 5.268   -8.483  6.166   1.00 13.87 ? 107 ILE A CB  1 
ATOM   621  C CG1 . ILE A 1 119 ? 4.715   -9.817  5.648   1.00 16.70 ? 107 ILE A CG1 1 
ATOM   622  C CG2 . ILE A 1 119 ? 4.226   -7.613  6.802   1.00 13.90 ? 107 ILE A CG2 1 
ATOM   623  C CD1 . ILE A 1 119 ? 4.336   -10.784 6.716   1.00 18.09 ? 107 ILE A CD1 1 
ATOM   624  N N   . ASN A 1 120 ? 7.630   -6.255  5.844   1.00 13.67 ? 108 ASN A N   1 
ATOM   625  C CA  . ASN A 1 120 ? 8.202   -4.973  6.325   1.00 15.61 ? 108 ASN A CA  1 
ATOM   626  C C   . ASN A 1 120 ? 8.269   -3.968  5.185   1.00 15.01 ? 108 ASN A C   1 
ATOM   627  O O   . ASN A 1 120 ? 8.183   -2.794  5.451   1.00 16.49 ? 108 ASN A O   1 
ATOM   628  C CB  . ASN A 1 120 ? 9.590   -5.174  6.924   1.00 15.51 ? 108 ASN A CB  1 
ATOM   629  C CG  . ASN A 1 120 ? 10.050  -3.935  7.666   1.00 17.34 ? 108 ASN A CG  1 
ATOM   630  O OD1 . ASN A 1 120 ? 9.312   -3.405  8.529   1.00 18.06 ? 108 ASN A OD1 1 
ATOM   631  N ND2 . ASN A 1 120 ? 11.171  -3.383  7.231   1.00 16.67 ? 108 ASN A ND2 1 
ATOM   632  N N   . VAL A 1 121 ? 8.455   -4.412  3.946   1.00 15.64 ? 109 VAL A N   1 
ATOM   633  C CA  . VAL A 1 121 ? 8.480   -3.463  2.798   1.00 15.58 ? 109 VAL A CA  1 
ATOM   634  C C   . VAL A 1 121 ? 7.180   -2.634  2.828   1.00 16.06 ? 109 VAL A C   1 
ATOM   635  O O   . VAL A 1 121 ? 7.160   -1.425  2.586   1.00 16.41 ? 109 VAL A O   1 
ATOM   636  C CB  . VAL A 1 121 ? 8.601   -4.249  1.478   1.00 17.53 ? 109 VAL A CB  1 
ATOM   637  C CG1 . VAL A 1 121 ? 8.187   -3.402  0.282   1.00 20.51 ? 109 VAL A CG1 1 
ATOM   638  C CG2 . VAL A 1 121 ? 10.028  -4.791  1.303   1.00 22.23 ? 109 VAL A CG2 1 
ATOM   639  N N   . PHE A 1 122 ? 6.095   -3.314  3.034   1.00 14.57 ? 110 PHE A N   1 
ATOM   640  C CA  . PHE A 1 122 ? 4.737   -2.704  2.975   1.00 13.68 ? 110 PHE A CA  1 
ATOM   641  C C   . PHE A 1 122 ? 4.451   -1.914  4.249   1.00 14.04 ? 110 PHE A C   1 
ATOM   642  O O   . PHE A 1 122 ? 3.898   -0.801  4.179   1.00 15.90 ? 110 PHE A O   1 
ATOM   643  C CB  . PHE A 1 122 ? 3.710   -3.801  2.711   1.00 16.16 ? 110 PHE A CB  1 
ATOM   644  C CG  . PHE A 1 122 ? 3.877   -4.339  1.326   1.00 14.64 ? 110 PHE A CG  1 
ATOM   645  C CD1 . PHE A 1 122 ? 3.292   -3.719  0.248   1.00 18.76 ? 110 PHE A CD1 1 
ATOM   646  C CD2 . PHE A 1 122 ? 4.723   -5.423  1.096   1.00 15.48 ? 110 PHE A CD2 1 
ATOM   647  C CE1 . PHE A 1 122 ? 3.498   -4.211  -1.042  1.00 15.74 ? 110 PHE A CE1 1 
ATOM   648  C CE2 . PHE A 1 122 ? 4.957   -5.870  -0.193  1.00 16.05 ? 110 PHE A CE2 1 
ATOM   649  C CZ  . PHE A 1 122 ? 4.358   -5.249  -1.254  1.00 16.17 ? 110 PHE A CZ  1 
ATOM   650  N N   . PHE A 1 123 ? 4.827   -2.458  5.402   1.00 13.99 ? 111 PHE A N   1 
ATOM   651  C CA  . PHE A 1 123 ? 4.722   -1.736  6.695   1.00 14.67 ? 111 PHE A CA  1 
ATOM   652  C C   . PHE A 1 123 ? 5.468   -0.398  6.604   1.00 14.89 ? 111 PHE A C   1 
ATOM   653  O O   . PHE A 1 123 ? 4.964   0.613   7.000   1.00 16.29 ? 111 PHE A O   1 
ATOM   654  C CB  . PHE A 1 123 ? 5.244   -2.651  7.788   1.00 14.94 ? 111 PHE A CB  1 
ATOM   655  C CG  . PHE A 1 123 ? 5.272   -2.021  9.141   1.00 14.29 ? 111 PHE A CG  1 
ATOM   656  C CD1 . PHE A 1 123 ? 4.099   -1.791  9.824   1.00 15.38 ? 111 PHE A CD1 1 
ATOM   657  C CD2 . PHE A 1 123 ? 6.471   -1.774  9.780   1.00 17.63 ? 111 PHE A CD2 1 
ATOM   658  C CE1 . PHE A 1 123 ? 4.121   -1.291  11.124  1.00 16.03 ? 111 PHE A CE1 1 
ATOM   659  C CE2 . PHE A 1 123 ? 6.486   -1.280  11.087  1.00 17.54 ? 111 PHE A CE2 1 
ATOM   660  C CZ  . PHE A 1 123 ? 5.307   -1.003  11.735  1.00 16.32 ? 111 PHE A CZ  1 
ATOM   661  N N   . GLU A 1 124 ? 6.734   -0.415  6.167   1.00 16.18 ? 112 GLU A N   1 
ATOM   662  C CA  . GLU A 1 124 ? 7.558   0.811   6.147   1.00 16.69 ? 112 GLU A CA  1 
ATOM   663  C C   . GLU A 1 124 ? 7.068   1.735   5.029   1.00 16.64 ? 112 GLU A C   1 
ATOM   664  O O   . GLU A 1 124 ? 6.968   2.975   5.257   1.00 18.10 ? 112 GLU A O   1 
ATOM   665  C CB  . GLU A 1 124 ? 9.014   0.421   5.914   1.00 19.54 ? 112 GLU A CB  1 
ATOM   666  C CG  . GLU A 1 124 ? 9.680   -0.023  7.171   1.00 22.09 ? 112 GLU A CG  1 
ATOM   667  C CD  . GLU A 1 124 ? 9.744   1.050   8.240   1.00 27.81 ? 112 GLU A CD  1 
ATOM   668  O OE1 . GLU A 1 124 ? 9.894   2.245   7.874   1.00 28.96 ? 112 GLU A OE1 1 
ATOM   669  O OE2 . GLU A 1 124 ? 9.579   0.696   9.418   1.00 29.57 ? 112 GLU A OE2 1 
ATOM   670  N N   . THR A 1 125 ? 6.770   1.199   3.855   1.00 15.60 ? 113 THR A N   1 
ATOM   671  C CA  . THR A 1 125 ? 6.483   2.083   2.717   1.00 17.65 ? 113 THR A CA  1 
ATOM   672  C C   . THR A 1 125 ? 5.152   2.776   2.953   1.00 18.88 ? 113 THR A C   1 
ATOM   673  O O   . THR A 1 125 ? 5.061   4.023   2.726   1.00 18.50 ? 113 THR A O   1 
ATOM   674  C CB  . THR A 1 125 ? 6.480   1.344   1.369   1.00 18.13 ? 113 THR A CB  1 
ATOM   675  O OG1 . THR A 1 125 ? 7.742   0.681   1.154   1.00 19.16 ? 113 THR A OG1 1 
ATOM   676  C CG2 . THR A 1 125 ? 6.164   2.335   0.264   1.00 20.67 ? 113 THR A CG2 1 
ATOM   677  N N   . PHE A 1 126 ? 4.123   2.022   3.314   1.00 16.54 ? 114 PHE A N   1 
ATOM   678  C CA  . PHE A 1 126 ? 2.779   2.603   3.513   1.00 16.64 ? 114 PHE A CA  1 
ATOM   679  C C   . PHE A 1 126 ? 2.805   3.388   4.836   1.00 16.78 ? 114 PHE A C   1 
ATOM   680  O O   . PHE A 1 126 ? 2.122   4.438   4.948   1.00 17.10 ? 114 PHE A O   1 
ATOM   681  C CB  . PHE A 1 126 ? 1.691   1.539   3.457   1.00 17.29 ? 114 PHE A CB  1 
ATOM   682  C CG  . PHE A 1 126 ? 1.560   0.816   2.133   1.00 20.14 ? 114 PHE A CG  1 
ATOM   683  C CD1 . PHE A 1 126 ? 2.011   1.354   0.959   1.00 23.29 ? 114 PHE A CD1 1 
ATOM   684  C CD2 . PHE A 1 126 ? 1.041   -0.466  2.092   1.00 24.62 ? 114 PHE A CD2 1 
ATOM   685  C CE1 . PHE A 1 126 ? 1.877   0.669   -0.252  1.00 26.12 ? 114 PHE A CE1 1 
ATOM   686  C CE2 . PHE A 1 126 ? 0.871   -1.121  0.884   1.00 26.03 ? 114 PHE A CE2 1 
ATOM   687  C CZ  . PHE A 1 126 ? 1.298   -0.553  -0.278  1.00 25.74 ? 114 PHE A CZ  1 
ATOM   688  N N   . GLY A 1 127 ? 3.551   2.891   5.838   1.00 15.62 ? 115 GLY A N   1 
ATOM   689  C CA  . GLY A 1 127 ? 3.653   3.563   7.148   1.00 18.94 ? 115 GLY A CA  1 
ATOM   690  C C   . GLY A 1 127 ? 4.378   4.896   7.095   1.00 20.61 ? 115 GLY A C   1 
ATOM   691  O O   . GLY A 1 127 ? 4.117   5.785   7.949   1.00 22.88 ? 115 GLY A O   1 
ATOM   692  N N   . SER A 1 128 ? 5.180   5.060   6.068   1.00 20.64 ? 116 SER A N   1 
ATOM   693  C CA  . SER A 1 128 ? 5.912   6.316   5.767   1.00 21.60 ? 116 SER A CA  1 
ATOM   694  C C   . SER A 1 128 ? 5.035   7.284   4.978   1.00 25.06 ? 116 SER A C   1 
ATOM   695  O O   . SER A 1 128 ? 5.504   8.425   4.768   1.00 22.88 ? 116 SER A O   1 
ATOM   696  C CB  . SER A 1 128 ? 7.184   6.017   5.049   1.00 23.76 ? 116 SER A CB  1 
ATOM   697  O OG  . SER A 1 128 ? 8.043   5.388   5.963   1.00 26.02 ? 116 SER A OG  1 
ATOM   698  N N   . HIS A 1 129 ? 3.871   6.840   4.494   1.00 21.14 ? 117 HIS A N   1 
ATOM   699  C CA  . HIS A 1 129 ? 2.927   7.635   3.676   1.00 23.01 ? 117 HIS A CA  1 
ATOM   700  C C   . HIS A 1 129 ? 1.496   7.394   4.158   1.00 22.12 ? 117 HIS A C   1 
ATOM   701  O O   . HIS A 1 129 ? 0.643   7.060   3.317   1.00 19.99 ? 117 HIS A O   1 
ATOM   702  C CB  . HIS A 1 129 ? 3.126   7.322   2.178   1.00 24.27 ? 117 HIS A CB  1 
ATOM   703  C CG  . HIS A 1 129 ? 4.492   7.642   1.709   1.00 24.51 ? 117 HIS A CG  1 
ATOM   704  N ND1 . HIS A 1 129 ? 4.876   8.939   1.415   1.00 26.46 ? 117 HIS A ND1 1 
ATOM   705  C CD2 . HIS A 1 129 ? 5.594   6.876   1.550   1.00 26.96 ? 117 HIS A CD2 1 
ATOM   706  C CE1 . HIS A 1 129 ? 6.165   8.941   1.089   1.00 25.75 ? 117 HIS A CE1 1 
ATOM   707  N NE2 . HIS A 1 129 ? 6.614   7.691   1.134   1.00 25.69 ? 117 HIS A NE2 1 
ATOM   708  N N   . LYS A 1 130 ? 1.230   7.538   5.468   1.00 22.06 ? 118 LYS A N   1 
ATOM   709  C CA  . LYS A 1 130 ? -0.102  7.202   6.015   1.00 23.38 ? 118 LYS A CA  1 
ATOM   710  C C   . LYS A 1 130 ? -1.229  8.055   5.423   1.00 23.44 ? 118 LYS A C   1 
ATOM   711  O O   . LYS A 1 130 ? -2.327  7.507   5.209   1.00 21.69 ? 118 LYS A O   1 
ATOM   712  C CB  . LYS A 1 130 ? -0.129  7.342   7.536   1.00 24.63 ? 118 LYS A CB  1 
ATOM   713  C CG  . LYS A 1 130 ? 0.745   6.350   8.259   1.00 25.73 ? 118 LYS A CG  1 
ATOM   714  C CD  . LYS A 1 130 ? 0.511   6.515   9.738   1.00 25.74 ? 118 LYS A CD  1 
ATOM   715  C CE  . LYS A 1 130 ? 1.132   5.432   10.570  1.00 33.04 ? 118 LYS A CE  1 
ATOM   716  N NZ  . LYS A 1 130 ? 2.595   5.564   10.606  1.00 33.32 ? 118 LYS A NZ  1 
ATOM   717  N N   . ALA A 1 131 ? -1.011  9.362   5.286   1.00 23.32 ? 119 ALA A N   1 
ATOM   718  C CA  . ALA A 1 131 ? -2.036  10.291  4.768   1.00 23.74 ? 119 ALA A CA  1 
ATOM   719  C C   . ALA A 1 131 ? -2.416  9.859   3.341   1.00 21.92 ? 119 ALA A C   1 
ATOM   720  O O   . ALA A 1 131 ? -3.608  9.752   3.025   1.00 22.90 ? 119 ALA A O   1 
ATOM   721  C CB  . ALA A 1 131 ? -1.448  11.688  4.837   1.00 24.97 ? 119 ALA A CB  1 
ATOM   722  N N   . VAL A 1 132 ? -1.437  9.555   2.496   1.00 21.48 ? 120 VAL A N   1 
ATOM   723  C CA  . VAL A 1 132 ? -1.707  9.154   1.085   1.00 20.88 ? 120 VAL A CA  1 
ATOM   724  C C   . VAL A 1 132 ? -2.422  7.792   1.032   1.00 22.92 ? 120 VAL A C   1 
ATOM   725  O O   . VAL A 1 132 ? -3.388  7.642   0.268   1.00 23.48 ? 120 VAL A O   1 
ATOM   726  C CB  . VAL A 1 132 ? -0.422  9.157   0.250   1.00 21.47 ? 120 VAL A CB  1 
ATOM   727  C CG1 . VAL A 1 132 ? -0.589  8.405   -1.059  1.00 22.28 ? 120 VAL A CG1 1 
ATOM   728  C CG2 . VAL A 1 132 ? 0.063   10.605  0.017   1.00 21.97 ? 120 VAL A CG2 1 
ATOM   729  N N   . THR A 1 133 ? -1.937  6.828   1.824   1.00 21.29 ? 121 THR A N   1 
ATOM   730  C CA  . THR A 1 133 ? -2.511  5.456   1.947   1.00 21.46 ? 121 THR A CA  1 
ATOM   731  C C   . THR A 1 133 ? -3.966  5.513   2.374   1.00 19.52 ? 121 THR A C   1 
ATOM   732  O O   . THR A 1 133 ? -4.778  4.859   1.681   1.00 20.96 ? 121 THR A O   1 
ATOM   733  C CB  . THR A 1 133 ? -1.806  4.655   3.050   1.00 25.40 ? 121 THR A CB  1 
ATOM   734  O OG1 . THR A 1 133 ? -1.858  5.369   4.265   1.00 44.86 ? 121 THR A OG1 1 
ATOM   735  C CG2 . THR A 1 133 ? -0.377  4.417   2.775   1.00 23.61 ? 121 THR A CG2 1 
ATOM   736  N N   . ARG A 1 134 ? -4.253  6.235   3.466   1.00 19.98 ? 122 ARG A N   1 
ATOM   737  C CA  . ARG A 1 134 ? -5.613  6.470   4.004   1.00 22.99 ? 122 ARG A CA  1 
ATOM   738  C C   . ARG A 1 134 ? -6.526  7.089   2.944   1.00 25.14 ? 122 ARG A C   1 
ATOM   739  O O   . ARG A 1 134 ? -7.584  6.513   2.660   1.00 22.35 ? 122 ARG A O   1 
ATOM   740  C CB  . ARG A 1 134 ? -5.562  7.389   5.219   1.00 26.95 ? 122 ARG A CB  1 
ATOM   741  C CG  . ARG A 1 134 ? -6.936  7.771   5.746   1.00 37.21 ? 122 ARG A CG  1 
ATOM   742  C CD  . ARG A 1 134 ? -6.743  8.386   7.117   1.00 48.62 ? 122 ARG A CD  1 
ATOM   743  N NE  . ARG A 1 134 ? -7.902  8.131   7.968   1.00 59.32 ? 122 ARG A NE  1 
ATOM   744  C CZ  . ARG A 1 134 ? -7.872  8.023   9.297   1.00 60.48 ? 122 ARG A CZ  1 
ATOM   745  N NH1 . ARG A 1 134 ? -8.994  7.797   9.962   1.00 62.34 ? 122 ARG A NH1 1 
ATOM   746  N NH2 . ARG A 1 134 ? -6.729  8.121   9.956   1.00 60.70 ? 122 ARG A NH2 1 
ATOM   747  N N   . ALA A 1 135 ? -6.118  8.208   2.341   1.00 24.10 ? 123 ALA A N   1 
ATOM   748  C CA  . ALA A 1 135 ? -6.944  8.895   1.314   1.00 23.63 ? 123 ALA A CA  1 
ATOM   749  C C   . ALA A 1 135 ? -7.128  7.999   0.095   1.00 21.82 ? 123 ALA A C   1 
ATOM   750  O O   . ALA A 1 135 ? -8.228  7.982   -0.497  1.00 24.63 ? 123 ALA A O   1 
ATOM   751  C CB  . ALA A 1 135 ? -6.307  10.207  0.897   1.00 21.71 ? 123 ALA A CB  1 
ATOM   752  N N   . GLY A 1 136 ? -6.065  7.324   -0.336  1.00 19.02 ? 124 GLY A N   1 
ATOM   753  C CA  . GLY A 1 136 ? -6.089  6.434   -1.488  1.00 20.93 ? 124 GLY A CA  1 
ATOM   754  C C   . GLY A 1 136 ? -7.029  5.275   -1.223  1.00 23.05 ? 124 GLY A C   1 
ATOM   755  O O   . GLY A 1 136 ? -7.756  4.911   -2.128  1.00 25.47 ? 124 GLY A O   1 
ATOM   756  N N   . GLN A 1 137 ? -7.034  4.721   0.000   1.00 23.53 ? 125 GLN A N   1 
ATOM   757  C CA  . GLN A 1 137 ? -7.907  3.555   0.309   1.00 25.33 ? 125 GLN A CA  1 
ATOM   758  C C   . GLN A 1 137 ? -9.365  4.020   0.201   1.00 24.22 ? 125 GLN A C   1 
ATOM   759  O O   . GLN A 1 137 ? -10.164 3.302   -0.395  1.00 25.87 ? 125 GLN A O   1 
ATOM   760  C CB  . GLN A 1 137 ? -7.582  2.966   1.691   1.00 25.40 ? 125 GLN A CB  1 
ATOM   761  C CG  . GLN A 1 137 ? -6.329  2.082   1.696   1.00 27.77 ? 125 GLN A CG  1 
ATOM   762  C CD  . GLN A 1 137 ? -6.330  1.011   0.631   1.00 29.14 ? 125 GLN A CD  1 
ATOM   763  O OE1 . GLN A 1 137 ? -7.251  0.213   0.559   1.00 25.75 ? 125 GLN A OE1 1 
ATOM   764  N NE2 . GLN A 1 137 ? -5.321  1.042   -0.240  1.00 28.40 ? 125 GLN A NE2 1 
ATOM   765  N N   . ALA A 1 138 ? -9.671  5.214   0.706   1.00 26.06 ? 126 ALA A N   1 
ATOM   766  C CA  . ALA A 1 138 ? -11.032 5.782   0.752   1.00 27.63 ? 126 ALA A CA  1 
ATOM   767  C C   . ALA A 1 138 ? -11.495 6.056   -0.677  1.00 29.87 ? 126 ALA A C   1 
ATOM   768  O O   . ALA A 1 138 ? -12.679 5.828   -0.979  1.00 30.26 ? 126 ALA A O   1 
ATOM   769  C CB  . ALA A 1 138 ? -11.038 7.029   1.608   1.00 29.64 ? 126 ALA A CB  1 
ATOM   770  N N   . ALA A 1 139 ? -10.587 6.524   -1.531  1.00 26.68 ? 127 ALA A N   1 
ATOM   771  C CA  . ALA A 1 139 ? -10.882 6.870   -2.940  1.00 26.67 ? 127 ALA A CA  1 
ATOM   772  C C   . ALA A 1 139 ? -11.178 5.603   -3.762  1.00 28.06 ? 127 ALA A C   1 
ATOM   773  O O   . ALA A 1 139 ? -11.826 5.720   -4.843  1.00 28.29 ? 127 ALA A O   1 
ATOM   774  C CB  . ALA A 1 139 ? -9.749  7.682   -3.518  1.00 24.55 ? 127 ALA A CB  1 
ATOM   775  N N   . ARG A 1 140 ? -10.843 4.388   -3.293  1.00 25.66 ? 128 ARG A N   1 
ATOM   776  C CA  . ARG A 1 140 ? -11.216 3.169   -4.056  1.00 24.74 ? 128 ARG A CA  1 
ATOM   777  C C   . ARG A 1 140 ? -12.736 3.141   -4.253  1.00 26.94 ? 128 ARG A C   1 
ATOM   778  O O   . ARG A 1 140 ? -13.208 2.571   -5.279  1.00 29.35 ? 128 ARG A O   1 
ATOM   779  C CB  . ARG A 1 140 ? -10.778 1.888   -3.343  1.00 25.53 ? 128 ARG A CB  1 
ATOM   780  C CG  . ARG A 1 140 ? -9.272  1.713   -3.293  1.00 26.30 ? 128 ARG A CG  1 
ATOM   781  C CD  . ARG A 1 140 ? -8.848  0.602   -2.363  1.00 25.12 ? 128 ARG A CD  1 
ATOM   782  N NE  . ARG A 1 140 ? -9.378  -0.679  -2.770  1.00 24.12 ? 128 ARG A NE  1 
ATOM   783  C CZ  . ARG A 1 140 ? -9.233  -1.793  -2.046  1.00 26.84 ? 128 ARG A CZ  1 
ATOM   784  N NH1 . ARG A 1 140 ? -8.648  -1.741  -0.857  1.00 23.46 ? 128 ARG A NH1 1 
ATOM   785  N NH2 . ARG A 1 140 ? -9.728  -2.928  -2.495  1.00 27.86 ? 128 ARG A NH2 1 
ATOM   786  N N   . ALA A 1 141 ? -13.490 3.665   -3.303  1.00 27.44 ? 129 ALA A N   1 
ATOM   787  C CA  . ALA A 1 141 ? -14.970 3.617   -3.345  1.00 33.22 ? 129 ALA A CA  1 
ATOM   788  C C   . ALA A 1 141 ? -15.501 4.516   -4.481  1.00 35.45 ? 129 ALA A C   1 
ATOM   789  O O   . ALA A 1 141 ? -16.540 4.178   -5.054  1.00 37.58 ? 129 ALA A O   1 
ATOM   790  C CB  . ALA A 1 141 ? -15.554 4.011   -2.013  1.00 31.03 ? 129 ALA A CB  1 
ATOM   791  N N   . THR A 1 142 ? -14.843 5.640   -4.774  1.00 36.37 ? 130 THR A N   1 
ATOM   792  C CA  . THR A 1 142 ? -15.419 6.723   -5.607  1.00 36.63 ? 130 THR A CA  1 
ATOM   793  C C   . THR A 1 142 ? -14.585 6.973   -6.859  1.00 40.93 ? 130 THR A C   1 
ATOM   794  O O   . THR A 1 142 ? -15.055 7.762   -7.675  1.00 41.31 ? 130 THR A O   1 
ATOM   795  C CB  . THR A 1 142 ? -15.623 7.970   -4.744  1.00 38.28 ? 130 THR A CB  1 
ATOM   796  O OG1 . THR A 1 142 ? -14.345 8.404   -4.294  1.00 36.21 ? 130 THR A OG1 1 
ATOM   797  C CG2 . THR A 1 142 ? -16.505 7.689   -3.550  1.00 40.93 ? 130 THR A CG2 1 
ATOM   798  N N   . SER A 1 143 ? -13.421 6.333   -7.030  1.00 32.74 ? 131 SER A N   1 
ATOM   799  C CA  . SER A 1 143 ? -12.586 6.464   -8.247  1.00 30.23 ? 131 SER A CA  1 
ATOM   800  C C   . SER A 1 143 ? -12.346 5.091   -8.872  1.00 33.25 ? 131 SER A C   1 
ATOM   801  O O   . SER A 1 143 ? -11.787 4.193   -8.189  1.00 28.56 ? 131 SER A O   1 
ATOM   802  C CB  . SER A 1 143 ? -11.294 7.166   -7.975  1.00 29.34 ? 131 SER A CB  1 
ATOM   803  O OG  . SER A 1 143 ? -10.407 6.946   -9.074  1.00 28.50 ? 131 SER A OG  1 
ATOM   804  N N   . VAL A 1 144 ? -12.781 4.877   -10.122 1.00 32.57 ? 132 VAL A N   1 
ATOM   805  C CA  . VAL A 1 144 ? -12.479 3.588   -10.811 1.00 30.46 ? 132 VAL A CA  1 
ATOM   806  C C   . VAL A 1 144 ? -10.973 3.493   -11.036 1.00 28.55 ? 132 VAL A C   1 
ATOM   807  O O   . VAL A 1 144 ? -10.457 2.394   -11.023 1.00 24.06 ? 132 VAL A O   1 
ATOM   808  C CB  . VAL A 1 144 ? -13.252 3.430   -12.132 1.00 37.62 ? 132 VAL A CB  1 
ATOM   809  C CG1 . VAL A 1 144 ? -12.935 2.107   -12.818 1.00 39.48 ? 132 VAL A CG1 1 
ATOM   810  C CG2 . VAL A 1 144 ? -14.734 3.584   -11.882 1.00 37.41 ? 132 VAL A CG2 1 
ATOM   811  N N   . GLU A 1 145 ? -10.299 4.596   -11.347 1.00 27.34 ? 133 GLU A N   1 
ATOM   812  C CA  . GLU A 1 145 ? -8.849  4.576   -11.614 1.00 27.93 ? 133 GLU A CA  1 
ATOM   813  C C   . GLU A 1 145 ? -8.118  4.151   -10.326 1.00 23.70 ? 133 GLU A C   1 
ATOM   814  O O   . GLU A 1 145 ? -7.104  3.438   -10.424 1.00 24.41 ? 133 GLU A O   1 
ATOM   815  C CB  . GLU A 1 145 ? -8.363  5.942   -12.114 1.00 32.29 ? 133 GLU A CB  1 
ATOM   816  C CG  . GLU A 1 145 ? -8.787  6.230   -13.545 1.00 38.21 ? 133 GLU A CG  1 
ATOM   817  C CD  . GLU A 1 145 ? -8.487  7.635   -14.057 1.00 50.01 ? 133 GLU A CD  1 
ATOM   818  O OE1 . GLU A 1 145 ? -9.184  8.600   -13.641 1.00 58.90 ? 133 GLU A OE1 1 
ATOM   819  O OE2 . GLU A 1 145 ? -7.569  7.769   -14.885 1.00 58.87 ? 133 GLU A OE2 1 
ATOM   820  N N   . VAL A 1 146 ? -8.554  4.651   -9.172  1.00 24.38 ? 134 VAL A N   1 
ATOM   821  C CA  . VAL A 1 146 ? -7.874  4.286   -7.893  1.00 23.30 ? 134 VAL A CA  1 
ATOM   822  C C   . VAL A 1 146 ? -8.180  2.821   -7.584  1.00 24.24 ? 134 VAL A C   1 
ATOM   823  O O   . VAL A 1 146 ? -7.239  2.085   -7.259  1.00 22.18 ? 134 VAL A O   1 
ATOM   824  C CB  . VAL A 1 146 ? -8.238  5.210   -6.727  1.00 24.00 ? 134 VAL A CB  1 
ATOM   825  C CG1 . VAL A 1 146 ? -7.790  4.632   -5.405  1.00 24.06 ? 134 VAL A CG1 1 
ATOM   826  C CG2 . VAL A 1 146 ? -7.657  6.602   -6.943  1.00 25.16 ? 134 VAL A CG2 1 
ATOM   827  N N   . ALA A 1 147 ? -9.421  2.395   -7.744  1.00 24.32 ? 135 ALA A N   1 
ATOM   828  C CA  . ALA A 1 147 ? -9.787  0.983   -7.508  1.00 25.99 ? 135 ALA A CA  1 
ATOM   829  C C   . ALA A 1 147 ? -9.010  0.068   -8.452  1.00 25.70 ? 135 ALA A C   1 
ATOM   830  O O   . ALA A 1 147 ? -8.562  -0.982  -7.975  1.00 24.66 ? 135 ALA A O   1 
ATOM   831  C CB  . ALA A 1 147 ? -11.291 0.795   -7.580  1.00 27.16 ? 135 ALA A CB  1 
ATOM   832  N N   . GLU A 1 148 ? -8.840  0.390   -9.749  1.00 20.72 ? 136 GLU A N   1 
ATOM   833  C CA  . GLU A 1 148 ? -8.122  -0.492  -10.683 1.00 23.51 ? 136 GLU A CA  1 
ATOM   834  C C   . GLU A 1 148 ? -6.611  -0.511  -10.355 1.00 20.40 ? 136 GLU A C   1 
ATOM   835  O O   . GLU A 1 148 ? -6.022  -1.559  -10.501 1.00 23.39 ? 136 GLU A O   1 
ATOM   836  C CB  . GLU A 1 148 ? -8.444  -0.133  -12.143 1.00 28.08 ? 136 GLU A CB  1 
ATOM   837  C CG  . GLU A 1 148 ? -9.897  -0.411  -12.491 1.00 31.06 ? 136 GLU A CG  1 
ATOM   838  C CD  . GLU A 1 148 ? -10.300 -0.048  -13.907 1.00 43.42 ? 136 GLU A CD  1 
ATOM   839  O OE1 . GLU A 1 148 ? -9.575  0.770   -14.518 1.00 41.65 ? 136 GLU A OE1 1 
ATOM   840  O OE2 . GLU A 1 148 ? -11.340 -0.581  -14.392 1.00 48.27 ? 136 GLU A OE2 1 
ATOM   841  N N   . LEU A 1 149 ? -6.022  0.605   -9.933  1.00 23.83 ? 137 LEU A N   1 
ATOM   842  C CA  . LEU A 1 149 ? -4.600  0.698   -9.541  1.00 22.58 ? 137 LEU A CA  1 
ATOM   843  C C   . LEU A 1 149 ? -4.390  -0.269  -8.375  1.00 19.68 ? 137 LEU A C   1 
ATOM   844  O O   . LEU A 1 149 ? -3.415  -1.091  -8.414  1.00 18.02 ? 137 LEU A O   1 
ATOM   845  C CB  . LEU A 1 149 ? -4.280  2.134   -9.119  1.00 24.35 ? 137 LEU A CB  1 
ATOM   846  C CG  . LEU A 1 149 ? -2.887  2.379   -8.576  1.00 27.18 ? 137 LEU A CG  1 
ATOM   847  C CD1 . LEU A 1 149 ? -1.834  2.019   -9.575  1.00 29.03 ? 137 LEU A CD1 1 
ATOM   848  C CD2 . LEU A 1 149 ? -2.714  3.820   -8.135  1.00 29.34 ? 137 LEU A CD2 1 
ATOM   849  N N   . TRP A 1 150 ? -5.200  -0.099  -7.346  1.00 21.76 ? 138 TRP A N   1 
ATOM   850  C CA  . TRP A 1 150 ? -5.043  -0.947  -6.136  1.00 20.60 ? 138 TRP A CA  1 
ATOM   851  C C   . TRP A 1 150 ? -5.195  -2.422  -6.526  1.00 21.29 ? 138 TRP A C   1 
ATOM   852  O O   . TRP A 1 150 ? -4.363  -3.260  -6.154  1.00 17.57 ? 138 TRP A O   1 
ATOM   853  C CB  . TRP A 1 150 ? -5.982  -0.470  -5.019  1.00 19.87 ? 138 TRP A CB  1 
ATOM   854  C CG  . TRP A 1 150 ? -5.621  -1.222  -3.782  1.00 19.52 ? 138 TRP A CG  1 
ATOM   855  C CD1 . TRP A 1 150 ? -6.274  -2.289  -3.223  1.00 20.50 ? 138 TRP A CD1 1 
ATOM   856  C CD2 . TRP A 1 150 ? -4.427  -1.032  -2.997  1.00 20.79 ? 138 TRP A CD2 1 
ATOM   857  N NE1 . TRP A 1 150 ? -5.583  -2.735  -2.127  1.00 19.68 ? 138 TRP A NE1 1 
ATOM   858  C CE2 . TRP A 1 150 ? -4.451  -1.998  -1.963  1.00 20.98 ? 138 TRP A CE2 1 
ATOM   859  C CE3 . TRP A 1 150 ? -3.402  -0.087  -3.006  1.00 22.64 ? 138 TRP A CE3 1 
ATOM   860  C CZ2 . TRP A 1 150 ? -3.435  -2.092  -1.009  1.00 22.38 ? 138 TRP A CZ2 1 
ATOM   861  C CZ3 . TRP A 1 150 ? -2.407  -0.170  -2.057  1.00 25.86 ? 138 TRP A CZ3 1 
ATOM   862  C CH2 . TRP A 1 150 ? -2.428  -1.154  -1.066  1.00 21.53 ? 138 TRP A CH2 1 
ATOM   863  N N   . SER A 1 151 ? -6.202  -2.737  -7.330  1.00 19.50 ? 139 SER A N   1 
ATOM   864  C CA  . SER A 1 151 ? -6.518  -4.122  -7.752  1.00 20.16 ? 139 SER A CA  1 
ATOM   865  C C   . SER A 1 151 ? -5.322  -4.686  -8.514  1.00 18.05 ? 139 SER A C   1 
ATOM   866  O O   . SER A 1 151 ? -4.908  -5.798  -8.269  1.00 18.67 ? 139 SER A O   1 
ATOM   867  C CB  . SER A 1 151 ? -7.837  -4.162  -8.540  1.00 19.91 ? 139 SER A CB  1 
ATOM   868  O OG  . SER A 1 151 ? -7.985  -5.390  -9.188  1.00 23.21 ? 139 SER A OG  1 
ATOM   869  N N   . THR A 1 152 ? -4.750  -3.931  -9.463  1.00 17.32 ? 140 THR A N   1 
ATOM   870  C CA  . THR A 1 152 ? -3.632  -4.391  -10.292 1.00 18.09 ? 140 THR A CA  1 
ATOM   871  C C   . THR A 1 152 ? -2.479  -4.820  -9.394  1.00 16.57 ? 140 THR A C   1 
ATOM   872  O O   . THR A 1 152 ? -1.887  -5.848  -9.683  1.00 16.04 ? 140 THR A O   1 
ATOM   873  C CB  . THR A 1 152 ? -3.133  -3.283  -11.236 1.00 19.75 ? 140 THR A CB  1 
ATOM   874  O OG1 . THR A 1 152 ? -4.160  -3.122  -12.208 1.00 26.69 ? 140 THR A OG1 1 
ATOM   875  C CG2 . THR A 1 152 ? -1.855  -3.622  -11.949 1.00 21.52 ? 140 THR A CG2 1 
ATOM   876  N N   . PHE A 1 153 ? -2.101  -3.966  -8.444  1.00 17.86 ? 141 PHE A N   1 
ATOM   877  C CA  . PHE A 1 153 ? -0.924  -4.225  -7.583  1.00 18.20 ? 141 PHE A CA  1 
ATOM   878  C C   . PHE A 1 153 ? -1.235  -5.381  -6.619  1.00 16.14 ? 141 PHE A C   1 
ATOM   879  O O   . PHE A 1 153 ? -0.357  -6.220  -6.470  1.00 15.62 ? 141 PHE A O   1 
ATOM   880  C CB  . PHE A 1 153 ? -0.399  -2.964  -6.928  1.00 20.21 ? 141 PHE A CB  1 
ATOM   881  C CG  . PHE A 1 153 ? 0.503   -2.222  -7.877  1.00 20.06 ? 141 PHE A CG  1 
ATOM   882  C CD1 . PHE A 1 153 ? 1.835   -2.584  -7.989  1.00 20.78 ? 141 PHE A CD1 1 
ATOM   883  C CD2 . PHE A 1 153 ? -0.032  -1.317  -8.762  1.00 21.71 ? 141 PHE A CD2 1 
ATOM   884  C CE1 . PHE A 1 153 ? 2.670   -1.912  -8.868  1.00 22.51 ? 141 PHE A CE1 1 
ATOM   885  C CE2 . PHE A 1 153 ? 0.798   -0.672  -9.678  1.00 22.48 ? 141 PHE A CE2 1 
ATOM   886  C CZ  . PHE A 1 153 ? 2.143   -0.972  -9.713  1.00 20.44 ? 141 PHE A CZ  1 
ATOM   887  N N   . MET A 1 154 ? -2.430  -5.451  -6.067  1.00 18.25 ? 142 MET A N   1 
ATOM   888  C CA  . MET A 1 154 ? -2.761  -6.624  -5.178  1.00 16.68 ? 142 MET A CA  1 
ATOM   889  C C   . MET A 1 154 ? -2.617  -7.926  -5.974  1.00 17.89 ? 142 MET A C   1 
ATOM   890  O O   . MET A 1 154 ? -2.097  -8.941  -5.418  1.00 16.37 ? 142 MET A O   1 
ATOM   891  C CB  . MET A 1 154 ? -4.147  -6.464  -4.580  1.00 16.38 ? 142 MET A CB  1 
ATOM   892  C CG  . MET A 1 154 ? -4.212  -5.387  -3.544  1.00 17.44 ? 142 MET A CG  1 
ATOM   893  S SD  . MET A 1 154 ? -3.285  -5.690  -2.040  1.00 19.16 ? 142 MET A SD  1 
ATOM   894  C CE  . MET A 1 154 ? -4.231  -7.024  -1.288  1.00 17.00 ? 142 MET A CE  1 
ATOM   895  N N   . GLN A 1 155 ? -3.110  -7.962  -7.226  1.00 16.93 ? 143 GLN A N   1 
ATOM   896  C CA  . GLN A 1 155 ? -2.988  -9.184  -8.037  1.00 16.85 ? 143 GLN A CA  1 
ATOM   897  C C   . GLN A 1 155 ? -1.507  -9.524  -8.209  1.00 16.20 ? 143 GLN A C   1 
ATOM   898  O O   . GLN A 1 155 ? -1.145  -10.692 -8.057  1.00 15.73 ? 143 GLN A O   1 
ATOM   899  C CB  . GLN A 1 155 ? -3.688  -9.006  -9.377  1.00 18.05 ? 143 GLN A CB  1 
ATOM   900  C CG  . GLN A 1 155 ? -5.193  -8.864  -9.277  1.00 23.97 ? 143 GLN A CG  1 
ATOM   901  C CD  . GLN A 1 155 ? -5.793  -8.518  -10.628 1.00 29.15 ? 143 GLN A CD  1 
ATOM   902  O OE1 . GLN A 1 155 ? -5.545  -9.204  -11.610 1.00 35.78 ? 143 GLN A OE1 1 
ATOM   903  N NE2 . GLN A 1 155 ? -6.523  -7.416  -10.715 1.00 34.64 ? 143 GLN A NE2 1 
ATOM   904  N N   . LYS A 1 156 ? -0.653  -8.537  -8.500  1.00 15.34 ? 144 LYS A N   1 
ATOM   905  C CA  . LYS A 1 156 ? 0.788   -8.770  -8.661  1.00 18.33 ? 144 LYS A CA  1 
ATOM   906  C C   . LYS A 1 156 ? 1.413   -9.317  -7.361  1.00 16.97 ? 144 LYS A C   1 
ATOM   907  O O   . LYS A 1 156 ? 2.143   -10.303 -7.396  1.00 16.02 ? 144 LYS A O   1 
ATOM   908  C CB  . LYS A 1 156 ? 1.398   -7.438  -9.105  1.00 19.44 ? 144 LYS A CB  1 
ATOM   909  C CG  . LYS A 1 156 ? 2.864   -7.565  -9.396  1.00 23.45 ? 144 LYS A CG  1 
ATOM   910  C CD  . LYS A 1 156 ? 3.503   -6.304  -9.934  1.00 27.62 ? 144 LYS A CD  1 
ATOM   911  C CE  . LYS A 1 156 ? 4.929   -6.607  -10.379 1.00 30.61 ? 144 LYS A CE  1 
ATOM   912  N NZ  . LYS A 1 156 ? 5.594   -5.364  -10.823 1.00 30.10 ? 144 LYS A NZ  1 
ATOM   913  N N   . TRP A 1 157 ? 1.086   -8.704  -6.230  1.00 15.29 ? 145 TRP A N   1 
ATOM   914  C CA  . TRP A 1 157 ? 1.692   -9.047  -4.921  1.00 15.01 ? 145 TRP A CA  1 
ATOM   915  C C   . TRP A 1 157 ? 1.196   -10.443 -4.506  1.00 14.81 ? 145 TRP A C   1 
ATOM   916  O O   . TRP A 1 157 ? 1.981   -11.235 -3.987  1.00 15.83 ? 145 TRP A O   1 
ATOM   917  C CB  . TRP A 1 157 ? 1.370   -7.976  -3.881  1.00 15.24 ? 145 TRP A CB  1 
ATOM   918  C CG  . TRP A 1 157 ? 1.994   -6.664  -4.252  1.00 15.19 ? 145 TRP A CG  1 
ATOM   919  C CD1 . TRP A 1 157 ? 3.158   -6.522  -4.951  1.00 16.80 ? 145 TRP A CD1 1 
ATOM   920  C CD2 . TRP A 1 157 ? 1.572   -5.363  -3.874  1.00 14.75 ? 145 TRP A CD2 1 
ATOM   921  N NE1 . TRP A 1 157 ? 3.418   -5.197  -5.160  1.00 16.87 ? 145 TRP A NE1 1 
ATOM   922  C CE2 . TRP A 1 157 ? 2.485   -4.459  -4.497  1.00 16.42 ? 145 TRP A CE2 1 
ATOM   923  C CE3 . TRP A 1 157 ? 0.473   -4.850  -3.177  1.00 16.02 ? 145 TRP A CE3 1 
ATOM   924  C CZ2 . TRP A 1 157 ? 2.388   -3.088  -4.310  1.00 17.18 ? 145 TRP A CZ2 1 
ATOM   925  C CZ3 . TRP A 1 157 ? 0.344   -3.485  -3.055  1.00 19.27 ? 145 TRP A CZ3 1 
ATOM   926  C CH2 . TRP A 1 157 ? 1.296   -2.622  -3.614  1.00 14.97 ? 145 TRP A CH2 1 
ATOM   927  N N   . ILE A 1 158 ? -0.084  -10.750 -4.777  1.00 14.63 ? 146 ILE A N   1 
ATOM   928  C CA  . ILE A 1 158 ? -0.626  -12.117 -4.477  1.00 13.43 ? 146 ILE A CA  1 
ATOM   929  C C   . ILE A 1 158 ? 0.107   -13.138 -5.370  1.00 15.12 ? 146 ILE A C   1 
ATOM   930  O O   . ILE A 1 158 ? 0.447   -14.233 -4.906  1.00 13.48 ? 146 ILE A O   1 
ATOM   931  C CB  . ILE A 1 158 ? -2.166  -12.148 -4.675  1.00 13.22 ? 146 ILE A CB  1 
ATOM   932  C CG1 . ILE A 1 158 ? -2.792  -11.331 -3.555  1.00 13.31 ? 146 ILE A CG1 1 
ATOM   933  C CG2 . ILE A 1 158 ? -2.721  -13.592 -4.711  1.00 14.80 ? 146 ILE A CG2 1 
ATOM   934  C CD1 . ILE A 1 158 ? -4.237  -10.915 -3.783  1.00 14.35 ? 146 ILE A CD1 1 
ATOM   935  N N   . ALA A 1 159 ? 0.338   -12.810 -6.630  1.00 14.83 ? 147 ALA A N   1 
ATOM   936  C CA  . ALA A 1 159 ? 0.958   -13.786 -7.565  1.00 15.92 ? 147 ALA A CA  1 
ATOM   937  C C   . ALA A 1 159 ? 2.400   -14.034 -7.122  1.00 17.48 ? 147 ALA A C   1 
ATOM   938  O O   . ALA A 1 159 ? 2.827   -15.232 -7.087  1.00 16.92 ? 147 ALA A O   1 
ATOM   939  C CB  . ALA A 1 159 ? 0.886   -13.298 -8.975  1.00 17.46 ? 147 ALA A CB  1 
ATOM   940  N N   . TYR A 1 160 ? 3.073   -13.006 -6.607  1.00 18.08 ? 148 TYR A N   1 
ATOM   941  C CA  . TYR A 1 160 ? 4.460   -13.174 -6.126  1.00 20.39 ? 148 TYR A CA  1 
ATOM   942  C C   . TYR A 1 160 ? 4.466   -14.029 -4.853  1.00 18.06 ? 148 TYR A C   1 
ATOM   943  O O   . TYR A 1 160 ? 5.230   -15.016 -4.719  1.00 17.06 ? 148 TYR A O   1 
ATOM   944  C CB  . TYR A 1 160 ? 5.203   -11.851 -5.945  1.00 24.95 ? 148 TYR A CB  1 
ATOM   945  C CG  . TYR A 1 160 ? 6.657   -12.153 -5.738  1.00 32.21 ? 148 TYR A CG  1 
ATOM   946  C CD1 . TYR A 1 160 ? 7.399   -12.864 -6.679  1.00 37.91 ? 148 TYR A CD1 1 
ATOM   947  C CD2 . TYR A 1 160 ? 7.263   -11.849 -4.542  1.00 34.55 ? 148 TYR A CD2 1 
ATOM   948  C CE1 . TYR A 1 160 ? 8.722   -13.221 -6.447  1.00 40.24 ? 148 TYR A CE1 1 
ATOM   949  C CE2 . TYR A 1 160 ? 8.584   -12.179 -4.310  1.00 41.66 ? 148 TYR A CE2 1 
ATOM   950  C CZ  . TYR A 1 160 ? 9.320   -12.869 -5.254  1.00 38.80 ? 148 TYR A CZ  1 
ATOM   951  O OH  . TYR A 1 160 ? 10.609  -13.207 -4.933  1.00 48.41 ? 148 TYR A OH  1 
ATOM   952  N N   . THR A 1 161 ? 3.570   -13.732 -3.928  1.00 15.90 ? 149 THR A N   1 
ATOM   953  C CA  . THR A 1 161 ? 3.398   -14.549 -2.718  1.00 15.40 ? 149 THR A CA  1 
ATOM   954  C C   . THR A 1 161 ? 3.189   -16.023 -3.076  1.00 15.95 ? 149 THR A C   1 
ATOM   955  O O   . THR A 1 161 ? 3.816   -16.895 -2.450  1.00 15.72 ? 149 THR A O   1 
ATOM   956  C CB  . THR A 1 161 ? 2.252   -14.008 -1.821  1.00 13.35 ? 149 THR A CB  1 
ATOM   957  O OG1 . THR A 1 161 ? 2.517   -12.653 -1.444  1.00 15.37 ? 149 THR A OG1 1 
ATOM   958  C CG2 . THR A 1 161 ? 2.108   -14.840 -0.574  1.00 13.81 ? 149 THR A CG2 1 
ATOM   959  N N   . ALA A 1 162 ? 2.259   -16.325 -3.987  1.00 14.79 ? 150 ALA A N   1 
ATOM   960  C CA  . ALA A 1 162 ? 1.888   -17.701 -4.367  1.00 16.99 ? 150 ALA A CA  1 
ATOM   961  C C   . ALA A 1 162 ? 3.111   -18.410 -4.975  1.00 16.46 ? 150 ALA A C   1 
ATOM   962  O O   . ALA A 1 162 ? 3.356   -19.574 -4.667  1.00 18.38 ? 150 ALA A O   1 
ATOM   963  C CB  . ALA A 1 162 ? 0.745   -17.634 -5.318  1.00 16.90 ? 150 ALA A CB  1 
ATOM   964  N N   . ALA A 1 163 ? 3.874   -17.679 -5.766  1.00 19.55 ? 151 ALA A N   1 
ATOM   965  C CA  . ALA A 1 163 ? 5.104   -18.183 -6.442  1.00 20.92 ? 151 ALA A CA  1 
ATOM   966  C C   . ALA A 1 163 ? 6.142   -18.552 -5.399  1.00 22.03 ? 151 ALA A C   1 
ATOM   967  O O   . ALA A 1 163 ? 6.740   -19.610 -5.547  1.00 22.55 ? 151 ALA A O   1 
ATOM   968  C CB  . ALA A 1 163 ? 5.667   -17.167 -7.424  1.00 19.43 ? 151 ALA A CB  1 
ATOM   969  N N   . VAL A 1 164 ? 6.318   -17.765 -4.338  1.00 19.95 ? 152 VAL A N   1 
ATOM   970  C CA  . VAL A 1 164 ? 7.278   -18.095 -3.250  1.00 19.84 ? 152 VAL A CA  1 
ATOM   971  C C   . VAL A 1 164 ? 6.774   -19.312 -2.445  1.00 21.34 ? 152 VAL A C   1 
ATOM   972  O O   . VAL A 1 164 ? 7.551   -20.188 -2.152  1.00 20.95 ? 152 VAL A O   1 
ATOM   973  C CB  . VAL A 1 164 ? 7.559   -16.854 -2.375  1.00 22.00 ? 152 VAL A CB  1 
ATOM   974  C CG1 . VAL A 1 164 ? 8.531   -17.205 -1.240  1.00 21.67 ? 152 VAL A CG1 1 
ATOM   975  C CG2 . VAL A 1 164 ? 8.093   -15.713 -3.219  1.00 25.40 ? 152 VAL A CG2 1 
ATOM   976  N N   . ILE A 1 165 ? 5.487   -19.375 -2.106  1.00 16.91 ? 153 ILE A N   1 
ATOM   977  C CA  . ILE A 1 165 ? 4.892   -20.535 -1.407  1.00 18.73 ? 153 ILE A CA  1 
ATOM   978  C C   . ILE A 1 165 ? 5.133   -21.776 -2.292  1.00 20.60 ? 153 ILE A C   1 
ATOM   979  O O   . ILE A 1 165 ? 5.615   -22.739 -1.754  1.00 21.83 ? 153 ILE A O   1 
ATOM   980  C CB  . ILE A 1 165 ? 3.395   -20.308 -1.065  1.00 17.10 ? 153 ILE A CB  1 
ATOM   981  C CG1 . ILE A 1 165 ? 3.189   -19.206 -0.015  1.00 16.10 ? 153 ILE A CG1 1 
ATOM   982  C CG2 . ILE A 1 165 ? 2.807   -21.602 -0.596  1.00 17.43 ? 153 ILE A CG2 1 
ATOM   983  C CD1 . ILE A 1 165 ? 1.744   -18.720 0.094   1.00 15.69 ? 153 ILE A CD1 1 
ATOM   984  N N   . ASP A 1 166 ? 4.832   -21.708 -3.597  1.00 19.18 ? 154 ASP A N   1 
ATOM   985  C CA  . ASP A 1 166 ? 5.065   -22.818 -4.560  1.00 23.28 ? 154 ASP A CA  1 
ATOM   986  C C   . ASP A 1 166 ? 6.551   -23.239 -4.532  1.00 25.10 ? 154 ASP A C   1 
ATOM   987  O O   . ASP A 1 166 ? 6.811   -24.456 -4.360  1.00 26.19 ? 154 ASP A O   1 
ATOM   988  C CB  . ASP A 1 166 ? 4.561   -22.472 -5.954  1.00 24.36 ? 154 ASP A CB  1 
ATOM   989  C CG  . ASP A 1 166 ? 3.057   -22.673 -6.050  1.00 26.86 ? 154 ASP A CG  1 
ATOM   990  O OD1 . ASP A 1 166 ? 2.468   -23.480 -5.225  1.00 29.16 ? 154 ASP A OD1 1 
ATOM   991  O OD2 . ASP A 1 166 ? 2.489   -22.082 -6.966  1.00 34.44 ? 154 ASP A OD2 1 
ATOM   992  N N   . ALA A 1 167 ? 7.462   -22.287 -4.557  1.00 24.81 ? 155 ALA A N   1 
ATOM   993  C CA  . ALA A 1 167 ? 8.913   -22.593 -4.499  1.00 24.41 ? 155 ALA A CA  1 
ATOM   994  C C   . ALA A 1 167 ? 9.252   -23.258 -3.163  1.00 26.87 ? 155 ALA A C   1 
ATOM   995  O O   . ALA A 1 167 ? 10.071  -24.202 -3.154  1.00 30.31 ? 155 ALA A O   1 
ATOM   996  C CB  . ALA A 1 167 ? 9.722   -21.341 -4.722  1.00 26.21 ? 155 ALA A CB  1 
ATOM   997  N N   . GLU A 1 168 ? 8.675   -22.794 -2.055  1.00 24.12 ? 156 GLU A N   1 
ATOM   998  C CA  . GLU A 1 168 ? 8.908   -23.397 -0.725  1.00 25.79 ? 156 GLU A CA  1 
ATOM   999  C C   . GLU A 1 168 ? 8.392   -24.838 -0.742  1.00 30.48 ? 156 GLU A C   1 
ATOM   1000 O O   . GLU A 1 168 ? 9.041   -25.718 -0.104  1.00 33.27 ? 156 GLU A O   1 
ATOM   1001 C CB  . GLU A 1 168 ? 8.260   -22.552 0.379   1.00 25.86 ? 156 GLU A CB  1 
ATOM   1002 C CG  . GLU A 1 168 ? 8.963   -21.232 0.648   1.00 23.33 ? 156 GLU A CG  1 
ATOM   1003 C CD  . GLU A 1 168 ? 10.326  -21.383 1.309   1.00 27.68 ? 156 GLU A CD  1 
ATOM   1004 O OE1 . GLU A 1 168 ? 10.415  -21.383 2.558   1.00 23.51 ? 156 GLU A OE1 1 
ATOM   1005 O OE2 . GLU A 1 168 ? 11.261  -21.640 0.568   1.00 30.16 ? 156 GLU A OE2 1 
ATOM   1006 N N   . ARG A 1 169 ? 7.219   -25.083 -1.340  1.00 27.18 ? 157 ARG A N   1 
ATOM   1007 C CA  . ARG A 1 169 ? 6.671   -26.464 -1.406  1.00 25.21 ? 157 ARG A CA  1 
ATOM   1008 C C   . ARG A 1 169 ? 7.594   -27.334 -2.293  1.00 25.56 ? 157 ARG A C   1 
ATOM   1009 O O   . ARG A 1 169 ? 7.791   -28.474 -1.942  1.00 25.20 ? 157 ARG A O   1 
ATOM   1010 C CB  . ARG A 1 169 ? 5.238   -26.485 -1.929  1.00 23.54 ? 157 ARG A CB  1 
ATOM   1011 C CG  . ARG A 1 169 ? 4.250   -25.846 -0.947  1.00 21.16 ? 157 ARG A CG  1 
ATOM   1012 C CD  . ARG A 1 169 ? 2.906   -25.571 -1.563  1.00 20.69 ? 157 ARG A CD  1 
ATOM   1013 N NE  . ARG A 1 169 ? 2.039   -25.016 -0.541  1.00 19.01 ? 157 ARG A NE  1 
ATOM   1014 C CZ  . ARG A 1 169 ? 0.722   -24.884 -0.651  1.00 19.57 ? 157 ARG A CZ  1 
ATOM   1015 N NH1 . ARG A 1 169 ? 0.029   -24.442 0.378   1.00 20.38 ? 157 ARG A NH1 1 
ATOM   1016 N NH2 . ARG A 1 169 ? 0.079   -25.245 -1.752  1.00 20.18 ? 157 ARG A NH2 1 
ATOM   1017 N N   . ASP A 1 170 ? 8.082   -26.800 -3.398  1.00 28.08 ? 158 ASP A N   1 
ATOM   1018 C CA  . ASP A 1 170 ? 8.914   -27.552 -4.386  1.00 30.96 ? 158 ASP A CA  1 
ATOM   1019 C C   . ASP A 1 170 ? 10.225  -27.980 -3.727  1.00 37.02 ? 158 ASP A C   1 
ATOM   1020 O O   . ASP A 1 170 ? 10.687  -29.089 -4.043  1.00 42.52 ? 158 ASP A O   1 
ATOM   1021 C CB  . ASP A 1 170 ? 9.172   -26.711 -5.625  1.00 31.29 ? 158 ASP A CB  1 
ATOM   1022 C CG  . ASP A 1 170 ? 7.950   -26.636 -6.516  1.00 36.56 ? 158 ASP A CG  1 
ATOM   1023 O OD1 . ASP A 1 170 ? 6.970   -27.415 -6.259  1.00 39.31 ? 158 ASP A OD1 1 
ATOM   1024 O OD2 . ASP A 1 170 ? 7.956   -25.778 -7.415  1.00 36.05 ? 158 ASP A OD2 1 
ATOM   1025 N N   . ARG A 1 171 ? 10.784  -27.167 -2.833  1.00 34.46 ? 159 ARG A N   1 
ATOM   1026 C CA  . ARG A 1 171 ? 12.075  -27.508 -2.168  1.00 39.14 ? 159 ARG A CA  1 
ATOM   1027 C C   . ARG A 1 171 ? 11.783  -28.327 -0.911  1.00 34.90 ? 159 ARG A C   1 
ATOM   1028 O O   . ARG A 1 171 ? 12.718  -28.685 -0.225  1.00 35.24 ? 159 ARG A O   1 
ATOM   1029 C CB  . ARG A 1 171 ? 12.990  -26.286 -1.952  1.00 43.07 ? 159 ARG A CB  1 
ATOM   1030 C CG  . ARG A 1 171 ? 12.506  -25.156 -1.058  1.00 42.47 ? 159 ARG A CG  1 
ATOM   1031 C CD  . ARG A 1 171 ? 13.613  -24.472 -0.254  1.00 49.02 ? 159 ARG A CD  1 
ATOM   1032 N NE  . ARG A 1 171 ? 13.075  -23.597 0.806   1.00 50.51 ? 159 ARG A NE  1 
ATOM   1033 C CZ  . ARG A 1 171 ? 13.575  -23.433 2.044   1.00 51.83 ? 159 ARG A CZ  1 
ATOM   1034 N NH1 . ARG A 1 171 ? 14.666  -24.075 2.425   1.00 56.38 ? 159 ARG A NH1 1 
ATOM   1035 N NH2 . ARG A 1 171 ? 12.987  -22.626 2.918   1.00 48.77 ? 159 ARG A NH2 1 
ATOM   1036 N N   . GLY A 1 172 ? 10.524  -28.661 -0.631  1.00 33.53 ? 160 GLY A N   1 
ATOM   1037 C CA  . GLY A 1 172 ? 10.163  -29.498 0.531   1.00 32.25 ? 160 GLY A CA  1 
ATOM   1038 C C   . GLY A 1 172 ? 10.214  -28.766 1.862   1.00 33.35 ? 160 GLY A C   1 
ATOM   1039 O O   . GLY A 1 172 ? 10.095  -29.429 2.889   1.00 33.51 ? 160 GLY A O   1 
ATOM   1040 N N   . ALA A 1 173 ? 10.271  -27.433 1.870   1.00 30.23 ? 161 ALA A N   1 
ATOM   1041 C CA  . ALA A 1 173 ? 10.309  -26.610 3.100   1.00 30.02 ? 161 ALA A CA  1 
ATOM   1042 C C   . ALA A 1 173 ? 8.890   -26.310 3.608   1.00 28.80 ? 161 ALA A C   1 
ATOM   1043 O O   . ALA A 1 173 ? 8.751   -26.091 4.815   1.00 32.11 ? 161 ALA A O   1 
ATOM   1044 C CB  . ALA A 1 173 ? 11.077  -25.354 2.793   1.00 32.86 ? 161 ALA A CB  1 
ATOM   1045 N N   . ALA A 1 174 ? 7.860   -26.405 2.752   1.00 26.61 ? 162 ALA A N   1 
ATOM   1046 C CA  . ALA A 1 174 ? 6.443   -26.142 3.100   1.00 24.76 ? 162 ALA A CA  1 
ATOM   1047 C C   . ALA A 1 174 ? 5.526   -27.289 2.661   1.00 22.40 ? 162 ALA A C   1 
ATOM   1048 O O   . ALA A 1 174 ? 5.648   -27.829 1.571   1.00 24.87 ? 162 ALA A O   1 
ATOM   1049 C CB  . ALA A 1 174 ? 6.020   -24.833 2.476   1.00 23.72 ? 162 ALA A CB  1 
ATOM   1050 N N   . PRO A 1 175 ? 4.486   -27.607 3.446   1.00 23.91 ? 163 PRO A N   1 
ATOM   1051 C CA  . PRO A 1 175 ? 3.552   -28.682 3.103   1.00 25.37 ? 163 PRO A CA  1 
ATOM   1052 C C   . PRO A 1 175 ? 2.533   -28.256 2.035   1.00 30.53 ? 163 PRO A C   1 
ATOM   1053 O O   . PRO A 1 175 ? 2.196   -27.045 1.917   1.00 21.32 ? 163 PRO A O   1 
ATOM   1054 C CB  . PRO A 1 175 ? 2.873   -28.965 4.440   1.00 27.82 ? 163 PRO A CB  1 
ATOM   1055 C CG  . PRO A 1 175 ? 2.864   -27.590 5.165   1.00 25.91 ? 163 PRO A CG  1 
ATOM   1056 C CD  . PRO A 1 175 ? 4.147   -26.933 4.712   1.00 24.20 ? 163 PRO A CD  1 
ATOM   1057 N N   . ARG A 1 176 ? 2.083   -29.206 1.213   1.00 25.04 ? 164 ARG A N   1 
ATOM   1058 C CA  . ARG A 1 176 ? 1.065   -28.912 0.189   1.00 25.49 ? 164 ARG A CA  1 
ATOM   1059 C C   . ARG A 1 176 ? -0.295  -28.963 0.869   1.00 26.48 ? 164 ARG A C   1 
ATOM   1060 O O   . ARG A 1 176 ? -0.918  -30.054 0.920   1.00 25.33 ? 164 ARG A O   1 
ATOM   1061 C CB  . ARG A 1 176 ? 1.187   -29.860 -1.020  1.00 28.43 ? 164 ARG A CB  1 
ATOM   1062 C CG  . ARG A 1 176 ? 2.541   -29.776 -1.708  1.00 32.52 ? 164 ARG A CG  1 
ATOM   1063 C CD  . ARG A 1 176 ? 2.627   -30.469 -3.068  1.00 38.39 ? 164 ARG A CD  1 
ATOM   1064 N NE  . ARG A 1 176 ? 3.969   -30.305 -3.632  1.00 41.77 ? 164 ARG A NE  1 
ATOM   1065 C CZ  . ARG A 1 176 ? 4.382   -29.278 -4.391  1.00 39.99 ? 164 ARG A CZ  1 
ATOM   1066 N NH1 . ARG A 1 176 ? 5.631   -29.237 -4.830  1.00 41.59 ? 164 ARG A NH1 1 
ATOM   1067 N NH2 . ARG A 1 176 ? 3.566   -28.290 -4.701  1.00 39.15 ? 164 ARG A NH2 1 
ATOM   1068 N N   . THR A 1 177 ? -0.750  -27.839 1.404   1.00 23.60 ? 165 THR A N   1 
ATOM   1069 C CA  . THR A 1 177 ? -2.044  -27.754 2.106   1.00 22.09 ? 165 THR A CA  1 
ATOM   1070 C C   . THR A 1 177 ? -3.065  -27.089 1.177   1.00 24.52 ? 165 THR A C   1 
ATOM   1071 O O   . THR A 1 177 ? -3.407  -27.663 0.158   1.00 24.06 ? 165 THR A O   1 
ATOM   1072 C CB  . THR A 1 177 ? -1.812  -27.085 3.468   1.00 21.99 ? 165 THR A CB  1 
ATOM   1073 O OG1 . THR A 1 177 ? -1.187  -25.818 3.181   1.00 18.70 ? 165 THR A OG1 1 
ATOM   1074 C CG2 . THR A 1 177 ? -0.923  -27.914 4.367   1.00 25.29 ? 165 THR A CG2 1 
ATOM   1075 N N   . LEU A 1 178 ? -3.479  -25.874 1.478   1.00 20.70 ? 166 LEU A N   1 
ATOM   1076 C CA  . LEU A 1 178 ? -4.380  -25.072 0.601   1.00 21.20 ? 166 LEU A CA  1 
ATOM   1077 C C   . LEU A 1 178 ? -3.730  -24.815 -0.751  1.00 18.37 ? 166 LEU A C   1 
ATOM   1078 O O   . LEU A 1 178 ? -2.516  -24.641 -0.824  1.00 20.14 ? 166 LEU A O   1 
ATOM   1079 C CB  . LEU A 1 178 ? -4.619  -23.721 1.264   1.00 19.49 ? 166 LEU A CB  1 
ATOM   1080 C CG  . LEU A 1 178 ? -5.448  -23.667 2.551   1.00 20.78 ? 166 LEU A CG  1 
ATOM   1081 C CD1 . LEU A 1 178 ? -5.666  -22.183 2.887   1.00 19.04 ? 166 LEU A CD1 1 
ATOM   1082 C CD2 . LEU A 1 178 ? -6.774  -24.450 2.482   1.00 19.12 ? 166 LEU A CD2 1 
ATOM   1083 N N   . PRO A 1 179 ? -4.522  -24.628 -1.816  1.00 18.49 ? 167 PRO A N   1 
ATOM   1084 C CA  . PRO A 1 179 ? -4.059  -23.981 -3.041  1.00 17.09 ? 167 PRO A CA  1 
ATOM   1085 C C   . PRO A 1 179 ? -3.246  -22.712 -2.706  1.00 18.24 ? 167 PRO A C   1 
ATOM   1086 O O   . PRO A 1 179 ? -3.765  -21.837 -1.983  1.00 15.92 ? 167 PRO A O   1 
ATOM   1087 C CB  . PRO A 1 179 ? -5.349  -23.623 -3.761  1.00 17.26 ? 167 PRO A CB  1 
ATOM   1088 C CG  . PRO A 1 179 ? -6.259  -24.756 -3.347  1.00 18.23 ? 167 PRO A CG  1 
ATOM   1089 C CD  . PRO A 1 179 ? -5.979  -24.907 -1.871  1.00 18.67 ? 167 PRO A CD  1 
ATOM   1090 N N   . ALA A 1 180 ? -2.013  -22.635 -3.204  1.00 18.03 ? 168 ALA A N   1 
ATOM   1091 C CA  . ALA A 1 180 ? -1.109  -21.506 -2.848  1.00 18.85 ? 168 ALA A CA  1 
ATOM   1092 C C   . ALA A 1 180 ? -1.725  -20.149 -3.178  1.00 17.39 ? 168 ALA A C   1 
ATOM   1093 O O   . ALA A 1 180 ? -1.486  -19.195 -2.359  1.00 15.82 ? 168 ALA A O   1 
ATOM   1094 C CB  . ALA A 1 180 ? 0.246   -21.697 -3.503  1.00 19.91 ? 168 ALA A CB  1 
ATOM   1095 N N   . HIS A 1 181 ? -2.470  -20.002 -4.285  1.00 16.35 ? 169 HIS A N   1 
ATOM   1096 C CA  . HIS A 1 181 ? -2.951  -18.666 -4.745  1.00 16.65 ? 169 HIS A CA  1 
ATOM   1097 C C   . HIS A 1 181 ? -4.123  -18.227 -3.845  1.00 15.91 ? 169 HIS A C   1 
ATOM   1098 O O   . HIS A 1 181 ? -4.240  -17.039 -3.492  1.00 15.91 ? 169 HIS A O   1 
ATOM   1099 C CB  . HIS A 1 181 ? -3.342  -18.737 -6.232  1.00 17.01 ? 169 HIS A CB  1 
ATOM   1100 C CG  . HIS A 1 181 ? -3.574  -17.414 -6.850  1.00 14.25 ? 169 HIS A CG  1 
ATOM   1101 N ND1 . HIS A 1 181 ? -4.782  -16.802 -6.818  1.00 14.76 ? 169 HIS A ND1 1 
ATOM   1102 C CD2 . HIS A 1 181 ? -2.722  -16.544 -7.416  1.00 15.39 ? 169 HIS A CD2 1 
ATOM   1103 C CE1 . HIS A 1 181 ? -4.684  -15.590 -7.401  1.00 14.68 ? 169 HIS A CE1 1 
ATOM   1104 N NE2 . HIS A 1 181 ? -3.418  -15.441 -7.800  1.00 16.86 ? 169 HIS A NE2 1 
ATOM   1105 N N   . GLU A 1 182 ? -4.887  -19.197 -3.358  1.00 14.37 ? 170 GLU A N   1 
ATOM   1106 C CA  . GLU A 1 182 ? -6.014  -18.912 -2.436  1.00 14.60 ? 170 GLU A CA  1 
ATOM   1107 C C   . GLU A 1 182 ? -5.432  -18.504 -1.060  1.00 13.27 ? 170 GLU A C   1 
ATOM   1108 O O   . GLU A 1 182 ? -5.890  -17.464 -0.480  1.00 13.95 ? 170 GLU A O   1 
ATOM   1109 C CB  . GLU A 1 182 ? -6.976  -20.098 -2.344  1.00 15.04 ? 170 GLU A CB  1 
ATOM   1110 C CG  . GLU A 1 182 ? -7.609  -20.409 -3.686  1.00 17.35 ? 170 GLU A CG  1 
ATOM   1111 C CD  . GLU A 1 182 ? -8.445  -21.660 -3.753  1.00 19.24 ? 170 GLU A CD  1 
ATOM   1112 O OE1 . GLU A 1 182 ? -8.556  -22.390 -2.721  1.00 17.31 ? 170 GLU A OE1 1 
ATOM   1113 O OE2 . GLU A 1 182 ? -8.938  -21.944 -4.924  1.00 20.63 ? 170 GLU A OE2 1 
ATOM   1114 N N   . LEU A 1 183 ? -4.455  -19.252 -0.558  1.00 13.71 ? 171 LEU A N   1 
ATOM   1115 C CA  . LEU A 1 183 ? -3.756  -18.897 0.720   1.00 13.72 ? 171 LEU A CA  1 
ATOM   1116 C C   . LEU A 1 183 ? -3.146  -17.494 0.565   1.00 13.17 ? 171 LEU A C   1 
ATOM   1117 O O   . LEU A 1 183 ? -3.341  -16.598 1.464   1.00 13.45 ? 171 LEU A O   1 
ATOM   1118 C CB  . LEU A 1 183 ? -2.712  -19.988 1.030   1.00 14.64 ? 171 LEU A CB  1 
ATOM   1119 C CG  . LEU A 1 183 ? -1.801  -19.755 2.243   1.00 16.60 ? 171 LEU A CG  1 
ATOM   1120 C CD1 . LEU A 1 183 ? -2.606  -19.510 3.506   1.00 16.86 ? 171 LEU A CD1 1 
ATOM   1121 C CD2 . LEU A 1 183 ? -0.844  -20.956 2.467   1.00 17.19 ? 171 LEU A CD2 1 
ATOM   1122 N N   . ALA A 1 184 ? -2.428  -17.254 -0.518  1.00 12.80 ? 172 ALA A N   1 
ATOM   1123 C CA  . ALA A 1 184 ? -1.802  -15.923 -0.728  1.00 14.07 ? 172 ALA A CA  1 
ATOM   1124 C C   . ALA A 1 184 ? -2.875  -14.845 -0.740  1.00 12.71 ? 172 ALA A C   1 
ATOM   1125 O O   . ALA A 1 184 ? -2.583  -13.739 -0.257  1.00 12.91 ? 172 ALA A O   1 
ATOM   1126 C CB  . ALA A 1 184 ? -0.981  -15.934 -1.965  1.00 15.00 ? 172 ALA A CB  1 
ATOM   1127 N N   . THR A 1 185 ? -3.996  -15.039 -1.452  1.00 11.56 ? 173 THR A N   1 
ATOM   1128 C CA  . THR A 1 185 ? -5.058  -14.032 -1.519  1.00 12.95 ? 173 THR A CA  1 
ATOM   1129 C C   . THR A 1 185 ? -5.484  -13.665 -0.081  1.00 11.49 ? 173 THR A C   1 
ATOM   1130 O O   . THR A 1 185 ? -5.547  -12.504 0.271   1.00 12.98 ? 173 THR A O   1 
ATOM   1131 C CB  . THR A 1 185 ? -6.236  -14.473 -2.398  1.00 14.58 ? 173 THR A CB  1 
ATOM   1132 O OG1 . THR A 1 185 ? -5.735  -14.745 -3.722  1.00 13.60 ? 173 THR A OG1 1 
ATOM   1133 C CG2 . THR A 1 185 ? -7.315  -13.413 -2.417  1.00 15.64 ? 173 THR A CG2 1 
ATOM   1134 N N   . ALA A 1 186 ? -5.879  -14.626 0.752   1.00 11.38 ? 174 ALA A N   1 
ATOM   1135 C CA  . ALA A 1 186 ? -6.398  -14.324 2.100   1.00 10.83 ? 174 ALA A CA  1 
ATOM   1136 C C   . ALA A 1 186 ? -5.346  -13.638 2.952   1.00 11.84 ? 174 ALA A C   1 
ATOM   1137 O O   . ALA A 1 186 ? -5.664  -12.726 3.682   1.00 11.78 ? 174 ALA A O   1 
ATOM   1138 C CB  . ALA A 1 186 ? -6.808  -15.607 2.798   1.00 10.83 ? 174 ALA A CB  1 
ATOM   1139 N N   . LEU A 1 187 ? -4.092  -14.102 2.887   1.00 10.11 ? 175 LEU A N   1 
ATOM   1140 C CA  . LEU A 1 187 ? -3.029  -13.459 3.680   1.00 10.22 ? 175 LEU A CA  1 
ATOM   1141 C C   . LEU A 1 187 ? -2.776  -12.017 3.221   1.00 11.27 ? 175 LEU A C   1 
ATOM   1142 O O   . LEU A 1 187 ? -2.504  -11.185 4.092   1.00 10.92 ? 175 LEU A O   1 
ATOM   1143 C CB  . LEU A 1 187 ? -1.747  -14.294 3.584   1.00 10.52 ? 175 LEU A CB  1 
ATOM   1144 C CG  . LEU A 1 187 ? -1.782  -15.652 4.291   1.00 11.32 ? 175 LEU A CG  1 
ATOM   1145 C CD1 . LEU A 1 187 ? -0.506  -16.401 3.934   1.00 11.50 ? 175 LEU A CD1 1 
ATOM   1146 C CD2 . LEU A 1 187 ? -1.888  -15.496 5.780   1.00 12.73 ? 175 LEU A CD2 1 
ATOM   1147 N N   . ASN A 1 188 ? -2.812  -11.736 1.933   1.00 12.68 ? 176 ASN A N   1 
ATOM   1148 C CA  . ASN A 1 188 ? -2.547  -10.370 1.448   1.00 13.04 ? 176 ASN A CA  1 
ATOM   1149 C C   . ASN A 1 188 ? -3.727  -9.480  1.837   1.00 12.25 ? 176 ASN A C   1 
ATOM   1150 O O   . ASN A 1 188 ? -3.499  -8.295  2.165   1.00 13.13 ? 176 ASN A O   1 
ATOM   1151 C CB  . ASN A 1 188 ? -2.273  -10.392 -0.061  1.00 13.71 ? 176 ASN A CB  1 
ATOM   1152 C CG  . ASN A 1 188 ? -0.803  -10.656 -0.322  1.00 18.41 ? 176 ASN A CG  1 
ATOM   1153 O OD1 . ASN A 1 188 ? 0.018   -9.806  0.018   1.00 25.58 ? 176 ASN A OD1 1 
ATOM   1154 N ND2 . ASN A 1 188 ? -0.415  -11.872 -0.647  1.00 15.99 ? 176 ASN A ND2 1 
ATOM   1155 N N   . LEU A 1 189 ? -4.951  -9.988  1.720   1.00 11.27 ? 177 LEU A N   1 
ATOM   1156 C CA  . LEU A 1 189 ? -6.117  -9.200  2.141   1.00 11.40 ? 177 LEU A CA  1 
ATOM   1157 C C   . LEU A 1 189 ? -6.058  -8.939  3.664   1.00 11.67 ? 177 LEU A C   1 
ATOM   1158 O O   . LEU A 1 189 ? -6.436  -7.810  4.107   1.00 12.04 ? 177 LEU A O   1 
ATOM   1159 C CB  . LEU A 1 189 ? -7.392  -9.918  1.736   1.00 13.92 ? 177 LEU A CB  1 
ATOM   1160 C CG  . LEU A 1 189 ? -7.734  -9.881  0.230   1.00 13.03 ? 177 LEU A CG  1 
ATOM   1161 C CD1 . LEU A 1 189 ? -9.001  -10.701 -0.019  1.00 14.69 ? 177 LEU A CD1 1 
ATOM   1162 C CD2 . LEU A 1 189 ? -7.888  -8.482  -0.303  1.00 15.30 ? 177 LEU A CD2 1 
ATOM   1163 N N   . MET A 1 190 ? -5.641  -9.913  4.455   1.00 10.63 ? 178 MET A N   1 
ATOM   1164 C CA  . MET A 1 190 ? -5.374  -9.705  5.895   1.00 11.60 ? 178 MET A CA  1 
ATOM   1165 C C   . MET A 1 190 ? -4.405  -8.527  6.073   1.00 11.79 ? 178 MET A C   1 
ATOM   1166 O O   . MET A 1 190 ? -4.728  -7.633  6.902   1.00 12.74 ? 178 MET A O   1 
ATOM   1167 C CB  . MET A 1 190 ? -4.802  -10.927 6.595   1.00 11.72 ? 178 MET A CB  1 
ATOM   1168 C CG  . MET A 1 190 ? -4.441  -10.617 8.086   1.00 12.57 ? 178 MET A CG  1 
ATOM   1169 S SD  . MET A 1 190 ? -3.802  -12.052 8.958   1.00 13.16 ? 178 MET A SD  1 
ATOM   1170 C CE  . MET A 1 190 ? -2.283  -12.437 8.075   1.00 13.82 ? 178 MET A CE  1 
ATOM   1171 N N   . ASN A 1 191 ? -3.272  -8.540  5.376   1.00 12.72 ? 179 ASN A N   1 
ATOM   1172 C CA  . ASN A 1 191 ? -2.271  -7.452  5.514   1.00 12.93 ? 179 ASN A CA  1 
ATOM   1173 C C   . ASN A 1 191 ? -2.880  -6.112  5.142   1.00 13.30 ? 179 ASN A C   1 
ATOM   1174 O O   . ASN A 1 191 ? -2.644  -5.111  5.876   1.00 12.60 ? 179 ASN A O   1 
ATOM   1175 C CB  . ASN A 1 191 ? -1.007  -7.739  4.725   1.00 11.74 ? 179 ASN A CB  1 
ATOM   1176 C CG  . ASN A 1 191 ? -0.156  -8.811  5.348   1.00 13.80 ? 179 ASN A CG  1 
ATOM   1177 O OD1 . ASN A 1 191 ? -0.668  -9.641  6.150   1.00 12.67 ? 179 ASN A OD1 1 
ATOM   1178 N ND2 . ASN A 1 191 ? 1.075   -8.890  4.853   1.00 14.27 ? 179 ASN A ND2 1 
ATOM   1179 N N   . GLU A 1 192 ? -3.556  -6.024  4.011   1.00 12.92 ? 180 GLU A N   1 
ATOM   1180 C CA  . GLU A 1 192 ? -4.214  -4.791  3.558   1.00 13.97 ? 180 GLU A CA  1 
ATOM   1181 C C   . GLU A 1 192 ? -5.107  -4.232  4.685   1.00 14.37 ? 180 GLU A C   1 
ATOM   1182 O O   . GLU A 1 192 ? -4.892  -3.061  5.189   1.00 15.31 ? 180 GLU A O   1 
ATOM   1183 C CB  . GLU A 1 192 ? -5.047  -5.096  2.315   1.00 14.53 ? 180 GLU A CB  1 
ATOM   1184 C CG  . GLU A 1 192 ? -5.810  -3.897  1.868   1.00 14.05 ? 180 GLU A CG  1 
ATOM   1185 C CD  . GLU A 1 192 ? -6.902  -4.160  0.834   1.00 16.43 ? 180 GLU A CD  1 
ATOM   1186 O OE1 . GLU A 1 192 ? -6.583  -4.674  -0.200  1.00 17.51 ? 180 GLU A OE1 1 
ATOM   1187 O OE2 . GLU A 1 192 ? -8.085  -3.780  1.065   1.00 20.50 ? 180 GLU A OE2 1 
ATOM   1188 N N   . ARG A 1 193 ? -6.028  -5.078  5.185   1.00 13.42 ? 181 ARG A N   1 
ATOM   1189 C CA  . ARG A 1 193 ? -7.001  -4.566  6.178   1.00 13.15 ? 181 ARG A CA  1 
ATOM   1190 C C   . ARG A 1 193 ? -6.285  -4.210  7.486   1.00 14.04 ? 181 ARG A C   1 
ATOM   1191 O O   . ARG A 1 193 ? -6.609  -3.164  8.129   1.00 14.24 ? 181 ARG A O   1 
ATOM   1192 C CB  . ARG A 1 193 ? -8.080  -5.598  6.448   1.00 13.85 ? 181 ARG A CB  1 
ATOM   1193 C CG  . ARG A 1 193 ? -9.231  -5.097  7.305   1.00 16.63 ? 181 ARG A CG  1 
ATOM   1194 C CD  . ARG A 1 193 ? -10.078 -4.108  6.541   1.00 19.84 ? 181 ARG A CD  1 
ATOM   1195 N NE  . ARG A 1 193 ? -11.016 -3.574  7.484   1.00 24.64 ? 181 ARG A NE  1 
ATOM   1196 C CZ  . ARG A 1 193 ? -10.837 -2.471  8.195   1.00 29.59 ? 181 ARG A CZ  1 
ATOM   1197 N NH1 . ARG A 1 193 ? -11.798 -2.109  9.022   1.00 33.20 ? 181 ARG A NH1 1 
ATOM   1198 N NH2 . ARG A 1 193 ? -9.746  -1.744  8.057   1.00 28.80 ? 181 ARG A NH2 1 
ATOM   1199 N N   . THR A 1 194 ? -5.389  -5.104  7.942   1.00 13.77 ? 182 THR A N   1 
ATOM   1200 C CA  . THR A 1 194 ? -4.738  -4.957  9.264   1.00 15.42 ? 182 THR A CA  1 
ATOM   1201 C C   . THR A 1 194 ? -3.793  -3.735  9.217   1.00 14.99 ? 182 THR A C   1 
ATOM   1202 O O   . THR A 1 194 ? -3.769  -2.988  10.208  1.00 14.74 ? 182 THR A O   1 
ATOM   1203 C CB  . THR A 1 194 ? -4.099  -6.269  9.730   1.00 16.48 ? 182 THR A CB  1 
ATOM   1204 O OG1 . THR A 1 194 ? -5.080  -7.333  9.704   1.00 16.33 ? 182 THR A OG1 1 
ATOM   1205 C CG2 . THR A 1 194 ? -3.552  -6.139  11.135  1.00 17.56 ? 182 THR A CG2 1 
ATOM   1206 N N   . LEU A 1 195 ? -2.904  -3.636  8.231   1.00 14.12 ? 183 LEU A N   1 
ATOM   1207 C CA  . LEU A 1 195 ? -1.951  -2.497  8.159   1.00 14.88 ? 183 LEU A CA  1 
ATOM   1208 C C   . LEU A 1 195 ? -2.723  -1.184  8.165   1.00 13.99 ? 183 LEU A C   1 
ATOM   1209 O O   . LEU A 1 195 ? -2.381  -0.298  8.995   1.00 15.69 ? 183 LEU A O   1 
ATOM   1210 C CB  . LEU A 1 195 ? -1.077  -2.593  6.914   1.00 16.18 ? 183 LEU A CB  1 
ATOM   1211 C CG  . LEU A 1 195 ? -0.049  -3.712  6.932   1.00 17.38 ? 183 LEU A CG  1 
ATOM   1212 C CD1 . LEU A 1 195 ? 0.582   -3.883  5.551   1.00 17.37 ? 183 LEU A CD1 1 
ATOM   1213 C CD2 . LEU A 1 195 ? 0.999   -3.447  8.013   1.00 21.58 ? 183 LEU A CD2 1 
ATOM   1214 N N   . PHE A 1 196 ? -3.771  -1.080  7.359   1.00 16.73 ? 184 PHE A N   1 
ATOM   1215 C CA  . PHE A 1 196 ? -4.524  0.181   7.147   1.00 17.90 ? 184 PHE A CA  1 
ATOM   1216 C C   . PHE A 1 196 ? -5.386  0.498   8.374   1.00 17.37 ? 184 PHE A C   1 
ATOM   1217 O O   . PHE A 1 196 ? -5.406  1.675   8.798   1.00 19.44 ? 184 PHE A O   1 
ATOM   1218 C CB  . PHE A 1 196 ? -5.288  0.146   5.831   1.00 20.24 ? 184 PHE A CB  1 
ATOM   1219 C CG  . PHE A 1 196 ? -4.368  0.095   4.639   1.00 24.61 ? 184 PHE A CG  1 
ATOM   1220 C CD1 . PHE A 1 196 ? -3.081  0.611   4.699   1.00 32.32 ? 184 PHE A CD1 1 
ATOM   1221 C CD2 . PHE A 1 196 ? -4.772  -0.509  3.470   1.00 27.10 ? 184 PHE A CD2 1 
ATOM   1222 C CE1 . PHE A 1 196 ? -2.225  0.531   3.616   1.00 33.26 ? 184 PHE A CE1 1 
ATOM   1223 C CE2 . PHE A 1 196 ? -3.932  -0.556  2.373   1.00 26.21 ? 184 PHE A CE2 1 
ATOM   1224 C CZ  . PHE A 1 196 ? -2.650  -0.078  2.462   1.00 28.03 ? 184 PHE A CZ  1 
ATOM   1225 N N   . ALA A 1 197 ? -5.928  -0.512  9.062   1.00 17.09 ? 185 ALA A N   1 
ATOM   1226 C CA  . ALA A 1 197 ? -6.628  -0.256  10.342  1.00 16.91 ? 185 ALA A CA  1 
ATOM   1227 C C   . ALA A 1 197 ? -5.613  0.261   11.379  1.00 16.61 ? 185 ALA A C   1 
ATOM   1228 O O   . ALA A 1 197 ? -5.934  1.187   12.141  1.00 18.16 ? 185 ALA A O   1 
ATOM   1229 C CB  . ALA A 1 197 ? -7.318  -1.532  10.837  1.00 17.37 ? 185 ALA A CB  1 
ATOM   1230 N N   . SER A 1 198 ? -4.414  -0.294  11.427  1.00 14.00 ? 186 SER A N   1 
ATOM   1231 C CA  . SER A 1 198 ? -3.397  0.124   12.411  1.00 14.51 ? 186 SER A CA  1 
ATOM   1232 C C   . SER A 1 198 ? -3.012  1.568   12.117  1.00 16.05 ? 186 SER A C   1 
ATOM   1233 O O   . SER A 1 198 ? -2.970  2.353   13.083  1.00 18.29 ? 186 SER A O   1 
ATOM   1234 C CB  . SER A 1 198 ? -2.166  -0.731  12.445  1.00 16.07 ? 186 SER A CB  1 
ATOM   1235 O OG  . SER A 1 198 ? -2.490  -2.036  12.981  1.00 24.26 ? 186 SER A OG  1 
ATOM   1236 N N   . PHE A 1 199 ? -2.707  1.860   10.866  1.00 15.46 ? 187 PHE A N   1 
ATOM   1237 C CA  . PHE A 1 199 ? -2.194  3.206   10.506  1.00 17.98 ? 187 PHE A CA  1 
ATOM   1238 C C   . PHE A 1 199 ? -3.243  4.269   10.765  1.00 20.75 ? 187 PHE A C   1 
ATOM   1239 O O   . PHE A 1 199 ? -2.872  5.365   11.136  1.00 24.38 ? 187 PHE A O   1 
ATOM   1240 C CB  . PHE A 1 199 ? -1.768  3.260   9.056   1.00 18.01 ? 187 PHE A CB  1 
ATOM   1241 C CG  . PHE A 1 199 ? -0.559  2.411   8.760   1.00 17.69 ? 187 PHE A CG  1 
ATOM   1242 C CD1 . PHE A 1 199 ? 0.403   2.151   9.701   1.00 19.41 ? 187 PHE A CD1 1 
ATOM   1243 C CD2 . PHE A 1 199 ? -0.387  1.909   7.486   1.00 19.59 ? 187 PHE A CD2 1 
ATOM   1244 C CE1 . PHE A 1 199 ? 1.510   1.375   9.406   1.00 21.98 ? 187 PHE A CE1 1 
ATOM   1245 C CE2 . PHE A 1 199 ? 0.750   1.177   7.167   1.00 20.57 ? 187 PHE A CE2 1 
ATOM   1246 C CZ  . PHE A 1 199 ? 1.664   0.857   8.142   1.00 22.19 ? 187 PHE A CZ  1 
ATOM   1247 N N   . ALA A 1 200 ? -4.502  3.952   10.568  1.00 21.48 ? 188 ALA A N   1 
ATOM   1248 C CA  . ALA A 1 200 ? -5.632  4.877   10.834  1.00 24.22 ? 188 ALA A CA  1 
ATOM   1249 C C   . ALA A 1 200 ? -6.012  4.915   12.313  1.00 26.26 ? 188 ALA A C   1 
ATOM   1250 O O   . ALA A 1 200 ? -6.876  5.722   12.631  1.00 28.26 ? 188 ALA A O   1 
ATOM   1251 C CB  . ALA A 1 200 ? -6.788  4.472   9.970   1.00 23.39 ? 188 ALA A CB  1 
ATOM   1252 N N   . GLY A 1 201 ? -5.444  4.094   13.185  1.00 23.80 ? 189 GLY A N   1 
ATOM   1253 C CA  . GLY A 1 201 ? -5.864  3.955   14.595  1.00 27.34 ? 189 GLY A CA  1 
ATOM   1254 C C   . GLY A 1 201 ? -7.340  3.600   14.699  1.00 29.87 ? 189 GLY A C   1 
ATOM   1255 O O   . GLY A 1 201 ? -8.020  4.144   15.570  1.00 28.88 ? 189 GLY A O   1 
ATOM   1256 N N   . GLU A 1 202 ? -7.836  2.698   13.849  1.00 23.17 ? 190 GLU A N   1 
ATOM   1257 C CA  . GLU A 1 202 ? -9.265  2.309   13.885  1.00 23.82 ? 190 GLU A CA  1 
ATOM   1258 C C   . GLU A 1 202 ? -9.522  1.535   15.172  1.00 22.27 ? 190 GLU A C   1 
ATOM   1259 O O   . GLU A 1 202 ? -8.594  0.947   15.780  1.00 21.35 ? 190 GLU A O   1 
ATOM   1260 C CB  . GLU A 1 202 ? -9.650  1.438   12.687  1.00 23.49 ? 190 GLU A CB  1 
ATOM   1261 C CG  . GLU A 1 202 ? -9.693  2.193   11.405  1.00 25.83 ? 190 GLU A CG  1 
ATOM   1262 C CD  . GLU A 1 202 ? -10.147 1.347   10.227  1.00 30.01 ? 190 GLU A CD  1 
ATOM   1263 O OE1 . GLU A 1 202 ? -10.593 0.214   10.460  1.00 27.11 ? 190 GLU A OE1 1 
ATOM   1264 O OE2 . GLU A 1 202 ? -10.045 1.837   9.090   1.00 36.73 ? 190 GLU A OE2 1 
ATOM   1265 N N   . GLN A 1 203 ? -10.777 1.507   15.597  1.00 24.81 ? 191 GLN A N   1 
ATOM   1266 C CA  . GLN A 1 203 ? -11.211 0.595   16.666  1.00 28.60 ? 191 GLN A CA  1 
ATOM   1267 C C   . GLN A 1 203 ? -12.148 -0.401  15.985  1.00 27.93 ? 191 GLN A C   1 
ATOM   1268 O O   . GLN A 1 203 ? -13.204 -0.033  15.471  1.00 28.37 ? 191 GLN A O   1 
ATOM   1269 C CB  . GLN A 1 203 ? -11.817 1.399   17.818  1.00 36.16 ? 191 GLN A CB  1 
ATOM   1270 C CG  . GLN A 1 203 ? -11.474 0.759   19.164  1.00 46.32 ? 191 GLN A CG  1 
ATOM   1271 C CD  . GLN A 1 203 ? -11.914 1.593   20.339  1.00 52.94 ? 191 GLN A CD  1 
ATOM   1272 O OE1 . GLN A 1 203 ? -11.964 2.818   20.263  1.00 65.56 ? 191 GLN A OE1 1 
ATOM   1273 N NE2 . GLN A 1 203 ? -12.257 0.929   21.430  1.00 53.62 ? 191 GLN A NE2 1 
ATOM   1274 N N   . PRO A 1 204 ? -11.773 -1.687  15.858  1.00 23.79 ? 192 PRO A N   1 
ATOM   1275 C CA  . PRO A 1 204 ? -10.548 -2.267  16.434  1.00 19.06 ? 192 PRO A CA  1 
ATOM   1276 C C   . PRO A 1 204 ? -9.314  -2.210  15.524  1.00 18.74 ? 192 PRO A C   1 
ATOM   1277 O O   . PRO A 1 204 ? -9.441  -2.190  14.312  1.00 18.48 ? 192 PRO A O   1 
ATOM   1278 C CB  . PRO A 1 204 ? -10.982 -3.749  16.534  1.00 22.03 ? 192 PRO A CB  1 
ATOM   1279 C CG  . PRO A 1 204 ? -11.791 -3.959  15.289  1.00 22.66 ? 192 PRO A CG  1 
ATOM   1280 C CD  . PRO A 1 204 ? -12.609 -2.692  15.177  1.00 23.80 ? 192 PRO A CD  1 
ATOM   1281 N N   . SER A 1 205 ? -8.139  -2.332  16.118  1.00 17.10 ? 193 SER A N   1 
ATOM   1282 C CA  . SER A 1 205 ? -6.918  -2.426  15.308  1.00 16.11 ? 193 SER A CA  1 
ATOM   1283 C C   . SER A 1 205 ? -5.823  -3.032  16.154  1.00 16.78 ? 193 SER A C   1 
ATOM   1284 O O   . SER A 1 205 ? -5.886  -3.021  17.394  1.00 18.00 ? 193 SER A O   1 
ATOM   1285 C CB  . SER A 1 205 ? -6.486  -1.105  14.676  1.00 17.15 ? 193 SER A CB  1 
ATOM   1286 O OG  . SER A 1 205 ? -6.242  -0.111  15.673  1.00 18.21 ? 193 SER A OG  1 
ATOM   1287 N N   . VAL A 1 206 ? -4.862  -3.621  15.498  1.00 17.60 ? 194 VAL A N   1 
ATOM   1288 C CA  . VAL A 1 206 ? -3.630  -4.075  16.195  1.00 17.10 ? 194 VAL A CA  1 
ATOM   1289 C C   . VAL A 1 206 ? -2.827  -2.804  16.419  1.00 16.18 ? 194 VAL A C   1 
ATOM   1290 O O   . VAL A 1 206 ? -2.687  -1.987  15.508  1.00 15.45 ? 194 VAL A O   1 
ATOM   1291 C CB  . VAL A 1 206 ? -2.888  -5.121  15.362  1.00 17.68 ? 194 VAL A CB  1 
ATOM   1292 C CG1 . VAL A 1 206 ? -1.594  -5.611  16.040  1.00 15.98 ? 194 VAL A CG1 1 
ATOM   1293 C CG2 . VAL A 1 206 ? -3.793  -6.333  15.080  1.00 17.75 ? 194 VAL A CG2 1 
ATOM   1294 N N   . PRO A 1 207 ? -2.196  -2.585  17.603  1.00 16.71 ? 195 PRO A N   1 
ATOM   1295 C CA  . PRO A 1 207 ? -1.305  -1.435  17.757  1.00 18.50 ? 195 PRO A CA  1 
ATOM   1296 C C   . PRO A 1 207 ? -0.161  -1.488  16.731  1.00 17.20 ? 195 PRO A C   1 
ATOM   1297 O O   . PRO A 1 207 ? 0.404   -2.530  16.398  1.00 15.22 ? 195 PRO A O   1 
ATOM   1298 C CB  . PRO A 1 207 ? -0.730  -1.553  19.189  1.00 18.54 ? 195 PRO A CB  1 
ATOM   1299 C CG  . PRO A 1 207 ? -1.712  -2.524  19.891  1.00 18.86 ? 195 PRO A CG  1 
ATOM   1300 C CD  . PRO A 1 207 ? -2.354  -3.374  18.827  1.00 18.87 ? 195 PRO A CD  1 
ATOM   1301 N N   . GLU A 1 208 ? 0.149   -0.324  16.165  1.00 17.72 ? 196 GLU A N   1 
ATOM   1302 C CA  . GLU A 1 208 ? 1.148   -0.226  15.089  1.00 17.32 ? 196 GLU A CA  1 
ATOM   1303 C C   . GLU A 1 208 ? 2.430   -0.930  15.516  1.00 16.43 ? 196 GLU A C   1 
ATOM   1304 O O   . GLU A 1 208 ? 3.104   -1.555  14.685  1.00 15.98 ? 196 GLU A O   1 
ATOM   1305 C CB  . GLU A 1 208 ? 1.369   1.266   14.768  1.00 21.97 ? 196 GLU A CB  1 
ATOM   1306 C CG  . GLU A 1 208 ? 2.277   1.496   13.609  1.00 25.62 ? 196 GLU A CG  1 
ATOM   1307 C CD  . GLU A 1 208 ? 2.279   2.873   12.953  1.00 29.56 ? 196 GLU A CD  1 
ATOM   1308 O OE1 . GLU A 1 208 ? 1.317   3.661   13.149  1.00 35.33 ? 196 GLU A OE1 1 
ATOM   1309 O OE2 . GLU A 1 208 ? 3.225   3.103   12.212  1.00 37.10 ? 196 GLU A OE2 1 
ATOM   1310 N N   . ALA A 1 209 ? 2.845   -0.747  16.775  1.00 15.83 ? 197 ALA A N   1 
ATOM   1311 C CA  . ALA A 1 209 ? 4.084   -1.387  17.257  1.00 15.02 ? 197 ALA A CA  1 
ATOM   1312 C C   . ALA A 1 209 ? 3.980   -2.909  17.367  1.00 16.24 ? 197 ALA A C   1 
ATOM   1313 O O   . ALA A 1 209 ? 5.043   -3.550  17.629  1.00 17.60 ? 197 ALA A O   1 
ATOM   1314 C CB  . ALA A 1 209 ? 4.468   -0.783  18.628  1.00 17.46 ? 197 ALA A CB  1 
ATOM   1315 N N   . ARG A 1 210 ? 2.826   -3.521  17.133  1.00 14.22 ? 198 ARG A N   1 
ATOM   1316 C CA  . ARG A 1 210 ? 2.654   -4.995  17.288  1.00 13.69 ? 198 ARG A CA  1 
ATOM   1317 C C   . ARG A 1 210 ? 2.236   -5.619  15.956  1.00 13.46 ? 198 ARG A C   1 
ATOM   1318 O O   . ARG A 1 210 ? 2.181   -6.880  15.842  1.00 14.65 ? 198 ARG A O   1 
ATOM   1319 C CB  . ARG A 1 210 ? 1.554   -5.267  18.290  1.00 16.05 ? 198 ARG A CB  1 
ATOM   1320 C CG  . ARG A 1 210 ? 1.969   -4.897  19.698  1.00 16.86 ? 198 ARG A CG  1 
ATOM   1321 C CD  . ARG A 1 210 ? 3.092   -5.774  20.184  1.00 18.88 ? 198 ARG A CD  1 
ATOM   1322 N NE  . ARG A 1 210 ? 2.853   -7.221  19.979  1.00 19.93 ? 198 ARG A NE  1 
ATOM   1323 C CZ  . ARG A 1 210 ? 3.784   -8.114  19.682  1.00 22.57 ? 198 ARG A CZ  1 
ATOM   1324 N NH1 . ARG A 1 210 ? 5.057   -7.754  19.664  1.00 22.19 ? 198 ARG A NH1 1 
ATOM   1325 N NH2 . ARG A 1 210 ? 3.458   -9.368  19.412  1.00 23.21 ? 198 ARG A NH2 1 
ATOM   1326 N N   . VAL A 1 211 ? 1.908   -4.794  14.990  1.00 13.96 ? 199 VAL A N   1 
ATOM   1327 C CA  . VAL A 1 211 ? 1.285   -5.325  13.735  1.00 14.39 ? 199 VAL A CA  1 
ATOM   1328 C C   . VAL A 1 211 ? 2.279   -6.154  12.909  1.00 14.04 ? 199 VAL A C   1 
ATOM   1329 O O   . VAL A 1 211 ? 1.884   -7.274  12.458  1.00 14.01 ? 199 VAL A O   1 
ATOM   1330 C CB  . VAL A 1 211 ? 0.508   -4.256  12.968  1.00 17.57 ? 199 VAL A CB  1 
ATOM   1331 C CG1 . VAL A 1 211 ? 1.411   -3.271  12.363  1.00 18.46 ? 199 VAL A CG1 1 
ATOM   1332 C CG2 . VAL A 1 211 ? -0.414  -4.928  11.925  1.00 18.83 ? 199 VAL A CG2 1 
ATOM   1333 N N   . LEU A 1 212 ? 3.565   -5.801  12.819  1.00 15.52 ? 200 LEU A N   1 
ATOM   1334 C CA  . LEU A 1 212 ? 4.468   -6.640  12.005  1.00 15.72 ? 200 LEU A CA  1 
ATOM   1335 C C   . LEU A 1 212 ? 4.618   -8.040  12.616  1.00 16.04 ? 200 LEU A C   1 
ATOM   1336 O O   . LEU A 1 212 ? 4.476   -9.089  11.888  1.00 16.12 ? 200 LEU A O   1 
ATOM   1337 C CB  . LEU A 1 212 ? 5.805   -5.910  11.844  1.00 17.36 ? 200 LEU A CB  1 
ATOM   1338 C CG  . LEU A 1 212 ? 6.823   -6.620  10.982  1.00 19.93 ? 200 LEU A CG  1 
ATOM   1339 C CD1 . LEU A 1 212 ? 6.327   -6.832  9.553   1.00 20.04 ? 200 LEU A CD1 1 
ATOM   1340 C CD2 . LEU A 1 212 ? 8.107   -5.797  11.013  1.00 19.64 ? 200 LEU A CD2 1 
ATOM   1341 N N   . ASP A 1 213 ? 4.863   -8.142  13.912  1.00 16.43 ? 201 ASP A N   1 
ATOM   1342 C CA  . ASP A 1 213 ? 5.001   -9.445  14.581  1.00 15.30 ? 201 ASP A CA  1 
ATOM   1343 C C   . ASP A 1 213 ? 3.711   -10.266 14.437  1.00 15.00 ? 201 ASP A C   1 
ATOM   1344 O O   . ASP A 1 213 ? 3.782   -11.491 14.321  1.00 15.51 ? 201 ASP A O   1 
ATOM   1345 C CB  . ASP A 1 213 ? 5.289   -9.246  16.071  1.00 20.22 ? 201 ASP A CB  1 
ATOM   1346 C CG  . ASP A 1 213 ? 6.747   -9.016  16.450  1.00 26.02 ? 201 ASP A CG  1 
ATOM   1347 O OD1 . ASP A 1 213 ? 7.590   -9.107  15.574  1.00 23.04 ? 201 ASP A OD1 1 
ATOM   1348 O OD2 . ASP A 1 213 ? 7.009   -8.756  17.670  1.00 26.69 ? 201 ASP A OD2 1 
ATOM   1349 N N   . THR A 1 214 ? 2.573   -9.628  14.553  1.00 14.70 ? 202 THR A N   1 
ATOM   1350 C CA  . THR A 1 214 ? 1.252   -10.301 14.473  1.00 12.87 ? 202 THR A CA  1 
ATOM   1351 C C   . THR A 1 214 ? 1.117   -10.957 13.109  1.00 11.59 ? 202 THR A C   1 
ATOM   1352 O O   . THR A 1 214 ? 0.820   -12.171 12.992  1.00 13.32 ? 202 THR A O   1 
ATOM   1353 C CB  . THR A 1 214 ? 0.137   -9.307  14.764  1.00 14.14 ? 202 THR A CB  1 
ATOM   1354 O OG1 . THR A 1 214 ? 0.260   -8.726  16.074  1.00 13.95 ? 202 THR A OG1 1 
ATOM   1355 C CG2 . THR A 1 214 ? -1.210  -9.962  14.672  1.00 14.92 ? 202 THR A CG2 1 
ATOM   1356 N N   . LEU A 1 215 ? 1.352   -10.188 12.065  1.00 12.08 ? 203 LEU A N   1 
ATOM   1357 C CA  . LEU A 1 215 ? 1.175   -10.696 10.674  1.00 12.64 ? 203 LEU A CA  1 
ATOM   1358 C C   . LEU A 1 215 ? 2.241   -11.749 10.353  1.00 12.09 ? 203 LEU A C   1 
ATOM   1359 O O   . LEU A 1 215 ? 1.865   -12.770 9.718   1.00 13.78 ? 203 LEU A O   1 
ATOM   1360 C CB  . LEU A 1 215 ? 1.229   -9.490  9.709   1.00 11.07 ? 203 LEU A CB  1 
ATOM   1361 C CG  . LEU A 1 215 ? 0.133   -8.436  9.801   1.00 12.68 ? 203 LEU A CG  1 
ATOM   1362 C CD1 . LEU A 1 215 ? 0.463   -7.281  8.856   1.00 13.60 ? 203 LEU A CD1 1 
ATOM   1363 C CD2 . LEU A 1 215 ? -1.220  -9.020  9.555   1.00 12.42 ? 203 LEU A CD2 1 
ATOM   1364 N N   . VAL A 1 216 ? 3.483   -11.611 10.825  1.00 12.70 ? 204 VAL A N   1 
ATOM   1365 C CA  . VAL A 1 216 ? 4.531   -12.590 10.502  1.00 12.49 ? 204 VAL A CA  1 
ATOM   1366 C C   . VAL A 1 216 ? 4.138   -13.935 11.116  1.00 14.71 ? 204 VAL A C   1 
ATOM   1367 O O   . VAL A 1 216 ? 4.238   -14.979 10.452  1.00 14.35 ? 204 VAL A O   1 
ATOM   1368 C CB  . VAL A 1 216 ? 5.914   -12.112 10.957  1.00 14.20 ? 204 VAL A CB  1 
ATOM   1369 C CG1 . VAL A 1 216 ? 6.936   -13.200 10.824  1.00 14.46 ? 204 VAL A CG1 1 
ATOM   1370 C CG2 . VAL A 1 216 ? 6.351   -10.889 10.190  1.00 14.47 ? 204 VAL A CG2 1 
ATOM   1371 N N   . HIS A 1 217 ? 3.620   -13.899 12.323  1.00 14.03 ? 205 HIS A N   1 
ATOM   1372 C CA  . HIS A 1 217 ? 3.190   -15.145 13.015  1.00 13.91 ? 205 HIS A CA  1 
ATOM   1373 C C   . HIS A 1 217 ? 2.156   -15.870 12.143  1.00 13.51 ? 205 HIS A C   1 
ATOM   1374 O O   . HIS A 1 217 ? 2.257   -17.121 11.926  1.00 14.06 ? 205 HIS A O   1 
ATOM   1375 C CB  . HIS A 1 217 ? 2.589   -14.849 14.376  1.00 14.42 ? 205 HIS A CB  1 
ATOM   1376 C CG  . HIS A 1 217 ? 1.947   -16.045 14.992  1.00 15.45 ? 205 HIS A CG  1 
ATOM   1377 N ND1 . HIS A 1 217 ? 2.689   -17.011 15.613  1.00 17.89 ? 205 HIS A ND1 1 
ATOM   1378 C CD2 . HIS A 1 217 ? 0.691   -16.475 15.019  1.00 15.51 ? 205 HIS A CD2 1 
ATOM   1379 C CE1 . HIS A 1 217 ? 1.909   -17.946 16.060  1.00 17.19 ? 205 HIS A CE1 1 
ATOM   1380 N NE2 . HIS A 1 217 ? 0.669   -17.639 15.719  1.00 15.91 ? 205 HIS A NE2 1 
ATOM   1381 N N   . ILE A 1 218 ? 1.109   -15.150 11.745  1.00 14.60 ? 206 ILE A N   1 
ATOM   1382 C CA  . ILE A 1 218 ? 0.002   -15.787 11.003  1.00 13.45 ? 206 ILE A CA  1 
ATOM   1383 C C   . ILE A 1 218 ? 0.530   -16.256 9.633   1.00 14.00 ? 206 ILE A C   1 
ATOM   1384 O O   . ILE A 1 218 ? 0.136   -17.346 9.188   1.00 14.20 ? 206 ILE A O   1 
ATOM   1385 C CB  . ILE A 1 218 ? -1.163  -14.794 10.878  1.00 12.93 ? 206 ILE A CB  1 
ATOM   1386 C CG1 . ILE A 1 218 ? -1.632  -14.370 12.276  1.00 12.49 ? 206 ILE A CG1 1 
ATOM   1387 C CG2 . ILE A 1 218 ? -2.287  -15.363 10.002  1.00 13.28 ? 206 ILE A CG2 1 
ATOM   1388 C CD1 . ILE A 1 218 ? -2.715  -13.272 12.262  1.00 12.41 ? 206 ILE A CD1 1 
ATOM   1389 N N   . TRP A 1 219 ? 1.382   -15.498 8.948   1.00 14.12 ? 207 TRP A N   1 
ATOM   1390 C CA  . TRP A 1 219 ? 1.942   -15.973 7.636   1.00 14.65 ? 207 TRP A CA  1 
ATOM   1391 C C   . TRP A 1 219 ? 2.756   -17.239 7.854   1.00 15.47 ? 207 TRP A C   1 
ATOM   1392 O O   . TRP A 1 219 ? 2.511   -18.262 7.148   1.00 14.12 ? 207 TRP A O   1 
ATOM   1393 C CB  . TRP A 1 219 ? 2.797   -14.877 6.988   1.00 14.01 ? 207 TRP A CB  1 
ATOM   1394 C CG  . TRP A 1 219 ? 1.990   -13.840 6.294   1.00 13.48 ? 207 TRP A CG  1 
ATOM   1395 C CD1 . TRP A 1 219 ? 1.023   -13.019 6.816   1.00 13.65 ? 207 TRP A CD1 1 
ATOM   1396 C CD2 . TRP A 1 219 ? 2.132   -13.484 4.897   1.00 14.29 ? 207 TRP A CD2 1 
ATOM   1397 N NE1 . TRP A 1 219 ? 0.531   -12.200 5.837   1.00 14.45 ? 207 TRP A NE1 1 
ATOM   1398 C CE2 . TRP A 1 219 ? 1.180   -12.477 4.643   1.00 13.50 ? 207 TRP A CE2 1 
ATOM   1399 C CE3 . TRP A 1 219 ? 2.938   -13.912 3.837   1.00 14.17 ? 207 TRP A CE3 1 
ATOM   1400 C CZ2 . TRP A 1 219 ? 1.034   -11.887 3.389   1.00 14.58 ? 207 TRP A CZ2 1 
ATOM   1401 C CZ3 . TRP A 1 219 ? 2.813   -13.280 2.601   1.00 14.56 ? 207 TRP A CZ3 1 
ATOM   1402 C CH2 . TRP A 1 219 ? 1.804   -12.362 2.357   1.00 15.27 ? 207 TRP A CH2 1 
ATOM   1403 N N   . VAL A 1 220 ? 3.657   -17.247 8.858   1.00 15.36 ? 208 VAL A N   1 
ATOM   1404 C CA  . VAL A 1 220 ? 4.626   -18.379 8.931   1.00 16.30 ? 208 VAL A CA  1 
ATOM   1405 C C   . VAL A 1 220 ? 3.873   -19.644 9.372   1.00 16.66 ? 208 VAL A C   1 
ATOM   1406 O O   . VAL A 1 220 ? 4.058   -20.703 8.770   1.00 16.63 ? 208 VAL A O   1 
ATOM   1407 C CB  . VAL A 1 220 ? 5.806   -18.033 9.862   1.00 18.18 ? 208 VAL A CB  1 
ATOM   1408 C CG1 . VAL A 1 220 ? 6.669   -19.236 10.203  1.00 23.81 ? 208 VAL A CG1 1 
ATOM   1409 C CG2 . VAL A 1 220 ? 6.581   -16.922 9.181   1.00 19.08 ? 208 VAL A CG2 1 
ATOM   1410 N N   . THR A 1 221 ? 2.939   -19.525 10.314  1.00 17.33 ? 209 THR A N   1 
ATOM   1411 C CA  . THR A 1 221 ? 2.205   -20.725 10.788  1.00 16.93 ? 209 THR A CA  1 
ATOM   1412 C C   . THR A 1 221 ? 1.319   -21.249 9.656   1.00 17.98 ? 209 THR A C   1 
ATOM   1413 O O   . THR A 1 221 ? 1.181   -22.481 9.513   1.00 17.79 ? 209 THR A O   1 
ATOM   1414 C CB  . THR A 1 221 ? 1.426   -20.487 12.081  1.00 17.71 ? 209 THR A CB  1 
ATOM   1415 O OG1 . THR A 1 221 ? 0.605   -19.337 11.883  1.00 16.44 ? 209 THR A OG1 1 
ATOM   1416 C CG2 . THR A 1 221 ? 2.340   -20.393 13.295  1.00 18.20 ? 209 THR A CG2 1 
ATOM   1417 N N   . SER A 1 222 ? 0.686   -20.353 8.898   1.00 15.71 ? 210 SER A N   1 
ATOM   1418 C CA  . SER A 1 222 ? -0.274  -20.797 7.873   1.00 15.67 ? 210 SER A CA  1 
ATOM   1419 C C   . SER A 1 222 ? 0.466   -21.377 6.662   1.00 17.28 ? 210 SER A C   1 
ATOM   1420 O O   . SER A 1 222 ? -0.142  -22.227 5.942   1.00 15.18 ? 210 SER A O   1 
ATOM   1421 C CB  . SER A 1 222 ? -1.258  -19.692 7.547   1.00 16.73 ? 210 SER A CB  1 
ATOM   1422 O OG  . SER A 1 222 ? -0.660  -18.688 6.777   1.00 17.29 ? 210 SER A OG  1 
ATOM   1423 N N   . ILE A 1 223 ? 1.656   -20.862 6.338   1.00 16.92 ? 211 ILE A N   1 
ATOM   1424 C CA  . ILE A 1 223 ? 2.436   -21.346 5.178   1.00 16.71 ? 211 ILE A CA  1 
ATOM   1425 C C   . ILE A 1 223 ? 3.188   -22.643 5.519   1.00 21.16 ? 211 ILE A C   1 
ATOM   1426 O O   . ILE A 1 223 ? 3.253   -23.498 4.606   1.00 17.81 ? 211 ILE A O   1 
ATOM   1427 C CB  . ILE A 1 223 ? 3.364   -20.230 4.672   1.00 16.73 ? 211 ILE A CB  1 
ATOM   1428 C CG1 . ILE A 1 223 ? 2.512   -19.095 4.094   1.00 14.97 ? 211 ILE A CG1 1 
ATOM   1429 C CG2 . ILE A 1 223 ? 4.363   -20.777 3.673   1.00 17.99 ? 211 ILE A CG2 1 
ATOM   1430 C CD1 . ILE A 1 223 ? 3.271   -17.814 3.757   1.00 14.60 ? 211 ILE A CD1 1 
ATOM   1431 N N   . TYR A 1 224 ? 3.645   -22.830 6.763   1.00 18.21 ? 212 TYR A N   1 
ATOM   1432 C CA  . TYR A 1 224 ? 4.568   -23.955 7.114   1.00 19.07 ? 212 TYR A CA  1 
ATOM   1433 C C   . TYR A 1 224 ? 3.841   -24.999 7.953   1.00 21.49 ? 212 TYR A C   1 
ATOM   1434 O O   . TYR A 1 224 ? 4.372   -26.113 8.057   1.00 22.47 ? 212 TYR A O   1 
ATOM   1435 C CB  . TYR A 1 224 ? 5.859   -23.409 7.725   1.00 18.57 ? 212 TYR A CB  1 
ATOM   1436 C CG  . TYR A 1 224 ? 6.628   -22.562 6.751   1.00 18.64 ? 212 TYR A CG  1 
ATOM   1437 C CD1 . TYR A 1 224 ? 7.436   -23.119 5.760   1.00 19.13 ? 212 TYR A CD1 1 
ATOM   1438 C CD2 . TYR A 1 224 ? 6.566   -21.186 6.818   1.00 17.96 ? 212 TYR A CD2 1 
ATOM   1439 C CE1 . TYR A 1 224 ? 8.102   -22.333 4.836   1.00 17.92 ? 212 TYR A CE1 1 
ATOM   1440 C CE2 . TYR A 1 224 ? 7.235   -20.389 5.911   1.00 17.51 ? 212 TYR A CE2 1 
ATOM   1441 C CZ  . TYR A 1 224 ? 8.047   -20.956 4.942   1.00 17.52 ? 212 TYR A CZ  1 
ATOM   1442 O OH  . TYR A 1 224 ? 8.662   -20.188 3.998   1.00 19.30 ? 212 TYR A OH  1 
ATOM   1443 N N   . GLY A 1 225 ? 2.618   -24.705 8.400   1.00 21.06 ? 213 GLY A N   1 
ATOM   1444 C CA  . GLY A 1 225 ? 1.866   -25.548 9.339   1.00 22.57 ? 213 GLY A CA  1 
ATOM   1445 C C   . GLY A 1 225 ? 1.072   -26.601 8.604   1.00 25.61 ? 213 GLY A C   1 
ATOM   1446 O O   . GLY A 1 225 ? 0.512   -26.311 7.530   1.00 25.66 ? 213 GLY A O   1 
ATOM   1447 N N   . GLU A 1 226 ? 1.080   -27.830 9.129   1.00 37.04 ? 214 GLU A N   1 
ATOM   1448 C CA  . GLU A 1 226 ? 0.497   -29.023 8.437   1.00 42.56 ? 214 GLU A CA  1 
ATOM   1449 C C   . GLU A 1 226 ? -0.969  -29.171 8.860   1.00 40.33 ? 214 GLU A C   1 
ATOM   1450 O O   . GLU A 1 226 ? -1.332  -28.730 9.951   1.00 41.78 ? 214 GLU A O   1 
ATOM   1451 C CB  . GLU A 1 226 ? 1.366   -30.243 8.742   1.00 47.43 ? 214 GLU A CB  1 
ATOM   1452 C CG  . GLU A 1 226 ? 0.836   -31.530 8.132   1.00 57.56 ? 214 GLU A CG  1 
ATOM   1453 C CD  . GLU A 1 226 ? 0.811   -31.553 6.616   1.00 58.02 ? 214 GLU A CD  1 
ATOM   1454 O OE1 . GLU A 1 226 ? 1.907   -31.650 6.025   1.00 69.50 ? 214 GLU A OE1 1 
ATOM   1455 O OE2 . GLU A 1 226 ? -0.294  -31.466 6.037   1.00 56.05 ? 214 GLU A OE2 1 
HETATM 1456 C C4  . GH5 B 2 .   ? 2.116   -7.570  1.525   1.00 22.37 ? 301 GH5 A C4  1 
HETATM 1457 C C14 . GH5 B 2 .   ? 11.613  -12.827 -1.412  1.00 31.71 ? 301 GH5 A C14 1 
HETATM 1458 C C5  . GH5 B 2 .   ? 3.001   -8.969  -0.367  1.00 21.35 ? 301 GH5 A C5  1 
HETATM 1459 C C6  . GH5 B 2 .   ? 4.316   -9.601  -0.824  1.00 18.86 ? 301 GH5 A C6  1 
HETATM 1460 C C11 . GH5 B 2 .   ? 8.046   -11.940 -0.600  1.00 29.52 ? 301 GH5 A C11 1 
HETATM 1461 C C7  . GH5 B 2 .   ? 4.780   -10.590 0.175   1.00 19.28 ? 301 GH5 A C7  1 
HETATM 1462 C C8  . GH5 B 2 .   ? 5.116   -9.854  1.477   1.00 20.52 ? 301 GH5 A C8  1 
HETATM 1463 C C9  . GH5 B 2 .   ? 3.805   -9.349  2.042   1.00 21.63 ? 301 GH5 A C9  1 
HETATM 1464 C C10 . GH5 B 2 .   ? 5.982   -11.256 -0.340  1.00 25.14 ? 301 GH5 A C10 1 
HETATM 1465 C C12 . GH5 B 2 .   ? 9.513   -12.172 -0.430  1.00 27.69 ? 301 GH5 A C12 1 
HETATM 1466 C C13 . GH5 B 2 .   ? 10.236  -12.665 -1.501  1.00 32.09 ? 301 GH5 A C13 1 
HETATM 1467 N N1  . GH5 B 2 .   ? 3.042   -8.564  1.084   1.00 19.58 ? 301 GH5 A N1  1 
HETATM 1468 N N2  . GH5 B 2 .   ? 7.256   -12.352 -1.585  1.00 34.12 ? 301 GH5 A N2  1 
HETATM 1469 C C3  . GH5 B 2 .   ? 1.165   -6.785  0.660   1.00 25.35 ? 301 GH5 A C3  1 
HETATM 1470 N N3  . GH5 B 2 .   ? 7.216   -11.225 0.183   1.00 25.50 ? 301 GH5 A N3  1 
HETATM 1471 F F1  . GH5 B 2 .   ? -1.283  -6.132  0.518   1.00 36.34 ? 301 GH5 A F1  1 
HETATM 1472 C C1  . GH5 B 2 .   ? -0.613  -5.145  1.007   1.00 30.62 ? 301 GH5 A C1  1 
HETATM 1473 F F2  . GH5 B 2 .   ? -1.396  -4.491  1.802   1.00 26.28 ? 301 GH5 A F2  1 
HETATM 1474 F F3  . GH5 B 2 .   ? -0.162  -4.361  0.024   1.00 25.69 ? 301 GH5 A F3  1 
HETATM 1475 C C2  . GH5 B 2 .   ? 0.539   -5.748  1.693   1.00 31.52 ? 301 GH5 A C2  1 
HETATM 1476 O O1  . GH5 B 2 .   ? 2.003   -7.401  2.737   1.00 25.30 ? 301 GH5 A O1  1 
HETATM 1477 O O2  . GH5 B 2 .   ? 5.983   -11.938 -1.386  1.00 34.26 ? 301 GH5 A O2  1 
HETATM 1478 C C15 . GH5 B 2 .   ? 12.269  -12.524 -0.238  1.00 31.54 ? 301 GH5 A C15 1 
HETATM 1479 C C16 . GH5 B 2 .   ? 11.567  -11.978 0.809   1.00 30.22 ? 301 GH5 A C16 1 
HETATM 1480 C C17 . GH5 B 2 .   ? 10.189  -11.815 0.703   1.00 26.87 ? 301 GH5 A C17 1 
HETATM 1481 O O   . HOH C 3 .   ? 0.327   -21.038 -7.470  1.00 30.55 ? 401 HOH A O   1 
HETATM 1482 O O   . HOH C 3 .   ? 6.493   -29.681 -0.062  1.00 35.99 ? 402 HOH A O   1 
HETATM 1483 O O   . HOH C 3 .   ? -1.613  -7.017  -11.972 1.00 29.70 ? 403 HOH A O   1 
HETATM 1484 O O   . HOH C 3 .   ? -7.988  -22.579 -0.203  1.00 18.34 ? 404 HOH A O   1 
HETATM 1485 O O   . HOH C 3 .   ? -9.057  5.117   4.306   1.00 24.14 ? 405 HOH A O   1 
HETATM 1486 O O   . HOH C 3 .   ? 10.297  -1.880  10.421  1.00 19.78 ? 406 HOH A O   1 
HETATM 1487 O O   . HOH C 3 .   ? 2.034   -17.016 -8.861  1.00 23.60 ? 407 HOH A O   1 
HETATM 1488 O O   . HOH C 3 .   ? -8.231  -5.440  -2.114  1.00 31.43 ? 408 HOH A O   1 
HETATM 1489 O O   . HOH C 3 .   ? -9.839  10.095  -0.366  1.00 32.92 ? 409 HOH A O   1 
HETATM 1490 O O   . HOH C 3 .   ? 1.254   10.394  3.254   1.00 24.30 ? 410 HOH A O   1 
HETATM 1491 O O   . HOH C 3 .   ? 6.058   -12.754 14.944  1.00 19.59 ? 411 HOH A O   1 
HETATM 1492 O O   . HOH C 3 .   ? 0.314   -24.919 5.240   1.00 21.66 ? 412 HOH A O   1 
HETATM 1493 O O   . HOH C 3 .   ? -11.210 -1.798  12.141  1.00 25.13 ? 413 HOH A O   1 
HETATM 1494 O O   . HOH C 3 .   ? -4.995  -3.643  12.806  1.00 17.13 ? 414 HOH A O   1 
HETATM 1495 O O   . HOH C 3 .   ? 2.210   -24.310 2.234   1.00 18.77 ? 415 HOH A O   1 
HETATM 1496 O O   . HOH C 3 .   ? -9.540  -1.911  -5.613  1.00 26.59 ? 416 HOH A O   1 
HETATM 1497 O O   . HOH C 3 .   ? -8.921  -2.759  3.477   1.00 24.14 ? 417 HOH A O   1 
HETATM 1498 O O   . HOH C 3 .   ? 4.885   -3.577  14.106  1.00 16.52 ? 418 HOH A O   1 
HETATM 1499 O O   . HOH C 3 .   ? -6.829  -13.514 -5.935  1.00 23.67 ? 419 HOH A O   1 
HETATM 1500 O O   . HOH C 3 .   ? 5.425   -11.311 19.391  1.00 26.40 ? 420 HOH A O   1 
HETATM 1501 O O   . HOH C 3 .   ? 13.970  -21.502 7.892   1.00 35.34 ? 421 HOH A O   1 
HETATM 1502 O O   . HOH C 3 .   ? 2.584   -28.168 11.493  1.00 33.85 ? 422 HOH A O   1 
HETATM 1503 O O   . HOH C 3 .   ? -2.974  -12.804 -8.719  1.00 20.68 ? 423 HOH A O   1 
HETATM 1504 O O   . HOH C 3 .   ? -4.946  3.706   6.879   1.00 24.11 ? 424 HOH A O   1 
HETATM 1505 O O   . HOH C 3 .   ? 1.188   30.192  -12.133 1.00 23.88 ? 425 HOH A O   1 
HETATM 1506 O O   . HOH C 3 .   ? 5.578   -5.939  15.619  1.00 15.81 ? 426 HOH A O   1 
HETATM 1507 O O   . HOH C 3 .   ? 1.952   1.430   18.542  1.00 21.21 ? 427 HOH A O   1 
HETATM 1508 O O   . HOH C 3 .   ? 3.188   8.733   7.339   1.00 27.60 ? 428 HOH A O   1 
HETATM 1509 O O   . HOH C 3 .   ? -12.594 3.381   14.137  1.00 35.00 ? 429 HOH A O   1 
HETATM 1510 O O   . HOH C 3 .   ? 12.397  -4.865  4.924   1.00 22.75 ? 430 HOH A O   1 
HETATM 1511 O O   . HOH C 3 .   ? -14.368 -0.919  12.843  1.00 38.47 ? 431 HOH A O   1 
HETATM 1512 O O   . HOH C 3 .   ? -1.005  -24.853 -4.974  1.00 27.94 ? 432 HOH A O   1 
HETATM 1513 O O   . HOH C 3 .   ? 1.632   10.671  6.247   1.00 39.08 ? 433 HOH A O   1 
HETATM 1514 O O   . HOH C 3 .   ? 6.564   -15.286 14.151  1.00 24.15 ? 434 HOH A O   1 
HETATM 1515 O O   . HOH C 3 .   ? -5.415  -12.180 -7.843  1.00 24.65 ? 435 HOH A O   1 
HETATM 1516 O O   . HOH C 3 .   ? -2.944  34.150  -12.530 1.00 29.66 ? 436 HOH A O   1 
HETATM 1517 O O   . HOH C 3 .   ? 7.329   -2.374  14.272  1.00 29.12 ? 437 HOH A O   1 
# 
